data_8VQB
#
_entry.id   8VQB
#
loop_
_entity.id
_entity.type
_entity.pdbx_description
1 polymer 'Spike protein S2'
2 branched 2-acetamido-2-deoxy-beta-D-glucopyranose-(1-4)-2-acetamido-2-deoxy-beta-D-glucopyranose
3 non-polymer 2-acetamido-2-deoxy-beta-D-glucopyranose
#
_entity_poly.entity_id   1
_entity_poly.type   'polypeptide(L)'
_entity_poly.pdbx_seq_one_letter_code
;MGILPSPGMPALLSLVSLLSVLLMGCVAETGTSVASQSIIAYTMSLGAENSVACSNNSIAIPTNFTISVTTEILPVSMTK
TSVDCTMYICGDSTECSNLLLQYGSFCTQLNRALTGIAVEQDKNTQEVFAQVKQIYKTPPIKDFGGFNFSQILPDPSKPS
KRSFIEDLLFNKVTLADAGFIKQYGDCLGDIAARDLICAQKFNGLTVLPPLLTDEMIAQYTSALLAGTICSGWTFGAGPA
LQIPFPMQMAYRFEGIGVTQNVLYENQKLIANQFNSAIGKIQDSLSSTPSALGKLQDVVNQNAQALNFLVKQLSSNCGAI
SSVLNDILSRLDKPEAEVQIQRLITCRLQSLQTYVTQMLIRAAEYRASANLAATKMSECVLGQSKRVDFCGKGYHLMSFP
QSAPHGVVFLHVTYVPAQEKNFTTAPAICHDGKAHFPREGVFVSNGTHWFVTQRNFYEPQIITTDNTFVSGNCDVVIGIV
NNTVYDPLQPELDSFKEELDKYFKNHTSPDVDLGDISGINASVVNIQKEIDRLNEVAKNLNESLIDLQELGKYEQGSGYI
PEAPRDGQAYVRKDGEWVLLSTFLGRSLEVLFQGPGSGGLNDIFEAQKIEWHEGSGHHHHHHHH
;
_entity_poly.pdbx_strand_id   A,B,C
#
# COMPACT_ATOMS: atom_id res chain seq x y z
N VAL A 52 -27.94 -12.84 10.05
CA VAL A 52 -26.86 -13.82 10.04
C VAL A 52 -27.11 -14.90 11.10
N ALA A 53 -26.69 -16.13 10.85
CA ALA A 53 -26.73 -17.19 11.87
C ALA A 53 -25.72 -16.89 12.95
N CYS A 54 -26.06 -17.20 14.22
CA CYS A 54 -25.16 -17.02 15.33
C CYS A 54 -25.33 -18.19 16.31
N SER A 55 -24.24 -18.70 16.84
CA SER A 55 -24.32 -19.91 17.65
C SER A 55 -23.46 -19.89 18.91
N ASN A 56 -23.84 -20.77 19.84
CA ASN A 56 -23.20 -20.97 21.13
C ASN A 56 -22.49 -22.33 21.22
N ASN A 57 -22.92 -23.27 20.36
CA ASN A 57 -22.47 -24.65 20.44
C ASN A 57 -22.47 -25.36 19.09
N SER A 58 -22.56 -24.61 17.99
CA SER A 58 -22.63 -25.24 16.68
C SER A 58 -21.77 -24.54 15.66
N ILE A 59 -21.60 -25.15 14.49
CA ILE A 59 -20.73 -24.60 13.47
C ILE A 59 -21.22 -24.97 12.07
N ALA A 60 -21.01 -24.08 11.12
CA ALA A 60 -21.34 -24.38 9.72
C ALA A 60 -20.08 -24.66 8.92
N ILE A 61 -20.11 -25.73 8.13
CA ILE A 61 -18.97 -26.10 7.29
C ILE A 61 -19.40 -26.36 5.85
N PRO A 62 -18.74 -25.73 4.87
CA PRO A 62 -18.92 -25.93 3.45
C PRO A 62 -18.73 -27.39 3.05
N THR A 63 -19.63 -27.88 2.21
CA THR A 63 -19.57 -29.25 1.68
C THR A 63 -19.18 -29.26 0.19
N ASN A 64 -19.29 -28.11 -0.49
CA ASN A 64 -18.95 -27.96 -1.89
C ASN A 64 -18.36 -26.57 -2.13
N PHE A 65 -17.84 -26.35 -3.35
CA PHE A 65 -17.21 -25.08 -3.72
C PHE A 65 -17.33 -24.81 -5.21
N THR A 66 -17.09 -23.56 -5.59
CA THR A 66 -17.02 -23.18 -6.98
C THR A 66 -15.76 -22.37 -7.26
N ILE A 67 -15.41 -22.25 -8.54
CA ILE A 67 -14.29 -21.43 -8.95
C ILE A 67 -14.81 -20.19 -9.66
N SER A 68 -14.38 -19.03 -9.21
CA SER A 68 -14.86 -17.78 -9.76
C SER A 68 -13.73 -16.99 -10.39
N VAL A 69 -14.01 -16.40 -11.55
CA VAL A 69 -13.04 -15.54 -12.20
C VAL A 69 -13.59 -14.14 -12.34
N THR A 70 -12.91 -13.18 -11.73
CA THR A 70 -13.36 -11.80 -11.75
C THR A 70 -12.40 -10.90 -12.49
N THR A 71 -12.87 -9.76 -12.95
CA THR A 71 -12.04 -8.85 -13.73
C THR A 71 -11.79 -7.54 -13.00
N GLU A 72 -10.52 -7.18 -12.87
CA GLU A 72 -10.14 -5.90 -12.29
C GLU A 72 -9.37 -5.07 -13.29
N ILE A 73 -9.83 -3.83 -13.50
CA ILE A 73 -9.21 -2.97 -14.49
C ILE A 73 -8.56 -1.75 -13.88
N LEU A 74 -7.27 -1.57 -14.16
CA LEU A 74 -6.52 -0.44 -13.64
C LEU A 74 -5.88 0.36 -14.78
N PRO A 75 -6.02 1.68 -14.76
CA PRO A 75 -5.27 2.63 -15.58
C PRO A 75 -3.80 2.53 -15.25
N VAL A 76 -2.95 2.64 -16.26
CA VAL A 76 -1.51 2.65 -16.04
C VAL A 76 -0.89 3.94 -16.53
N SER A 77 -1.35 4.42 -17.69
CA SER A 77 -0.74 5.59 -18.30
C SER A 77 -1.74 6.35 -19.14
N MET A 78 -1.34 7.52 -19.61
CA MET A 78 -2.18 8.33 -20.47
C MET A 78 -1.41 8.82 -21.68
N THR A 79 -2.12 9.25 -22.70
CA THR A 79 -1.47 9.75 -23.90
C THR A 79 -0.50 10.86 -23.55
N LYS A 80 0.72 10.77 -24.07
CA LYS A 80 1.73 11.78 -23.81
C LYS A 80 1.53 12.97 -24.71
N THR A 81 1.31 14.13 -24.13
CA THR A 81 1.12 15.33 -24.92
C THR A 81 2.07 16.41 -24.47
N SER A 82 2.24 17.42 -25.31
CA SER A 82 3.09 18.54 -24.97
C SER A 82 2.56 19.82 -25.60
N VAL A 83 2.65 20.92 -24.87
CA VAL A 83 2.24 22.20 -25.40
C VAL A 83 3.43 23.13 -25.47
N ASP A 84 3.70 23.68 -26.64
CA ASP A 84 4.82 24.59 -26.80
C ASP A 84 4.35 26.01 -26.48
N CYS A 85 4.56 26.43 -25.23
CA CYS A 85 4.03 27.68 -24.67
C CYS A 85 4.16 28.86 -25.63
N THR A 86 5.36 29.09 -26.14
CA THR A 86 5.61 30.27 -26.94
C THR A 86 4.70 30.35 -28.18
N MET A 87 4.60 29.27 -28.94
CA MET A 87 3.80 29.36 -30.17
C MET A 87 2.32 29.24 -29.84
N TYR A 88 2.00 28.52 -28.78
CA TYR A 88 0.61 28.42 -28.37
C TYR A 88 0.05 29.80 -28.09
N ILE A 89 0.77 30.58 -27.30
CA ILE A 89 0.32 31.92 -26.94
C ILE A 89 0.39 32.91 -28.09
N CYS A 90 1.53 32.94 -28.81
CA CYS A 90 1.82 34.02 -29.76
C CYS A 90 1.42 33.65 -31.20
N GLY A 91 1.31 32.39 -31.52
CA GLY A 91 0.95 32.03 -32.87
C GLY A 91 2.01 32.45 -33.89
N ASP A 92 3.27 32.45 -33.45
CA ASP A 92 4.39 32.84 -34.28
C ASP A 92 4.38 34.31 -34.67
N SER A 93 3.59 35.13 -33.97
CA SER A 93 3.65 36.56 -34.22
C SER A 93 4.89 37.16 -33.57
N THR A 94 5.48 38.14 -34.25
CA THR A 94 6.70 38.76 -33.76
C THR A 94 6.45 39.66 -32.57
N GLU A 95 5.38 40.44 -32.63
CA GLU A 95 5.09 41.40 -31.58
C GLU A 95 4.83 40.71 -30.24
N CYS A 96 4.08 39.61 -30.27
CA CYS A 96 3.80 38.83 -29.07
C CYS A 96 5.08 38.17 -28.57
N SER A 97 5.85 37.57 -29.47
CA SER A 97 7.05 36.87 -29.05
C SER A 97 7.93 37.80 -28.23
N ASN A 98 8.14 39.01 -28.73
CA ASN A 98 8.97 39.97 -28.01
C ASN A 98 8.35 40.35 -26.67
N LEU A 99 7.02 40.50 -26.67
CA LEU A 99 6.31 40.86 -25.45
C LEU A 99 6.11 39.68 -24.51
N LEU A 100 6.62 38.51 -24.89
CA LEU A 100 6.49 37.34 -24.04
C LEU A 100 7.78 37.10 -23.27
N LEU A 101 8.84 37.81 -23.65
CA LEU A 101 10.15 37.61 -23.03
C LEU A 101 10.23 38.41 -21.74
N GLN A 102 9.47 39.49 -21.69
CA GLN A 102 9.47 40.38 -20.54
C GLN A 102 8.88 39.70 -19.30
N TYR A 103 8.19 38.58 -19.53
CA TYR A 103 7.52 37.86 -18.46
C TYR A 103 8.40 36.81 -17.81
N GLY A 104 9.63 36.66 -18.30
CA GLY A 104 10.57 35.75 -17.66
C GLY A 104 10.42 34.31 -18.12
N SER A 105 10.46 33.39 -17.17
CA SER A 105 10.61 31.97 -17.45
C SER A 105 9.34 31.17 -17.20
N PHE A 106 8.18 31.79 -17.33
CA PHE A 106 6.93 31.06 -17.15
C PHE A 106 6.75 29.93 -18.15
N CYS A 107 7.06 30.19 -19.43
CA CYS A 107 6.97 29.20 -20.49
C CYS A 107 7.96 28.07 -20.24
N THR A 108 9.11 28.40 -19.71
CA THR A 108 10.12 27.40 -19.42
C THR A 108 9.59 26.44 -18.37
N GLN A 109 9.01 26.97 -17.30
CA GLN A 109 8.49 26.12 -16.24
C GLN A 109 7.32 25.28 -16.71
N LEU A 110 6.46 25.85 -17.53
CA LEU A 110 5.28 25.12 -17.98
C LEU A 110 5.69 24.01 -18.95
N ASN A 111 6.66 24.30 -19.81
CA ASN A 111 7.11 23.30 -20.76
C ASN A 111 7.79 22.15 -20.04
N ARG A 112 8.52 22.45 -18.99
CA ARG A 112 9.22 21.43 -18.23
C ARG A 112 8.25 20.62 -17.40
N ALA A 113 7.17 21.25 -16.92
CA ALA A 113 6.17 20.55 -16.14
C ALA A 113 5.50 19.48 -16.99
N LEU A 114 5.16 19.84 -18.23
CA LEU A 114 4.52 18.89 -19.13
C LEU A 114 5.48 17.83 -19.63
N THR A 115 6.74 18.22 -19.86
CA THR A 115 7.73 17.25 -20.30
C THR A 115 7.90 16.19 -19.24
N GLY A 116 7.96 16.61 -17.99
CA GLY A 116 8.10 15.68 -16.88
C GLY A 116 6.96 14.68 -16.85
N ILE A 117 5.74 15.15 -17.09
CA ILE A 117 4.59 14.24 -17.09
C ILE A 117 4.74 13.21 -18.18
N ALA A 118 5.09 13.66 -19.38
CA ALA A 118 5.22 12.75 -20.52
C ALA A 118 6.24 11.66 -20.24
N VAL A 119 7.35 12.02 -19.60
CA VAL A 119 8.37 11.05 -19.28
C VAL A 119 7.87 10.00 -18.32
N GLU A 120 7.14 10.45 -17.30
CA GLU A 120 6.62 9.54 -16.29
C GLU A 120 5.69 8.50 -16.89
N GLN A 121 4.99 8.84 -17.96
CA GLN A 121 4.05 7.91 -18.56
C GLN A 121 4.75 6.65 -19.06
N ASP A 122 6.00 6.78 -19.49
CA ASP A 122 6.74 5.60 -19.97
C ASP A 122 7.28 4.83 -18.78
N LYS A 123 7.65 5.55 -17.73
CA LYS A 123 8.13 4.89 -16.52
C LYS A 123 7.01 4.06 -15.92
N ASN A 124 5.80 4.60 -15.92
CA ASN A 124 4.66 3.89 -15.35
C ASN A 124 4.41 2.60 -16.10
N THR A 125 4.50 2.66 -17.42
CA THR A 125 4.24 1.50 -18.24
C THR A 125 5.27 0.40 -18.00
N GLN A 126 6.55 0.75 -18.00
CA GLN A 126 7.56 -0.29 -17.87
C GLN A 126 7.58 -0.89 -16.47
N GLU A 127 7.24 -0.09 -15.47
CA GLU A 127 7.21 -0.60 -14.10
C GLU A 127 6.14 -1.68 -13.92
N VAL A 128 5.02 -1.53 -14.62
CA VAL A 128 3.94 -2.50 -14.52
C VAL A 128 4.19 -3.73 -15.37
N PHE A 129 4.60 -3.53 -16.62
CA PHE A 129 4.69 -4.64 -17.56
C PHE A 129 6.06 -5.29 -17.65
N ALA A 130 7.12 -4.49 -17.63
CA ALA A 130 8.45 -5.03 -17.89
C ALA A 130 9.08 -5.58 -16.62
N GLN A 131 8.47 -6.63 -16.07
CA GLN A 131 8.98 -7.24 -14.86
C GLN A 131 9.70 -8.55 -15.15
N VAL A 132 9.74 -8.91 -16.42
CA VAL A 132 10.44 -10.11 -16.86
C VAL A 132 11.44 -9.72 -17.93
N LYS A 133 12.68 -10.19 -17.79
CA LYS A 133 13.73 -9.83 -18.73
C LYS A 133 13.70 -10.71 -19.97
N GLN A 134 13.26 -11.95 -19.80
CA GLN A 134 13.22 -12.90 -20.89
C GLN A 134 11.87 -12.90 -21.58
N ILE A 135 11.87 -13.29 -22.86
CA ILE A 135 10.62 -13.49 -23.56
C ILE A 135 10.34 -14.97 -23.71
N TYR A 136 9.24 -15.42 -23.12
CA TYR A 136 8.88 -16.83 -23.08
C TYR A 136 7.78 -17.14 -24.07
N LYS A 137 7.78 -18.38 -24.56
CA LYS A 137 6.75 -18.84 -25.48
C LYS A 137 6.21 -20.18 -25.01
N THR A 138 4.93 -20.42 -25.26
CA THR A 138 4.36 -21.72 -24.93
C THR A 138 4.62 -22.71 -26.09
N PRO A 139 4.73 -24.00 -25.80
CA PRO A 139 4.74 -25.11 -26.73
C PRO A 139 3.43 -25.20 -27.52
N PRO A 140 3.46 -25.86 -28.67
CA PRO A 140 2.33 -26.24 -29.52
C PRO A 140 1.46 -27.32 -28.88
N ILE A 141 1.95 -27.88 -27.77
CA ILE A 141 1.21 -28.91 -27.06
C ILE A 141 0.51 -28.31 -25.84
N LYS A 142 -0.82 -28.29 -25.89
CA LYS A 142 -1.58 -27.72 -24.79
C LYS A 142 -2.12 -28.81 -23.86
N ASP A 143 -1.23 -29.36 -23.06
CA ASP A 143 -1.57 -30.45 -22.14
C ASP A 143 -1.52 -29.99 -20.69
N PHE A 144 -2.58 -29.31 -20.27
CA PHE A 144 -2.59 -28.70 -18.95
C PHE A 144 -3.54 -29.40 -17.99
N GLY A 145 -3.99 -30.59 -18.37
CA GLY A 145 -4.85 -31.37 -17.51
C GLY A 145 -6.33 -31.01 -17.63
N GLY A 146 -6.72 -30.44 -18.77
CA GLY A 146 -8.13 -30.09 -19.00
C GLY A 146 -8.39 -28.59 -18.88
N PHE A 147 -7.36 -27.84 -18.51
CA PHE A 147 -7.51 -26.39 -18.38
C PHE A 147 -7.28 -25.71 -19.74
N ASN A 148 -8.32 -25.02 -20.21
CA ASN A 148 -8.32 -24.37 -21.53
C ASN A 148 -7.95 -22.90 -21.41
N PHE A 149 -6.79 -22.52 -21.97
CA PHE A 149 -6.27 -21.15 -21.92
C PHE A 149 -6.29 -20.47 -23.28
N SER A 150 -7.08 -21.00 -24.20
CA SER A 150 -7.07 -20.51 -25.58
C SER A 150 -7.54 -19.07 -25.71
N GLN A 151 -8.22 -18.56 -24.70
CA GLN A 151 -8.77 -17.21 -24.78
C GLN A 151 -7.84 -16.16 -24.19
N ILE A 152 -6.78 -16.61 -23.51
CA ILE A 152 -5.85 -15.66 -22.91
C ILE A 152 -4.48 -15.72 -23.59
N LEU A 153 -4.20 -16.83 -24.25
CA LEU A 153 -2.95 -16.99 -24.98
C LEU A 153 -3.04 -16.30 -26.34
N PRO A 154 -1.92 -15.78 -26.84
CA PRO A 154 -1.80 -15.05 -28.09
C PRO A 154 -2.19 -15.91 -29.28
N ASP A 155 -2.96 -15.33 -30.19
CA ASP A 155 -3.39 -16.00 -31.39
C ASP A 155 -2.70 -15.39 -32.61
N PRO A 156 -1.80 -16.13 -33.28
CA PRO A 156 -0.90 -15.68 -34.32
C PRO A 156 -1.63 -15.15 -35.57
N SER A 157 -2.92 -15.49 -35.68
CA SER A 157 -3.70 -15.03 -36.83
C SER A 157 -4.29 -13.65 -36.59
N LYS A 158 -4.19 -13.16 -35.36
CA LYS A 158 -4.76 -11.88 -34.97
C LYS A 158 -3.74 -10.76 -35.14
N PRO A 159 -4.20 -9.52 -35.31
CA PRO A 159 -3.39 -8.31 -35.37
C PRO A 159 -2.62 -8.16 -34.08
N SER A 160 -1.33 -7.83 -34.21
CA SER A 160 -0.42 -7.66 -33.08
C SER A 160 -0.30 -8.93 -32.27
N LYS A 161 -0.81 -10.04 -32.82
CA LYS A 161 -0.78 -11.34 -32.17
C LYS A 161 -1.37 -11.27 -30.77
N ARG A 162 -2.49 -10.56 -30.64
CA ARG A 162 -3.20 -10.49 -29.38
C ARG A 162 -4.04 -11.74 -29.14
N SER A 163 -4.40 -11.99 -27.89
CA SER A 163 -5.32 -13.08 -27.55
C SER A 163 -6.74 -12.62 -27.81
N PHE A 164 -7.68 -13.57 -27.77
CA PHE A 164 -9.08 -13.25 -28.04
C PHE A 164 -9.60 -12.18 -27.08
N ILE A 165 -9.40 -12.39 -25.79
CA ILE A 165 -9.91 -11.44 -24.81
C ILE A 165 -9.28 -10.06 -24.98
N GLU A 166 -7.98 -10.02 -25.25
CA GLU A 166 -7.32 -8.73 -25.46
C GLU A 166 -7.95 -8.00 -26.64
N ASP A 167 -8.24 -8.75 -27.71
CA ASP A 167 -8.85 -8.14 -28.88
C ASP A 167 -10.20 -7.52 -28.51
N LEU A 168 -10.91 -8.15 -27.59
CA LEU A 168 -12.19 -7.61 -27.16
C LEU A 168 -11.98 -6.29 -26.43
N LEU A 169 -10.97 -6.22 -25.59
CA LEU A 169 -10.69 -5.00 -24.83
C LEU A 169 -10.31 -3.85 -25.76
N PHE A 170 -9.48 -4.16 -26.75
CA PHE A 170 -9.01 -3.13 -27.67
C PHE A 170 -10.13 -2.60 -28.55
N ASN A 171 -11.12 -3.45 -28.85
CA ASN A 171 -12.23 -3.05 -29.69
C ASN A 171 -13.41 -2.51 -28.89
N LYS A 172 -13.21 -2.32 -27.59
CA LYS A 172 -14.27 -1.77 -26.74
C LYS A 172 -13.97 -0.35 -26.30
N VAL A 173 -12.70 -0.07 -26.04
CA VAL A 173 -12.33 1.29 -25.63
C VAL A 173 -12.23 2.20 -26.85
N THR A 174 -12.94 3.32 -26.80
CA THR A 174 -12.95 4.23 -27.95
C THR A 174 -11.95 5.37 -27.76
N LEU A 175 -11.01 5.49 -28.71
CA LEU A 175 -9.94 6.49 -28.65
C LEU A 175 -10.24 7.68 -29.55
N PHE A 180 -9.83 15.07 -31.01
CA PHE A 180 -8.72 16.00 -31.24
C PHE A 180 -7.43 15.25 -31.56
N ILE A 181 -7.11 14.23 -30.76
CA ILE A 181 -5.88 13.45 -30.90
C ILE A 181 -5.83 12.72 -32.24
N LYS A 182 -6.97 12.17 -32.65
CA LYS A 182 -7.04 11.46 -33.91
C LYS A 182 -6.75 12.40 -35.08
N GLN A 183 -7.12 13.67 -34.94
CA GLN A 183 -6.90 14.63 -36.02
C GLN A 183 -5.42 14.89 -36.21
N TYR A 184 -4.71 14.96 -35.09
CA TYR A 184 -3.26 15.12 -35.12
C TYR A 184 -2.63 13.89 -35.78
N GLY A 185 -3.10 12.71 -35.37
CA GLY A 185 -2.59 11.47 -35.92
C GLY A 185 -2.83 11.42 -37.43
N ASP A 186 -3.96 11.98 -37.88
CA ASP A 186 -4.31 12.00 -39.29
C ASP A 186 -3.45 12.94 -40.13
N CYS A 187 -3.02 14.09 -39.56
CA CYS A 187 -2.24 15.07 -40.34
C CYS A 187 -0.83 14.57 -40.55
N LEU A 188 -0.31 13.75 -39.66
CA LEU A 188 1.03 13.19 -39.83
C LEU A 188 1.03 12.15 -40.94
N ASP A 195 7.22 16.85 -37.68
CA ASP A 195 6.04 17.00 -36.82
C ASP A 195 5.63 18.48 -36.63
N LEU A 196 6.53 19.41 -37.01
CA LEU A 196 6.28 20.84 -36.89
C LEU A 196 5.10 21.28 -37.75
N ILE A 197 4.96 20.66 -38.91
CA ILE A 197 3.88 21.02 -39.82
C ILE A 197 2.51 20.93 -39.16
N CYS A 198 2.30 19.87 -38.37
CA CYS A 198 1.06 19.68 -37.62
C CYS A 198 0.98 20.66 -36.45
N ALA A 199 2.10 20.88 -35.76
CA ALA A 199 2.11 21.80 -34.63
C ALA A 199 1.62 23.18 -35.04
N GLN A 200 1.97 23.58 -36.27
CA GLN A 200 1.57 24.89 -36.80
C GLN A 200 0.07 24.99 -37.02
N LYS A 201 -0.60 23.85 -37.08
CA LYS A 201 -2.03 23.81 -37.35
C LYS A 201 -2.83 23.54 -36.09
N PHE A 202 -2.19 22.92 -35.10
CA PHE A 202 -2.85 22.57 -33.85
C PHE A 202 -2.44 23.47 -32.69
N ASN A 203 -1.95 24.65 -33.02
CA ASN A 203 -1.63 25.68 -32.03
C ASN A 203 -0.62 25.23 -30.99
N GLY A 204 0.38 24.47 -31.40
CA GLY A 204 1.45 24.08 -30.48
C GLY A 204 1.10 22.87 -29.65
N LEU A 205 -0.04 22.25 -29.93
CA LEU A 205 -0.45 21.06 -29.19
C LEU A 205 -0.05 19.82 -29.97
N THR A 206 0.85 19.03 -29.40
CA THR A 206 1.36 17.85 -30.10
C THR A 206 1.19 16.59 -29.26
N VAL A 207 1.27 15.45 -29.93
CA VAL A 207 1.14 14.15 -29.29
C VAL A 207 2.39 13.32 -29.53
N LEU A 208 2.96 12.77 -28.47
CA LEU A 208 4.17 12.00 -28.56
C LEU A 208 3.87 10.51 -28.52
N PRO A 209 4.66 9.69 -29.23
CA PRO A 209 4.60 8.24 -29.24
C PRO A 209 5.20 7.68 -27.95
N PRO A 210 4.73 6.52 -27.50
CA PRO A 210 5.23 5.74 -26.39
C PRO A 210 6.54 5.06 -26.75
N LEU A 211 7.35 4.77 -25.75
CA LEU A 211 8.55 3.97 -25.99
C LEU A 211 8.20 2.52 -26.24
N LEU A 212 7.18 2.02 -25.53
CA LEU A 212 6.72 0.66 -25.74
C LEU A 212 5.43 0.64 -26.53
N THR A 213 5.49 0.06 -27.71
CA THR A 213 4.33 -0.03 -28.59
C THR A 213 3.44 -1.18 -28.15
N ASP A 214 2.25 -1.27 -28.73
CA ASP A 214 1.30 -2.30 -28.32
C ASP A 214 1.88 -3.69 -28.45
N GLU A 215 2.67 -3.91 -29.50
CA GLU A 215 3.27 -5.21 -29.72
C GLU A 215 4.26 -5.55 -28.63
N MET A 216 5.05 -4.56 -28.21
CA MET A 216 6.06 -4.78 -27.19
C MET A 216 5.41 -5.13 -25.86
N ILE A 217 4.33 -4.43 -25.55
CA ILE A 217 3.60 -4.69 -24.31
C ILE A 217 2.96 -6.07 -24.38
N ALA A 218 2.40 -6.40 -25.53
CA ALA A 218 1.79 -7.71 -25.72
C ALA A 218 2.82 -8.82 -25.51
N GLN A 219 4.05 -8.59 -25.95
CA GLN A 219 5.11 -9.59 -25.76
C GLN A 219 5.43 -9.79 -24.30
N TYR A 220 5.44 -8.71 -23.53
CA TYR A 220 5.68 -8.83 -22.10
C TYR A 220 4.57 -9.61 -21.43
N THR A 221 3.33 -9.33 -21.83
CA THR A 221 2.18 -10.02 -21.27
C THR A 221 2.25 -11.50 -21.61
N SER A 222 2.59 -11.80 -22.85
CA SER A 222 2.71 -13.18 -23.29
C SER A 222 3.77 -13.92 -22.50
N ALA A 223 4.92 -13.28 -22.30
CA ALA A 223 6.01 -13.88 -21.56
C ALA A 223 5.60 -14.17 -20.12
N LEU A 224 4.87 -13.25 -19.52
CA LEU A 224 4.40 -13.45 -18.15
C LEU A 224 3.43 -14.60 -18.06
N LEU A 225 2.54 -14.72 -19.05
CA LEU A 225 1.57 -15.81 -19.06
C LEU A 225 2.25 -17.15 -19.28
N ALA A 226 3.20 -17.21 -20.21
CA ALA A 226 3.90 -18.47 -20.47
C ALA A 226 4.64 -18.91 -19.23
N GLY A 227 5.23 -17.96 -18.52
CA GLY A 227 5.93 -18.24 -17.28
C GLY A 227 4.96 -18.77 -16.24
N THR A 228 3.88 -18.03 -16.00
CA THR A 228 2.91 -18.39 -14.98
C THR A 228 2.35 -19.78 -15.20
N ILE A 229 2.05 -20.12 -16.45
CA ILE A 229 1.44 -21.39 -16.77
C ILE A 229 2.41 -22.58 -16.64
N CYS A 230 3.63 -22.45 -17.16
CA CYS A 230 4.59 -23.56 -17.24
C CYS A 230 5.52 -23.62 -16.02
N SER A 231 5.77 -22.53 -15.32
CA SER A 231 6.73 -22.54 -14.23
C SER A 231 6.21 -21.91 -12.92
N GLY A 232 4.90 -21.65 -12.87
CA GLY A 232 4.30 -21.11 -11.66
C GLY A 232 4.87 -19.74 -11.30
N TRP A 233 5.31 -19.59 -10.05
CA TRP A 233 5.84 -18.30 -9.57
C TRP A 233 7.35 -18.31 -9.44
N THR A 234 7.98 -19.44 -9.77
CA THR A 234 9.38 -19.60 -9.43
C THR A 234 10.24 -18.64 -10.24
N PHE A 235 9.80 -18.35 -11.45
CA PHE A 235 10.55 -17.49 -12.35
C PHE A 235 10.55 -16.04 -11.87
N GLY A 236 9.65 -15.73 -10.93
CA GLY A 236 9.57 -14.38 -10.41
C GLY A 236 10.59 -14.15 -9.30
N ALA A 237 11.19 -15.23 -8.80
CA ALA A 237 12.15 -15.14 -7.71
C ALA A 237 13.54 -15.56 -8.17
N GLY A 238 13.59 -16.49 -9.12
CA GLY A 238 14.84 -17.06 -9.60
C GLY A 238 14.65 -17.58 -11.02
N PRO A 239 15.35 -18.67 -11.36
CA PRO A 239 15.23 -19.42 -12.59
C PRO A 239 13.83 -20.00 -12.74
N ALA A 240 13.39 -20.18 -13.97
CA ALA A 240 12.08 -20.77 -14.20
C ALA A 240 12.15 -22.29 -14.07
N LEU A 241 11.36 -22.83 -13.15
CA LEU A 241 11.36 -24.26 -12.88
C LEU A 241 10.08 -24.90 -13.37
N GLN A 242 10.18 -25.72 -14.41
CA GLN A 242 8.99 -26.31 -14.99
C GLN A 242 8.28 -27.23 -14.01
N ILE A 243 6.96 -27.22 -14.06
CA ILE A 243 6.10 -28.05 -13.22
C ILE A 243 4.72 -28.20 -13.87
N PRO A 244 4.14 -29.40 -13.93
CA PRO A 244 2.82 -29.69 -14.44
C PRO A 244 1.79 -28.78 -13.84
N PHE A 245 0.91 -28.24 -14.66
CA PHE A 245 -0.08 -27.29 -14.21
C PHE A 245 -0.91 -27.81 -13.03
N PRO A 246 -1.42 -29.06 -13.06
CA PRO A 246 -2.21 -29.68 -12.01
C PRO A 246 -1.46 -29.69 -10.68
N MET A 247 -0.13 -29.70 -10.71
CA MET A 247 0.64 -29.70 -9.49
C MET A 247 0.77 -28.30 -8.94
N GLN A 248 0.77 -27.31 -9.82
CA GLN A 248 0.83 -25.94 -9.36
C GLN A 248 -0.45 -25.63 -8.61
N MET A 249 -1.56 -26.09 -9.17
CA MET A 249 -2.86 -25.88 -8.56
C MET A 249 -2.93 -26.58 -7.21
N ALA A 250 -2.32 -27.76 -7.12
CA ALA A 250 -2.33 -28.51 -5.86
C ALA A 250 -1.69 -27.71 -4.75
N TYR A 251 -0.63 -26.98 -5.09
CA TYR A 251 0.13 -26.22 -4.13
C TYR A 251 -0.47 -24.85 -3.87
N ARG A 252 -1.38 -24.44 -4.74
CA ARG A 252 -2.12 -23.22 -4.51
C ARG A 252 -3.34 -23.50 -3.63
N PHE A 253 -3.90 -24.71 -3.74
CA PHE A 253 -5.03 -25.11 -2.89
C PHE A 253 -4.62 -25.25 -1.43
N GLU A 254 -3.52 -25.94 -1.17
CA GLU A 254 -3.07 -26.06 0.23
C GLU A 254 -2.71 -24.69 0.78
N GLY A 255 -2.36 -23.77 -0.11
CA GLY A 255 -1.96 -22.43 0.23
C GLY A 255 -3.14 -21.59 0.75
N ILE A 256 -4.35 -22.10 0.59
CA ILE A 256 -5.53 -21.41 1.10
C ILE A 256 -6.24 -22.25 2.16
N GLY A 257 -5.55 -23.27 2.66
CA GLY A 257 -6.10 -24.10 3.71
C GLY A 257 -6.94 -25.26 3.20
N VAL A 258 -6.78 -25.62 1.93
CA VAL A 258 -7.54 -26.74 1.38
C VAL A 258 -6.61 -27.87 0.97
N THR A 259 -6.76 -29.02 1.59
CA THR A 259 -5.84 -30.12 1.36
C THR A 259 -5.79 -30.47 -0.12
N GLN A 260 -4.59 -30.70 -0.63
CA GLN A 260 -4.33 -30.92 -2.05
C GLN A 260 -5.10 -32.09 -2.65
N ASN A 261 -5.54 -33.02 -1.83
CA ASN A 261 -6.25 -34.17 -2.36
C ASN A 261 -7.56 -33.75 -3.00
N VAL A 262 -8.08 -32.60 -2.60
CA VAL A 262 -9.34 -32.12 -3.14
C VAL A 262 -9.21 -31.88 -4.64
N LEU A 263 -8.12 -31.26 -5.04
CA LEU A 263 -7.89 -30.96 -6.44
C LEU A 263 -7.80 -32.22 -7.27
N TYR A 264 -6.99 -33.15 -6.82
CA TYR A 264 -6.73 -34.35 -7.62
C TYR A 264 -7.99 -35.20 -7.75
N GLU A 265 -8.77 -35.25 -6.68
CA GLU A 265 -9.98 -36.04 -6.67
C GLU A 265 -11.09 -35.39 -7.48
N ASN A 266 -11.09 -34.06 -7.55
CA ASN A 266 -12.11 -33.32 -8.28
C ASN A 266 -11.53 -32.56 -9.47
N GLN A 267 -10.41 -33.03 -10.00
CA GLN A 267 -9.72 -32.28 -11.05
C GLN A 267 -10.61 -32.00 -12.26
N LYS A 268 -11.41 -32.98 -12.66
CA LYS A 268 -12.23 -32.80 -13.85
C LYS A 268 -13.28 -31.72 -13.64
N LEU A 269 -13.94 -31.76 -12.49
CA LEU A 269 -14.94 -30.76 -12.16
C LEU A 269 -14.33 -29.37 -12.11
N ILE A 270 -13.16 -29.26 -11.49
CA ILE A 270 -12.51 -27.99 -11.33
C ILE A 270 -12.12 -27.41 -12.68
N ALA A 271 -11.58 -28.24 -13.56
CA ALA A 271 -11.22 -27.78 -14.90
C ALA A 271 -12.43 -27.28 -15.65
N ASN A 272 -13.57 -27.96 -15.47
CA ASN A 272 -14.80 -27.56 -16.14
C ASN A 272 -15.34 -26.24 -15.60
N GLN A 273 -15.30 -26.08 -14.28
CA GLN A 273 -15.75 -24.83 -13.68
C GLN A 273 -14.87 -23.68 -14.14
N PHE A 274 -13.57 -23.94 -14.24
CA PHE A 274 -12.63 -22.94 -14.70
C PHE A 274 -12.94 -22.51 -16.13
N ASN A 275 -13.09 -23.49 -17.01
CA ASN A 275 -13.30 -23.20 -18.42
C ASN A 275 -14.57 -22.40 -18.65
N SER A 276 -15.62 -22.72 -17.91
CA SER A 276 -16.87 -21.98 -18.03
C SER A 276 -16.72 -20.57 -17.49
N ALA A 277 -15.98 -20.44 -16.39
CA ALA A 277 -15.75 -19.14 -15.77
C ALA A 277 -15.05 -18.19 -16.73
N ILE A 278 -14.15 -18.73 -17.54
CA ILE A 278 -13.44 -17.93 -18.52
C ILE A 278 -14.36 -17.52 -19.66
N GLY A 279 -15.17 -18.44 -20.14
CA GLY A 279 -16.08 -18.13 -21.24
C GLY A 279 -17.02 -16.98 -20.88
N LYS A 280 -17.47 -16.96 -19.64
CA LYS A 280 -18.39 -15.93 -19.17
C LYS A 280 -17.80 -14.53 -19.19
N ILE A 281 -16.47 -14.44 -19.27
CA ILE A 281 -15.81 -13.15 -19.28
C ILE A 281 -16.18 -12.38 -20.53
N GLN A 282 -16.32 -13.10 -21.65
CA GLN A 282 -16.62 -12.47 -22.92
C GLN A 282 -17.99 -11.80 -22.88
N ASP A 283 -18.93 -12.42 -22.20
CA ASP A 283 -20.27 -11.88 -22.10
C ASP A 283 -20.29 -10.66 -21.20
N SER A 284 -19.49 -10.70 -20.15
CA SER A 284 -19.44 -9.58 -19.22
C SER A 284 -18.90 -8.33 -19.91
N LEU A 285 -17.85 -8.50 -20.71
CA LEU A 285 -17.25 -7.38 -21.41
C LEU A 285 -18.14 -6.89 -22.56
N SER A 286 -18.81 -7.83 -23.24
CA SER A 286 -19.64 -7.47 -24.38
C SER A 286 -20.98 -6.86 -23.97
N SER A 287 -21.50 -7.28 -22.81
CA SER A 287 -22.79 -6.81 -22.35
C SER A 287 -22.75 -5.39 -21.81
N THR A 288 -21.87 -5.13 -20.85
CA THR A 288 -21.80 -3.82 -20.20
C THR A 288 -20.36 -3.30 -20.11
N PRO A 289 -20.18 -1.99 -19.89
CA PRO A 289 -18.91 -1.36 -19.55
C PRO A 289 -18.40 -1.84 -18.20
N SER A 290 -17.99 -3.11 -18.16
CA SER A 290 -17.54 -3.75 -16.94
C SER A 290 -16.21 -3.17 -16.47
N ALA A 291 -16.29 -2.02 -15.81
CA ALA A 291 -15.12 -1.27 -15.35
C ALA A 291 -14.30 -0.77 -16.53
N LEU A 292 -14.86 -0.87 -17.73
CA LEU A 292 -14.21 -0.35 -18.92
C LEU A 292 -14.28 1.16 -18.91
N GLY A 293 -15.19 1.69 -18.11
CA GLY A 293 -15.33 3.12 -17.95
C GLY A 293 -14.09 3.71 -17.30
N LYS A 294 -13.32 2.88 -16.60
CA LYS A 294 -12.11 3.36 -15.94
C LYS A 294 -11.07 3.75 -16.96
N LEU A 295 -11.16 3.17 -18.15
CA LEU A 295 -10.23 3.46 -19.22
C LEU A 295 -10.83 4.47 -20.19
N GLN A 296 -12.14 4.41 -20.37
CA GLN A 296 -12.82 5.34 -21.25
C GLN A 296 -12.75 6.75 -20.67
N ASP A 297 -12.81 6.85 -19.33
CA ASP A 297 -12.72 8.12 -18.65
C ASP A 297 -11.34 8.75 -18.82
N VAL A 298 -10.31 7.93 -18.94
CA VAL A 298 -8.98 8.50 -19.12
C VAL A 298 -8.96 9.25 -20.44
N VAL A 299 -9.53 8.63 -21.46
CA VAL A 299 -9.60 9.23 -22.78
C VAL A 299 -10.45 10.48 -22.76
N ASN A 300 -11.62 10.40 -22.13
CA ASN A 300 -12.56 11.51 -22.15
C ASN A 300 -12.02 12.71 -21.38
N GLN A 301 -11.42 12.46 -20.22
CA GLN A 301 -10.94 13.53 -19.36
C GLN A 301 -9.80 14.29 -20.00
N ASN A 302 -8.94 13.56 -20.71
CA ASN A 302 -7.81 14.21 -21.35
C ASN A 302 -8.25 14.96 -22.59
N ALA A 303 -9.20 14.40 -23.33
CA ALA A 303 -9.68 15.01 -24.55
C ALA A 303 -10.32 16.37 -24.27
N GLN A 304 -11.14 16.44 -23.24
CA GLN A 304 -11.83 17.68 -22.91
C GLN A 304 -10.90 18.72 -22.34
N ALA A 305 -9.83 18.28 -21.70
CA ALA A 305 -8.83 19.21 -21.18
C ALA A 305 -8.16 19.94 -22.34
N LEU A 306 -7.93 19.21 -23.41
CA LEU A 306 -7.33 19.80 -24.60
C LEU A 306 -8.34 20.70 -25.29
N ASN A 307 -9.61 20.32 -25.26
CA ASN A 307 -10.65 21.14 -25.87
C ASN A 307 -10.76 22.47 -25.15
N PHE A 308 -10.54 22.47 -23.85
CA PHE A 308 -10.55 23.70 -23.07
C PHE A 308 -9.50 24.67 -23.59
N LEU A 309 -8.27 24.19 -23.75
CA LEU A 309 -7.20 25.05 -24.26
C LEU A 309 -7.59 25.65 -25.60
N VAL A 310 -8.14 24.84 -26.47
CA VAL A 310 -8.49 25.32 -27.80
C VAL A 310 -9.57 26.39 -27.74
N LYS A 311 -10.60 26.15 -26.93
CA LYS A 311 -11.69 27.11 -26.80
C LYS A 311 -11.21 28.45 -26.25
N GLN A 312 -10.25 28.41 -25.34
CA GLN A 312 -9.77 29.64 -24.71
C GLN A 312 -9.04 30.54 -25.70
N LEU A 313 -8.63 29.99 -26.84
CA LEU A 313 -7.92 30.78 -27.83
C LEU A 313 -8.88 31.64 -28.64
N SER A 314 -10.17 31.53 -28.32
CA SER A 314 -11.19 32.34 -28.96
C SER A 314 -11.76 33.39 -28.00
N SER A 315 -11.20 33.45 -26.78
CA SER A 315 -11.69 34.37 -25.76
C SER A 315 -10.99 35.73 -25.85
N ASN A 316 -11.68 36.77 -25.40
CA ASN A 316 -11.09 38.12 -25.39
C ASN A 316 -10.43 38.45 -24.06
N CYS A 317 -11.08 38.03 -22.96
CA CYS A 317 -10.60 38.27 -21.61
C CYS A 317 -10.41 39.77 -21.32
N GLY A 318 -11.20 40.59 -22.01
CA GLY A 318 -11.13 42.03 -21.84
C GLY A 318 -10.36 42.70 -22.97
N ALA A 319 -9.70 41.89 -23.80
CA ALA A 319 -8.95 42.40 -24.93
C ALA A 319 -9.93 42.84 -26.02
N ILE A 320 -9.44 43.70 -26.91
CA ILE A 320 -10.26 44.21 -28.02
C ILE A 320 -10.75 43.09 -28.93
N SER A 321 -9.96 42.02 -29.06
CA SER A 321 -10.36 40.88 -29.85
C SER A 321 -9.53 39.67 -29.46
N SER A 322 -9.87 38.51 -30.02
CA SER A 322 -9.15 37.27 -29.75
C SER A 322 -8.15 36.94 -30.84
N VAL A 323 -7.95 37.87 -31.77
CA VAL A 323 -7.05 37.62 -32.89
C VAL A 323 -5.91 38.62 -32.90
N LEU A 324 -4.70 38.12 -32.81
CA LEU A 324 -3.52 38.98 -32.74
C LEU A 324 -3.37 39.82 -34.00
N ASN A 325 -3.76 39.27 -35.14
CA ASN A 325 -3.67 40.03 -36.38
C ASN A 325 -4.61 41.22 -36.39
N ASP A 326 -5.76 41.07 -35.74
CA ASP A 326 -6.75 42.15 -35.70
C ASP A 326 -6.41 43.16 -34.62
N ILE A 327 -5.70 42.71 -33.58
CA ILE A 327 -5.24 43.63 -32.56
C ILE A 327 -4.19 44.57 -33.14
N LEU A 328 -3.26 44.01 -33.90
CA LEU A 328 -2.21 44.79 -34.53
C LEU A 328 -2.74 45.68 -35.64
N SER A 329 -3.70 45.17 -36.40
CA SER A 329 -4.28 45.94 -37.50
C SER A 329 -5.23 47.01 -36.96
N ARG A 330 -5.23 48.17 -37.62
CA ARG A 330 -6.16 49.25 -37.27
C ARG A 330 -6.03 49.69 -35.81
N LEU A 331 -4.80 49.71 -35.32
CA LEU A 331 -4.56 50.13 -33.94
C LEU A 331 -3.12 50.60 -33.79
N ASP A 332 -2.92 51.78 -33.19
CA ASP A 332 -1.57 52.29 -33.04
C ASP A 332 -0.77 51.40 -32.08
N LYS A 333 0.55 51.38 -32.29
CA LYS A 333 1.42 50.45 -31.56
C LYS A 333 1.30 50.51 -30.03
N PRO A 334 1.35 51.71 -29.42
CA PRO A 334 1.36 51.90 -27.97
C PRO A 334 0.13 51.27 -27.31
N GLU A 335 -0.94 51.09 -28.07
CA GLU A 335 -2.14 50.45 -27.52
C GLU A 335 -2.15 48.98 -27.86
N ALA A 336 -1.68 48.65 -29.05
CA ALA A 336 -1.62 47.25 -29.45
C ALA A 336 -0.77 46.47 -28.44
N GLU A 337 0.26 47.11 -27.93
CA GLU A 337 1.10 46.47 -26.93
C GLU A 337 0.28 46.11 -25.70
N VAL A 338 -0.64 46.99 -25.33
CA VAL A 338 -1.47 46.77 -24.15
C VAL A 338 -2.46 45.66 -24.39
N GLN A 339 -3.08 45.67 -25.56
CA GLN A 339 -4.08 44.66 -25.90
C GLN A 339 -3.42 43.30 -26.01
N ILE A 340 -2.21 43.25 -26.53
CA ILE A 340 -1.49 42.00 -26.66
C ILE A 340 -1.09 41.49 -25.30
N GLN A 341 -0.58 42.36 -24.44
CA GLN A 341 -0.19 41.96 -23.10
C GLN A 341 -1.38 41.42 -22.33
N ARG A 342 -2.53 42.04 -22.50
CA ARG A 342 -3.74 41.58 -21.84
C ARG A 342 -4.13 40.19 -22.32
N LEU A 343 -4.03 39.97 -23.63
CA LEU A 343 -4.35 38.68 -24.21
C LEU A 343 -3.34 37.63 -23.79
N ILE A 344 -2.08 38.00 -23.73
CA ILE A 344 -1.04 37.08 -23.30
C ILE A 344 -1.30 36.63 -21.87
N THR A 345 -1.63 37.59 -21.02
CA THR A 345 -1.88 37.28 -19.62
C THR A 345 -2.97 36.22 -19.48
N CYS A 346 -4.08 36.39 -20.19
CA CYS A 346 -5.19 35.44 -20.10
C CYS A 346 -4.81 34.07 -20.69
N ARG A 347 -4.14 34.06 -21.83
CA ARG A 347 -3.76 32.80 -22.44
C ARG A 347 -2.77 32.05 -21.57
N LEU A 348 -1.87 32.76 -20.95
CA LEU A 348 -0.89 32.16 -20.05
C LEU A 348 -1.61 31.58 -18.86
N GLN A 349 -2.58 32.31 -18.28
CA GLN A 349 -3.33 31.82 -17.15
C GLN A 349 -4.14 30.57 -17.52
N SER A 350 -4.68 30.57 -18.75
CA SER A 350 -5.45 29.42 -19.23
C SER A 350 -4.53 28.21 -19.32
N LEU A 351 -3.32 28.45 -19.78
CA LEU A 351 -2.31 27.39 -19.91
C LEU A 351 -1.89 26.89 -18.55
N GLN A 352 -1.74 27.78 -17.58
CA GLN A 352 -1.38 27.38 -16.22
C GLN A 352 -2.46 26.50 -15.62
N THR A 353 -3.71 26.85 -15.86
CA THR A 353 -4.83 26.06 -15.35
C THR A 353 -4.76 24.66 -15.91
N TYR A 354 -4.55 24.56 -17.22
CA TYR A 354 -4.43 23.27 -17.88
C TYR A 354 -3.31 22.44 -17.27
N VAL A 355 -2.14 23.02 -17.14
CA VAL A 355 -0.99 22.29 -16.64
C VAL A 355 -1.21 21.82 -15.21
N THR A 356 -1.78 22.69 -14.38
CA THR A 356 -2.02 22.32 -12.99
C THR A 356 -2.92 21.10 -12.91
N GLN A 357 -3.97 21.07 -13.72
CA GLN A 357 -4.88 19.94 -13.74
C GLN A 357 -4.15 18.67 -14.17
N MET A 358 -3.27 18.80 -15.16
CA MET A 358 -2.52 17.66 -15.67
C MET A 358 -1.54 17.12 -14.66
N LEU A 359 -0.97 18.00 -13.84
CA LEU A 359 -0.03 17.57 -12.81
C LEU A 359 -0.73 16.73 -11.77
N ILE A 360 -1.95 17.12 -11.43
CA ILE A 360 -2.73 16.40 -10.44
C ILE A 360 -3.19 15.05 -10.99
N ARG A 361 -3.68 15.05 -12.22
CA ARG A 361 -4.10 13.80 -12.84
C ARG A 361 -2.93 12.85 -12.97
N ALA A 362 -1.77 13.39 -13.32
CA ALA A 362 -0.59 12.56 -13.48
C ALA A 362 -0.27 11.85 -12.17
N ALA A 363 -0.47 12.55 -11.06
CA ALA A 363 -0.23 11.96 -9.75
C ALA A 363 -1.18 10.80 -9.50
N GLU A 364 -2.42 10.93 -9.96
CA GLU A 364 -3.40 9.87 -9.80
C GLU A 364 -3.00 8.64 -10.58
N TYR A 365 -2.44 8.86 -11.77
CA TYR A 365 -2.03 7.75 -12.62
C TYR A 365 -0.77 7.09 -12.07
N ARG A 366 0.10 7.86 -11.43
CA ARG A 366 1.26 7.24 -10.80
C ARG A 366 0.81 6.29 -9.70
N ALA A 367 -0.15 6.74 -8.90
CA ALA A 367 -0.66 5.92 -7.81
C ALA A 367 -1.31 4.65 -8.34
N SER A 368 -2.06 4.79 -9.43
CA SER A 368 -2.73 3.66 -10.05
C SER A 368 -1.70 2.68 -10.63
N ALA A 369 -0.69 3.22 -11.30
CA ALA A 369 0.36 2.41 -11.88
C ALA A 369 1.13 1.67 -10.81
N ASN A 370 1.35 2.33 -9.67
CA ASN A 370 2.07 1.72 -8.57
C ASN A 370 1.29 0.55 -8.02
N LEU A 371 -0.03 0.71 -7.94
CA LEU A 371 -0.89 -0.37 -7.51
C LEU A 371 -0.87 -1.52 -8.50
N ALA A 372 -0.93 -1.17 -9.79
CA ALA A 372 -0.93 -2.19 -10.83
C ALA A 372 0.36 -3.00 -10.79
N ALA A 373 1.48 -2.32 -10.56
CA ALA A 373 2.76 -2.99 -10.46
C ALA A 373 2.79 -3.92 -9.26
N THR A 374 2.18 -3.47 -8.17
CA THR A 374 2.10 -4.27 -6.96
C THR A 374 1.26 -5.52 -7.21
N LYS A 375 0.15 -5.35 -7.93
CA LYS A 375 -0.71 -6.49 -8.25
C LYS A 375 0.02 -7.49 -9.11
N MET A 376 0.82 -7.00 -10.04
CA MET A 376 1.58 -7.90 -10.89
C MET A 376 2.51 -8.76 -10.03
N SER A 377 3.19 -8.13 -9.08
CA SER A 377 4.12 -8.85 -8.23
C SER A 377 3.42 -9.79 -7.25
N GLU A 378 2.34 -9.35 -6.64
CA GLU A 378 1.72 -10.11 -5.57
C GLU A 378 0.58 -11.06 -5.99
N CYS A 379 -0.14 -10.71 -7.08
CA CYS A 379 -1.26 -11.55 -7.56
C CYS A 379 -0.83 -12.49 -8.65
N VAL A 380 0.00 -11.99 -9.58
CA VAL A 380 0.40 -12.76 -10.77
C VAL A 380 1.66 -13.60 -10.54
N LEU A 381 2.67 -13.00 -9.93
CA LEU A 381 3.95 -13.67 -9.74
C LEU A 381 4.06 -14.34 -8.38
N GLY A 382 2.91 -14.53 -7.73
CA GLY A 382 2.88 -15.15 -6.42
C GLY A 382 1.44 -15.44 -6.00
N GLN A 383 1.24 -15.67 -4.70
CA GLN A 383 -0.09 -15.95 -4.19
C GLN A 383 -0.37 -15.11 -2.95
N SER A 384 -1.22 -14.11 -3.11
CA SER A 384 -1.55 -13.16 -2.06
C SER A 384 -2.33 -13.78 -0.92
N LYS A 385 -2.03 -13.34 0.30
CA LYS A 385 -2.76 -13.74 1.50
C LYS A 385 -3.62 -12.59 1.99
N ARG A 386 -3.52 -11.47 1.30
CA ARG A 386 -4.24 -10.25 1.67
C ARG A 386 -5.69 -10.32 1.23
N VAL A 387 -6.59 -10.07 2.17
CA VAL A 387 -8.02 -10.21 1.92
C VAL A 387 -8.55 -9.21 0.91
N ASP A 388 -9.26 -9.73 -0.09
CA ASP A 388 -9.89 -8.93 -1.13
C ASP A 388 -8.89 -8.11 -1.94
N PHE A 389 -7.61 -8.43 -1.81
CA PHE A 389 -6.60 -7.73 -2.59
C PHE A 389 -6.63 -8.16 -4.06
N CYS A 390 -6.75 -9.47 -4.29
CA CYS A 390 -6.73 -10.03 -5.64
C CYS A 390 -8.12 -10.59 -5.97
N GLY A 391 -9.16 -9.90 -5.52
CA GLY A 391 -10.53 -10.31 -5.78
C GLY A 391 -11.17 -10.96 -4.56
N LYS A 392 -12.48 -11.19 -4.63
CA LYS A 392 -13.22 -11.78 -3.53
C LYS A 392 -13.02 -13.29 -3.48
N GLY A 393 -12.99 -13.84 -2.27
CA GLY A 393 -12.78 -15.27 -2.10
C GLY A 393 -11.30 -15.52 -1.80
N TYR A 394 -10.87 -16.76 -1.93
CA TYR A 394 -9.49 -17.10 -1.63
C TYR A 394 -8.66 -17.15 -2.90
N HIS A 395 -7.56 -16.42 -2.93
CA HIS A 395 -6.79 -16.28 -4.16
C HIS A 395 -6.03 -17.53 -4.53
N LEU A 396 -6.14 -17.91 -5.81
CA LEU A 396 -5.37 -19.03 -6.36
C LEU A 396 -4.39 -18.53 -7.41
N MET A 397 -4.91 -17.93 -8.49
CA MET A 397 -4.10 -17.47 -9.63
C MET A 397 -4.58 -16.15 -10.19
N SER A 398 -3.71 -15.50 -10.97
CA SER A 398 -4.06 -14.27 -11.66
C SER A 398 -3.40 -14.25 -13.04
N PHE A 399 -4.19 -13.91 -14.06
CA PHE A 399 -3.69 -13.87 -15.43
C PHE A 399 -3.93 -12.49 -16.04
N PRO A 400 -2.87 -11.72 -16.33
CA PRO A 400 -2.92 -10.39 -16.88
C PRO A 400 -3.26 -10.41 -18.37
N GLN A 401 -3.92 -9.34 -18.81
CA GLN A 401 -4.18 -9.09 -20.22
C GLN A 401 -3.89 -7.62 -20.50
N SER A 402 -3.38 -7.31 -21.69
CA SER A 402 -3.12 -5.91 -22.01
C SER A 402 -4.41 -5.19 -22.37
N ALA A 403 -4.37 -3.87 -22.33
CA ALA A 403 -5.52 -3.05 -22.67
C ALA A 403 -5.06 -1.64 -23.03
N PRO A 404 -5.85 -0.89 -23.79
CA PRO A 404 -5.65 0.51 -24.07
C PRO A 404 -5.44 1.30 -22.79
N HIS A 405 -4.26 1.91 -22.67
CA HIS A 405 -3.91 2.78 -21.56
C HIS A 405 -3.99 2.13 -20.18
N GLY A 406 -3.95 0.81 -20.11
CA GLY A 406 -4.04 0.16 -18.79
C GLY A 406 -3.82 -1.34 -18.83
N VAL A 407 -4.05 -1.98 -17.69
CA VAL A 407 -3.85 -3.41 -17.55
C VAL A 407 -5.08 -4.05 -16.94
N VAL A 408 -5.42 -5.24 -17.42
CA VAL A 408 -6.57 -5.96 -16.91
C VAL A 408 -6.17 -7.27 -16.25
N PHE A 409 -6.61 -7.48 -15.02
CA PHE A 409 -6.28 -8.68 -14.29
C PHE A 409 -7.46 -9.61 -14.15
N LEU A 410 -7.28 -10.86 -14.56
CA LEU A 410 -8.29 -11.88 -14.34
C LEU A 410 -7.92 -12.70 -13.11
N HIS A 411 -8.72 -12.56 -12.06
CA HIS A 411 -8.39 -13.18 -10.79
C HIS A 411 -9.17 -14.47 -10.58
N VAL A 412 -8.45 -15.55 -10.34
CA VAL A 412 -9.07 -16.85 -10.12
C VAL A 412 -9.13 -17.14 -8.63
N THR A 413 -10.34 -17.23 -8.08
CA THR A 413 -10.49 -17.42 -6.65
C THR A 413 -11.38 -18.61 -6.29
N TYR A 414 -11.14 -19.15 -5.11
CA TYR A 414 -11.90 -20.25 -4.54
C TYR A 414 -13.00 -19.75 -3.64
N VAL A 415 -14.24 -20.20 -3.89
CA VAL A 415 -15.36 -19.76 -3.10
C VAL A 415 -16.19 -20.95 -2.60
N PRO A 416 -16.40 -21.07 -1.28
CA PRO A 416 -17.26 -22.05 -0.62
C PRO A 416 -18.70 -21.95 -1.13
N ALA A 417 -19.39 -23.07 -1.21
CA ALA A 417 -20.77 -23.10 -1.70
C ALA A 417 -21.71 -23.72 -0.68
N GLN A 418 -22.30 -24.88 -1.01
CA GLN A 418 -23.21 -25.55 -0.10
C GLN A 418 -22.55 -25.76 1.25
N GLU A 419 -23.35 -25.66 2.32
CA GLU A 419 -22.86 -25.82 3.68
C GLU A 419 -23.86 -26.55 4.56
N LYS A 420 -23.38 -27.15 5.64
CA LYS A 420 -24.25 -27.84 6.59
C LYS A 420 -23.96 -27.45 8.04
N ASN A 421 -24.96 -27.57 8.92
CA ASN A 421 -24.85 -27.31 10.34
C ASN A 421 -24.41 -28.56 11.11
N PHE A 422 -23.39 -28.42 11.96
CA PHE A 422 -22.91 -29.49 12.83
C PHE A 422 -22.78 -29.02 14.26
N THR A 423 -22.83 -29.94 15.21
CA THR A 423 -22.57 -29.60 16.61
C THR A 423 -21.08 -29.67 16.89
N THR A 424 -20.54 -28.69 17.61
CA THR A 424 -19.09 -28.64 17.81
C THR A 424 -18.65 -28.66 19.27
N ALA A 425 -17.34 -28.76 19.47
CA ALA A 425 -16.72 -28.77 20.79
C ALA A 425 -15.27 -28.32 20.68
N PRO A 426 -14.76 -27.57 21.66
CA PRO A 426 -13.41 -27.05 21.74
C PRO A 426 -12.34 -28.09 22.01
N ALA A 427 -12.74 -29.23 22.58
CA ALA A 427 -11.78 -30.27 22.92
C ALA A 427 -12.49 -31.58 23.25
N ILE A 428 -11.76 -32.67 23.15
CA ILE A 428 -12.27 -33.97 23.53
C ILE A 428 -11.56 -34.50 24.75
N CYS A 429 -12.31 -35.03 25.72
CA CYS A 429 -11.76 -35.64 26.92
C CYS A 429 -11.72 -37.15 26.78
N HIS A 430 -10.51 -37.71 26.78
CA HIS A 430 -10.35 -39.14 26.56
C HIS A 430 -10.31 -39.89 27.87
N ASP A 431 -9.20 -39.80 28.58
CA ASP A 431 -9.06 -40.49 29.86
C ASP A 431 -8.46 -39.58 30.93
N GLY A 432 -9.05 -38.41 31.11
CA GLY A 432 -8.58 -37.47 32.12
C GLY A 432 -7.64 -36.43 31.53
N LYS A 433 -7.51 -36.44 30.22
CA LYS A 433 -6.64 -35.50 29.52
C LYS A 433 -7.37 -34.90 28.33
N ALA A 434 -7.08 -33.63 28.06
CA ALA A 434 -7.76 -32.91 26.99
C ALA A 434 -7.02 -33.02 25.66
N HIS A 435 -7.73 -33.48 24.65
CA HIS A 435 -7.19 -33.60 23.29
C HIS A 435 -7.69 -32.47 22.40
N PHE A 436 -6.74 -31.77 21.80
CA PHE A 436 -7.06 -30.67 20.89
C PHE A 436 -6.69 -31.09 19.47
N PRO A 437 -7.42 -30.63 18.46
CA PRO A 437 -7.21 -30.97 17.06
C PRO A 437 -5.89 -30.41 16.58
N ARG A 438 -5.17 -31.22 15.82
CA ARG A 438 -3.90 -30.79 15.23
C ARG A 438 -4.18 -29.77 14.16
N GLU A 439 -5.24 -30.01 13.40
CA GLU A 439 -5.67 -29.14 12.32
C GLU A 439 -7.16 -29.37 12.05
N GLY A 440 -7.92 -28.30 12.03
CA GLY A 440 -9.36 -28.41 11.76
C GLY A 440 -10.18 -28.34 13.03
N VAL A 441 -11.44 -28.75 12.94
CA VAL A 441 -12.38 -28.62 14.04
C VAL A 441 -13.05 -29.94 14.36
N PHE A 442 -13.61 -30.04 15.56
CA PHE A 442 -14.39 -31.22 15.93
C PHE A 442 -15.86 -30.97 15.65
N VAL A 443 -16.51 -31.93 15.02
CA VAL A 443 -17.94 -31.83 14.71
C VAL A 443 -18.68 -33.14 14.95
N SER A 444 -19.96 -33.03 15.24
CA SER A 444 -20.82 -34.19 15.38
C SER A 444 -21.84 -34.27 14.25
N ASN A 445 -21.91 -35.43 13.61
CA ASN A 445 -22.84 -35.67 12.47
C ASN A 445 -24.08 -36.41 12.93
N GLY A 446 -24.39 -36.34 14.23
CA GLY A 446 -25.54 -37.02 14.84
C GLY A 446 -25.10 -37.62 16.17
N THR A 447 -24.66 -38.87 16.11
CA THR A 447 -24.21 -39.60 17.30
C THR A 447 -22.71 -39.88 17.30
N HIS A 448 -22.00 -39.35 16.31
CA HIS A 448 -20.57 -39.61 16.19
C HIS A 448 -19.77 -38.35 15.93
N TRP A 449 -18.58 -38.27 16.54
CA TRP A 449 -17.72 -37.12 16.39
C TRP A 449 -16.58 -37.36 15.41
N PHE A 450 -16.27 -36.31 14.64
CA PHE A 450 -15.22 -36.35 13.63
C PHE A 450 -14.36 -35.11 13.69
N VAL A 451 -13.17 -35.19 13.12
CA VAL A 451 -12.32 -34.02 12.95
C VAL A 451 -12.19 -33.72 11.46
N THR A 452 -12.31 -32.45 11.10
CA THR A 452 -12.25 -32.11 9.68
C THR A 452 -11.66 -30.72 9.43
N GLN A 453 -11.10 -30.53 8.25
CA GLN A 453 -10.55 -29.23 7.86
C GLN A 453 -11.66 -28.20 7.74
N ARG A 454 -11.36 -26.98 8.16
CA ARG A 454 -12.36 -25.91 8.25
C ARG A 454 -13.06 -25.57 6.94
N ASN A 455 -12.33 -25.59 5.83
CA ASN A 455 -12.88 -25.06 4.59
C ASN A 455 -13.50 -26.10 3.67
N PHE A 456 -13.63 -27.33 4.14
CA PHE A 456 -14.22 -28.37 3.32
C PHE A 456 -14.61 -29.57 4.15
N TYR A 457 -15.89 -29.92 4.13
CA TYR A 457 -16.38 -30.99 4.98
C TYR A 457 -15.91 -32.36 4.53
N GLU A 458 -14.76 -32.76 5.05
CA GLU A 458 -14.21 -34.09 4.83
C GLU A 458 -13.93 -34.75 6.17
N PRO A 459 -14.91 -35.40 6.79
CA PRO A 459 -14.88 -35.92 8.13
C PRO A 459 -13.92 -37.08 8.24
N GLN A 460 -13.12 -37.09 9.30
CA GLN A 460 -12.20 -38.18 9.58
C GLN A 460 -12.29 -38.62 11.03
N ILE A 461 -11.93 -39.86 11.27
CA ILE A 461 -11.93 -40.40 12.63
C ILE A 461 -10.93 -39.68 13.51
N ILE A 462 -11.33 -39.39 14.74
CA ILE A 462 -10.44 -38.72 15.68
C ILE A 462 -9.46 -39.74 16.26
N THR A 463 -8.18 -39.51 16.02
CA THR A 463 -7.14 -40.43 16.43
C THR A 463 -6.04 -39.70 17.16
N THR A 464 -5.10 -40.46 17.71
CA THR A 464 -3.98 -39.89 18.43
C THR A 464 -3.02 -39.15 17.49
N ASP A 465 -3.16 -39.38 16.19
CA ASP A 465 -2.33 -38.71 15.20
C ASP A 465 -2.99 -37.46 14.66
N ASN A 466 -4.22 -37.19 15.11
CA ASN A 466 -4.97 -36.03 14.64
C ASN A 466 -5.11 -34.99 15.74
N THR A 467 -4.62 -35.31 16.93
CA THR A 467 -4.77 -34.45 18.09
C THR A 467 -3.49 -34.36 18.91
N PHE A 468 -3.45 -33.41 19.83
CA PHE A 468 -2.39 -33.34 20.82
C PHE A 468 -2.96 -33.14 22.20
N VAL A 469 -2.27 -33.66 23.20
CA VAL A 469 -2.75 -33.61 24.56
C VAL A 469 -2.19 -32.41 25.31
N SER A 470 -3.07 -31.62 25.92
CA SER A 470 -2.61 -30.47 26.70
C SER A 470 -3.53 -30.18 27.88
N GLY A 471 -3.00 -30.38 29.08
CA GLY A 471 -3.77 -30.11 30.28
C GLY A 471 -4.77 -31.23 30.54
N ASN A 472 -5.56 -31.09 31.60
CA ASN A 472 -6.53 -32.12 31.95
C ASN A 472 -7.96 -31.70 31.63
N CYS A 473 -8.92 -32.59 31.91
CA CYS A 473 -10.32 -32.39 31.53
C CYS A 473 -11.08 -31.47 32.47
N ASP A 474 -10.42 -30.99 33.51
CA ASP A 474 -11.09 -30.13 34.48
C ASP A 474 -10.84 -28.66 34.18
N VAL A 475 -10.13 -28.37 33.10
CA VAL A 475 -9.78 -27.00 32.77
C VAL A 475 -10.65 -26.40 31.67
N VAL A 476 -10.86 -27.15 30.60
CA VAL A 476 -11.60 -26.64 29.44
C VAL A 476 -13.10 -26.64 29.70
N ILE A 477 -13.73 -25.52 29.42
CA ILE A 477 -15.15 -25.31 29.72
C ILE A 477 -16.11 -26.18 28.91
N GLY A 478 -15.89 -26.27 27.61
CA GLY A 478 -16.83 -26.95 26.72
C GLY A 478 -16.39 -28.36 26.33
N ILE A 479 -15.46 -28.92 27.08
CA ILE A 479 -14.88 -30.21 26.71
C ILE A 479 -15.91 -31.33 26.70
N VAL A 480 -15.83 -32.20 25.69
CA VAL A 480 -16.78 -33.29 25.52
C VAL A 480 -16.12 -34.67 25.67
N ASN A 481 -16.77 -35.56 26.44
CA ASN A 481 -16.30 -36.93 26.65
C ASN A 481 -16.45 -37.76 25.35
N ASN A 482 -15.34 -38.37 24.92
CA ASN A 482 -15.34 -39.24 23.73
C ASN A 482 -14.13 -40.16 23.71
N THR A 483 -14.03 -40.98 22.68
CA THR A 483 -12.92 -41.91 22.54
C THR A 483 -12.01 -41.52 21.39
N VAL A 484 -10.73 -41.37 21.69
CA VAL A 484 -9.72 -41.11 20.68
C VAL A 484 -9.06 -42.42 20.27
N TYR A 485 -9.03 -42.69 18.97
CA TYR A 485 -8.54 -43.97 18.49
C TYR A 485 -7.02 -44.04 18.38
N ASP A 486 -6.45 -45.07 18.99
CA ASP A 486 -5.01 -45.31 18.96
C ASP A 486 -4.67 -46.40 17.92
N PRO A 487 -4.03 -46.02 16.81
CA PRO A 487 -3.79 -46.82 15.63
C PRO A 487 -2.75 -47.90 15.83
N LEU A 488 -2.03 -47.85 16.94
CA LEU A 488 -0.94 -48.80 17.17
C LEU A 488 -1.38 -50.03 17.93
N GLN A 489 -2.36 -49.87 18.81
CA GLN A 489 -2.76 -50.97 19.68
C GLN A 489 -3.17 -52.23 18.94
N PRO A 490 -3.90 -52.14 17.81
CA PRO A 490 -4.34 -53.26 16.99
C PRO A 490 -3.16 -54.03 16.39
N GLU A 491 -1.99 -53.41 16.31
CA GLU A 491 -0.83 -54.07 15.74
C GLU A 491 -0.11 -54.88 16.79
N LEU A 492 -0.10 -54.37 18.02
CA LEU A 492 0.47 -55.14 19.13
C LEU A 492 -0.42 -56.35 19.44
N ASP A 493 -1.75 -56.13 19.37
CA ASP A 493 -2.75 -57.18 19.58
C ASP A 493 -3.30 -57.63 18.23
N VAL B 52 20.14 -2.96 25.15
CA VAL B 52 19.44 -4.20 24.86
C VAL B 52 20.30 -5.40 25.28
N ALA B 53 19.67 -6.49 25.71
CA ALA B 53 20.40 -7.74 25.98
C ALA B 53 20.88 -8.34 24.67
N CYS B 54 22.07 -8.96 24.69
CA CYS B 54 22.62 -9.62 23.53
C CYS B 54 23.35 -10.90 23.97
N SER B 55 23.18 -11.97 23.23
CA SER B 55 23.73 -13.25 23.69
C SER B 55 24.38 -14.09 22.61
N ASN B 56 25.22 -15.02 23.06
CA ASN B 56 25.98 -15.95 22.25
C ASN B 56 25.48 -17.40 22.41
N ASN B 57 24.81 -17.66 23.54
CA ASN B 57 24.42 -19.01 23.92
C ASN B 57 23.15 -19.06 24.76
N SER B 58 22.38 -17.97 24.80
CA SER B 58 21.18 -17.95 25.63
C SER B 58 20.01 -17.32 24.92
N ILE B 59 18.83 -17.43 25.51
CA ILE B 59 17.61 -16.94 24.88
C ILE B 59 16.59 -16.50 25.92
N ALA B 60 15.81 -15.47 25.59
CA ALA B 60 14.73 -15.04 26.47
C ALA B 60 13.38 -15.47 25.93
N ILE B 61 12.54 -16.02 26.80
CA ILE B 61 11.21 -16.47 26.40
C ILE B 61 10.14 -15.94 27.36
N PRO B 62 9.09 -15.31 26.84
CA PRO B 62 7.92 -14.84 27.56
C PRO B 62 7.24 -15.96 28.34
N THR B 63 6.89 -15.66 29.57
CA THR B 63 6.17 -16.60 30.45
C THR B 63 4.71 -16.19 30.65
N ASN B 64 4.37 -14.93 30.34
CA ASN B 64 3.03 -14.40 30.46
C ASN B 64 2.76 -13.41 29.33
N PHE B 65 1.49 -12.96 29.21
CA PHE B 65 1.07 -12.03 28.17
C PHE B 65 -0.10 -11.18 28.60
N THR B 66 -0.33 -10.10 27.86
CA THR B 66 -1.49 -9.26 28.06
C THR B 66 -2.21 -9.01 26.75
N ILE B 67 -3.46 -8.55 26.85
CA ILE B 67 -4.23 -8.17 25.67
C ILE B 67 -4.37 -6.67 25.64
N SER B 68 -4.01 -6.07 24.52
CA SER B 68 -4.03 -4.63 24.38
C SER B 68 -5.01 -4.20 23.30
N VAL B 69 -5.76 -3.14 23.58
CA VAL B 69 -6.65 -2.58 22.56
C VAL B 69 -6.27 -1.15 22.27
N THR B 70 -5.92 -0.88 21.02
CA THR B 70 -5.49 0.45 20.63
C THR B 70 -6.46 1.08 19.64
N THR B 71 -6.42 2.40 19.54
CA THR B 71 -7.34 3.11 18.66
C THR B 71 -6.62 3.79 17.52
N GLU B 72 -7.07 3.52 16.29
CA GLU B 72 -6.55 4.17 15.10
C GLU B 72 -7.64 4.94 14.40
N ILE B 73 -7.40 6.22 14.14
CA ILE B 73 -8.42 7.06 13.53
C ILE B 73 -8.00 7.56 12.16
N LEU B 74 -8.84 7.28 11.16
CA LEU B 74 -8.57 7.70 9.79
C LEU B 74 -9.73 8.54 9.25
N PRO B 75 -9.44 9.67 8.62
CA PRO B 75 -10.34 10.46 7.80
C PRO B 75 -10.80 9.64 6.61
N VAL B 76 -12.06 9.79 6.25
CA VAL B 76 -12.58 9.12 5.06
C VAL B 76 -13.09 10.11 4.04
N SER B 77 -13.77 11.14 4.51
CA SER B 77 -14.40 12.09 3.61
C SER B 77 -14.51 13.46 4.24
N MET B 78 -14.90 14.44 3.46
CA MET B 78 -15.11 15.79 3.95
C MET B 78 -16.43 16.35 3.48
N THR B 79 -16.90 17.41 4.14
CA THR B 79 -18.15 18.02 3.77
C THR B 79 -18.15 18.39 2.29
N LYS B 80 -19.20 18.02 1.59
CA LYS B 80 -19.30 18.32 0.16
C LYS B 80 -19.79 19.74 -0.03
N THR B 81 -18.98 20.56 -0.68
CA THR B 81 -19.37 21.94 -0.93
C THR B 81 -19.28 22.25 -2.40
N SER B 82 -19.91 23.34 -2.81
CA SER B 82 -19.85 23.77 -4.18
C SER B 82 -19.92 25.29 -4.26
N VAL B 83 -19.16 25.87 -5.17
CA VAL B 83 -19.20 27.30 -5.38
C VAL B 83 -19.68 27.60 -6.79
N ASP B 84 -20.73 28.40 -6.91
CA ASP B 84 -21.27 28.75 -8.21
C ASP B 84 -20.54 29.98 -8.73
N CYS B 85 -19.50 29.75 -9.54
CA CYS B 85 -18.54 30.78 -10.00
C CYS B 85 -19.24 32.07 -10.42
N THR B 86 -20.22 31.96 -11.29
CA THR B 86 -20.84 33.15 -11.87
C THR B 86 -21.44 34.07 -10.81
N MET B 87 -22.22 33.53 -9.89
CA MET B 87 -22.86 34.42 -8.90
C MET B 87 -21.89 34.80 -7.81
N TYR B 88 -20.94 33.92 -7.53
CA TYR B 88 -19.92 34.25 -6.54
C TYR B 88 -19.18 35.51 -6.95
N ILE B 89 -18.73 35.53 -8.20
CA ILE B 89 -17.99 36.68 -8.71
C ILE B 89 -18.84 37.92 -8.92
N CYS B 90 -20.00 37.76 -9.58
CA CYS B 90 -20.79 38.90 -10.06
C CYS B 90 -21.89 39.32 -9.08
N GLY B 91 -22.32 38.46 -8.19
CA GLY B 91 -23.35 38.85 -7.26
C GLY B 91 -24.67 39.15 -7.98
N ASP B 92 -24.91 38.46 -9.09
CA ASP B 92 -26.11 38.65 -9.89
C ASP B 92 -26.20 40.01 -10.56
N SER B 93 -25.08 40.73 -10.63
CA SER B 93 -25.08 41.98 -11.36
C SER B 93 -25.03 41.71 -12.86
N THR B 94 -25.74 42.53 -13.64
CA THR B 94 -25.82 42.35 -15.07
C THR B 94 -24.52 42.72 -15.77
N GLU B 95 -23.92 43.83 -15.35
CA GLU B 95 -22.73 44.33 -16.01
C GLU B 95 -21.57 43.34 -15.88
N CYS B 96 -21.41 42.76 -14.68
CA CYS B 96 -20.38 41.76 -14.45
C CYS B 96 -20.67 40.49 -15.23
N SER B 97 -21.91 40.04 -15.19
CA SER B 97 -22.26 38.80 -15.88
C SER B 97 -21.84 38.87 -17.34
N ASN B 98 -22.16 39.99 -17.99
CA ASN B 98 -21.80 40.14 -19.40
C ASN B 98 -20.28 40.19 -19.56
N LEU B 99 -19.61 40.85 -18.63
CA LEU B 99 -18.14 40.97 -18.68
C LEU B 99 -17.44 39.71 -18.19
N LEU B 100 -18.21 38.69 -17.83
CA LEU B 100 -17.61 37.45 -17.38
C LEU B 100 -17.64 36.41 -18.49
N LEU B 101 -18.35 36.71 -19.56
CA LEU B 101 -18.49 35.76 -20.67
C LEU B 101 -17.30 35.88 -21.61
N GLN B 102 -16.70 37.06 -21.62
CA GLN B 102 -15.57 37.33 -22.49
C GLN B 102 -14.34 36.53 -22.08
N TYR B 103 -14.38 35.99 -20.86
CA TYR B 103 -13.25 35.25 -20.30
C TYR B 103 -13.30 33.76 -20.64
N GLY B 104 -14.34 33.33 -21.33
CA GLY B 104 -14.40 31.95 -21.77
C GLY B 104 -14.96 31.00 -20.71
N SER B 105 -14.31 29.86 -20.56
CA SER B 105 -14.86 28.74 -19.81
C SER B 105 -14.16 28.51 -18.47
N PHE B 106 -13.61 29.55 -17.88
CA PHE B 106 -12.96 29.40 -16.58
C PHE B 106 -13.92 28.93 -15.48
N CYS B 107 -15.11 29.52 -15.45
CA CYS B 107 -16.15 29.16 -14.48
C CYS B 107 -16.61 27.73 -14.70
N THR B 108 -16.66 27.31 -15.95
CA THR B 108 -17.06 25.97 -16.28
C THR B 108 -16.07 24.98 -15.70
N GLN B 109 -14.78 25.23 -15.90
CA GLN B 109 -13.75 24.34 -15.38
C GLN B 109 -13.73 24.31 -13.87
N LEU B 110 -13.91 25.46 -13.24
CA LEU B 110 -13.85 25.52 -11.79
C LEU B 110 -15.05 24.83 -11.17
N ASN B 111 -16.21 25.00 -11.79
CA ASN B 111 -17.43 24.36 -11.28
C ASN B 111 -17.33 22.86 -11.40
N ARG B 112 -16.73 22.39 -12.50
CA ARG B 112 -16.59 20.97 -12.72
C ARG B 112 -15.53 20.37 -11.80
N ALA B 113 -14.51 21.15 -11.48
CA ALA B 113 -13.46 20.68 -10.59
C ALA B 113 -14.03 20.41 -9.21
N LEU B 114 -14.87 21.33 -8.72
CA LEU B 114 -15.48 21.18 -7.42
C LEU B 114 -16.56 20.11 -7.41
N THR B 115 -17.30 20.00 -8.51
CA THR B 115 -18.33 18.97 -8.60
C THR B 115 -17.68 17.60 -8.50
N GLY B 116 -16.57 17.43 -9.19
CA GLY B 116 -15.84 16.17 -9.17
C GLY B 116 -15.42 15.81 -7.75
N ILE B 117 -14.94 16.80 -6.99
CA ILE B 117 -14.54 16.53 -5.61
C ILE B 117 -15.72 16.05 -4.79
N ALA B 118 -16.85 16.74 -4.91
CA ALA B 118 -18.03 16.39 -4.14
C ALA B 118 -18.46 14.96 -4.42
N VAL B 119 -18.41 14.55 -5.68
CA VAL B 119 -18.79 13.20 -6.05
C VAL B 119 -17.88 12.17 -5.41
N GLU B 120 -16.59 12.44 -5.43
CA GLU B 120 -15.62 11.51 -4.87
C GLU B 120 -15.85 11.27 -3.39
N GLN B 121 -16.37 12.26 -2.69
CA GLN B 121 -16.58 12.12 -1.26
C GLN B 121 -17.55 10.99 -0.94
N ASP B 122 -18.53 10.76 -1.82
CA ASP B 122 -19.48 9.67 -1.59
C ASP B 122 -18.86 8.35 -1.98
N LYS B 123 -18.02 8.37 -3.00
CA LYS B 123 -17.32 7.16 -3.41
C LYS B 123 -16.40 6.70 -2.30
N ASN B 124 -15.73 7.65 -1.66
CA ASN B 124 -14.79 7.31 -0.60
C ASN B 124 -15.52 6.65 0.56
N THR B 125 -16.69 7.18 0.89
CA THR B 125 -17.46 6.65 2.00
C THR B 125 -17.93 5.23 1.73
N GLN B 126 -18.50 5.00 0.55
CA GLN B 126 -19.06 3.67 0.30
C GLN B 126 -17.96 2.62 0.15
N GLU B 127 -16.80 3.02 -0.36
CA GLU B 127 -15.70 2.08 -0.51
C GLU B 127 -15.20 1.56 0.83
N VAL B 128 -15.23 2.42 1.84
CA VAL B 128 -14.78 2.03 3.17
C VAL B 128 -15.84 1.25 3.93
N PHE B 129 -17.07 1.74 3.93
CA PHE B 129 -18.10 1.17 4.78
C PHE B 129 -18.96 0.09 4.11
N ALA B 130 -19.33 0.30 2.86
CA ALA B 130 -20.29 -0.58 2.21
C ALA B 130 -19.61 -1.80 1.60
N GLN B 131 -19.01 -2.62 2.47
CA GLN B 131 -18.31 -3.81 2.01
C GLN B 131 -19.12 -5.07 2.26
N VAL B 132 -20.29 -4.88 2.85
CA VAL B 132 -21.21 -5.99 3.11
C VAL B 132 -22.55 -5.65 2.48
N LYS B 133 -23.12 -6.60 1.75
CA LYS B 133 -24.38 -6.37 1.05
C LYS B 133 -25.57 -6.59 1.97
N GLN B 134 -25.41 -7.50 2.93
CA GLN B 134 -26.49 -7.84 3.83
C GLN B 134 -26.42 -7.01 5.11
N ILE B 135 -27.57 -6.83 5.75
CA ILE B 135 -27.60 -6.19 7.06
C ILE B 135 -27.84 -7.24 8.13
N TYR B 136 -26.87 -7.39 9.02
CA TYR B 136 -26.89 -8.41 10.04
C TYR B 136 -27.26 -7.83 11.39
N LYS B 137 -27.87 -8.65 12.23
CA LYS B 137 -28.24 -8.24 13.57
C LYS B 137 -27.79 -9.30 14.57
N THR B 138 -27.41 -8.87 15.78
CA THR B 138 -27.07 -9.83 16.82
C THR B 138 -28.35 -10.30 17.54
N PRO B 139 -28.37 -11.52 18.06
CA PRO B 139 -29.36 -12.06 18.97
C PRO B 139 -29.40 -11.29 20.28
N PRO B 140 -30.52 -11.39 21.01
CA PRO B 140 -30.76 -10.90 22.37
C PRO B 140 -29.97 -11.68 23.41
N ILE B 141 -29.34 -12.78 22.97
CA ILE B 141 -28.54 -13.60 23.87
C ILE B 141 -27.07 -13.30 23.67
N LYS B 142 -26.45 -12.72 24.70
CA LYS B 142 -25.05 -12.36 24.60
C LYS B 142 -24.17 -13.40 25.31
N ASP B 143 -23.99 -14.54 24.65
CA ASP B 143 -23.23 -15.65 25.21
C ASP B 143 -21.93 -15.87 24.44
N PHE B 144 -20.93 -15.04 24.74
CA PHE B 144 -19.71 -15.05 23.97
C PHE B 144 -18.53 -15.61 24.77
N GLY B 145 -18.85 -16.26 25.89
CA GLY B 145 -17.80 -16.87 26.70
C GLY B 145 -17.12 -15.92 27.66
N GLY B 146 -17.81 -14.84 28.04
CA GLY B 146 -17.26 -13.88 29.00
C GLY B 146 -16.80 -12.59 28.35
N PHE B 147 -16.86 -12.54 27.03
CA PHE B 147 -16.44 -11.34 26.31
C PHE B 147 -17.60 -10.35 26.21
N ASN B 148 -17.38 -9.16 26.79
CA ASN B 148 -18.40 -8.11 26.88
C ASN B 148 -18.24 -7.10 25.74
N PHE B 149 -19.22 -7.04 24.84
CA PHE B 149 -19.21 -6.16 23.66
C PHE B 149 -20.25 -5.06 23.77
N SER B 150 -20.74 -4.81 24.97
CA SER B 150 -21.84 -3.87 25.15
C SER B 150 -21.50 -2.43 24.77
N GLN B 151 -20.21 -2.13 24.67
CA GLN B 151 -19.78 -0.77 24.39
C GLN B 151 -19.57 -0.52 22.90
N ILE B 152 -19.57 -1.59 22.11
CA ILE B 152 -19.36 -1.43 20.67
C ILE B 152 -20.61 -1.77 19.89
N LEU B 153 -21.51 -2.55 20.50
CA LEU B 153 -22.77 -2.91 19.86
C LEU B 153 -23.77 -1.77 20.01
N PRO B 154 -24.67 -1.61 19.03
CA PRO B 154 -25.68 -0.57 18.96
C PRO B 154 -26.65 -0.65 20.12
N ASP B 155 -26.95 0.51 20.70
CA ASP B 155 -27.88 0.61 21.80
C ASP B 155 -29.17 1.30 21.34
N PRO B 156 -30.30 0.59 21.28
CA PRO B 156 -31.56 1.00 20.69
C PRO B 156 -32.17 2.22 21.37
N SER B 157 -31.71 2.52 22.58
CA SER B 157 -32.23 3.67 23.32
C SER B 157 -31.51 4.96 22.94
N LYS B 158 -30.42 4.83 22.18
CA LYS B 158 -29.60 5.96 21.79
C LYS B 158 -30.07 6.53 20.45
N PRO B 159 -29.78 7.80 20.18
CA PRO B 159 -30.02 8.48 18.92
C PRO B 159 -29.27 7.79 17.81
N SER B 160 -29.96 7.58 16.69
CA SER B 160 -29.40 6.90 15.53
C SER B 160 -28.98 5.48 15.86
N LYS B 161 -29.39 5.00 17.04
CA LYS B 161 -29.07 3.66 17.50
C LYS B 161 -27.56 3.41 17.46
N ARG B 162 -26.79 4.40 17.89
CA ARG B 162 -25.35 4.26 17.98
C ARG B 162 -24.94 3.49 19.23
N SER B 163 -23.73 2.94 19.22
CA SER B 163 -23.17 2.29 20.40
C SER B 163 -22.63 3.36 21.34
N PHE B 164 -22.29 2.95 22.56
CA PHE B 164 -21.77 3.89 23.55
C PHE B 164 -20.52 4.61 23.05
N ILE B 165 -19.55 3.85 22.57
CA ILE B 165 -18.30 4.46 22.12
C ILE B 165 -18.53 5.39 20.95
N GLU B 166 -19.39 5.00 20.01
CA GLU B 166 -19.67 5.87 18.87
C GLU B 166 -20.28 7.19 19.35
N ASP B 167 -21.16 7.11 20.33
CA ASP B 167 -21.77 8.33 20.86
C ASP B 167 -20.70 9.25 21.44
N LEU B 168 -19.66 8.66 22.03
CA LEU B 168 -18.57 9.47 22.57
C LEU B 168 -17.83 10.19 21.45
N LEU B 169 -17.59 9.49 20.35
CA LEU B 169 -16.88 10.08 19.22
C LEU B 169 -17.68 11.23 18.61
N PHE B 170 -18.98 11.02 18.47
CA PHE B 170 -19.83 12.04 17.86
C PHE B 170 -19.95 13.28 18.72
N ASN B 171 -19.86 13.11 20.04
CA ASN B 171 -19.97 14.23 20.95
C ASN B 171 -18.63 14.84 21.30
N LYS B 172 -17.57 14.41 20.61
CA LYS B 172 -16.24 14.96 20.85
C LYS B 172 -15.77 15.83 19.69
N VAL B 173 -16.13 15.44 18.48
CA VAL B 173 -15.73 16.23 17.31
C VAL B 173 -16.67 17.42 17.15
N THR B 174 -16.10 18.61 17.05
CA THR B 174 -16.92 19.82 16.96
C THR B 174 -17.06 20.27 15.50
N LEU B 175 -18.32 20.36 15.03
CA LEU B 175 -18.63 20.71 13.64
C LEU B 175 -19.05 22.16 13.53
N PHE B 180 -19.29 28.64 9.66
CA PHE B 180 -19.87 29.03 8.37
C PHE B 180 -20.91 28.01 7.90
N ILE B 181 -20.54 26.73 7.94
CA ILE B 181 -21.40 25.63 7.47
C ILE B 181 -22.68 25.54 8.28
N LYS B 182 -22.56 25.71 9.58
CA LYS B 182 -23.74 25.66 10.44
C LYS B 182 -24.72 26.77 10.10
N GLN B 183 -24.22 27.91 9.64
CA GLN B 183 -25.09 29.04 9.31
C GLN B 183 -25.92 28.72 8.10
N TYR B 184 -25.30 28.04 7.13
CA TYR B 184 -26.01 27.58 5.95
C TYR B 184 -27.08 26.57 6.35
N GLY B 185 -26.70 25.63 7.21
CA GLY B 185 -27.63 24.62 7.69
C GLY B 185 -28.82 25.27 8.40
N ASP B 186 -28.55 26.37 9.12
CA ASP B 186 -29.58 27.09 9.85
C ASP B 186 -30.57 27.84 8.95
N CYS B 187 -30.10 28.38 7.80
CA CYS B 187 -30.99 29.17 6.93
C CYS B 187 -31.94 28.26 6.18
N LEU B 188 -31.57 27.02 5.93
CA LEU B 188 -32.46 26.08 5.27
C LEU B 188 -33.59 25.66 6.21
N ASP B 195 -33.04 25.68 -2.20
CA ASP B 195 -31.71 25.95 -1.67
C ASP B 195 -31.10 27.26 -2.22
N LEU B 196 -31.69 27.80 -3.29
CA LEU B 196 -31.24 29.04 -3.92
C LEU B 196 -31.33 30.22 -2.97
N ILE B 197 -32.36 30.23 -2.14
CA ILE B 197 -32.56 31.33 -1.20
C ILE B 197 -31.33 31.56 -0.32
N CYS B 198 -30.73 30.46 0.17
CA CYS B 198 -29.51 30.53 0.97
C CYS B 198 -28.30 30.90 0.10
N ALA B 199 -28.23 30.35 -1.11
CA ALA B 199 -27.11 30.66 -1.99
C ALA B 199 -27.01 32.16 -2.24
N GLN B 200 -28.16 32.82 -2.31
CA GLN B 200 -28.20 34.26 -2.55
C GLN B 200 -27.64 35.05 -1.37
N LYS B 201 -27.56 34.42 -0.21
CA LYS B 201 -27.09 35.09 1.00
C LYS B 201 -25.66 34.70 1.34
N PHE B 202 -25.23 33.54 0.85
CA PHE B 202 -23.89 33.03 1.14
C PHE B 202 -22.95 33.14 -0.05
N ASN B 203 -23.28 34.04 -0.97
CA ASN B 203 -22.42 34.37 -2.10
C ASN B 203 -22.09 33.17 -2.98
N GLY B 204 -23.06 32.29 -3.20
CA GLY B 204 -22.86 31.17 -4.11
C GLY B 204 -22.18 29.99 -3.46
N LEU B 205 -21.96 30.06 -2.16
CA LEU B 205 -21.32 28.97 -1.43
C LEU B 205 -22.39 28.09 -0.80
N THR B 206 -22.48 26.84 -1.26
CA THR B 206 -23.50 25.94 -0.76
C THR B 206 -22.91 24.64 -0.23
N VAL B 207 -23.72 23.94 0.56
CA VAL B 207 -23.32 22.68 1.15
C VAL B 207 -24.28 21.57 0.72
N LEU B 208 -23.73 20.47 0.24
CA LEU B 208 -24.54 19.37 -0.26
C LEU B 208 -24.60 18.25 0.78
N PRO B 209 -25.73 17.54 0.87
CA PRO B 209 -25.94 16.37 1.70
C PRO B 209 -25.22 15.16 1.12
N PRO B 210 -24.80 14.22 1.96
CA PRO B 210 -24.23 12.93 1.64
C PRO B 210 -25.28 11.98 1.13
N LEU B 211 -24.86 11.01 0.32
CA LEU B 211 -25.79 9.95 -0.09
C LEU B 211 -26.07 9.01 1.07
N LEU B 212 -25.06 8.74 1.88
CA LEU B 212 -25.23 7.89 3.04
C LEU B 212 -25.28 8.72 4.31
N THR B 213 -26.42 8.68 4.98
CA THR B 213 -26.62 9.43 6.21
C THR B 213 -26.00 8.68 7.38
N ASP B 214 -25.92 9.33 8.53
CA ASP B 214 -25.28 8.72 9.69
C ASP B 214 -25.91 7.39 10.04
N GLU B 215 -27.22 7.29 9.91
CA GLU B 215 -27.93 6.06 10.24
C GLU B 215 -27.54 4.94 9.28
N MET B 216 -27.39 5.27 8.01
CA MET B 216 -27.04 4.26 7.01
C MET B 216 -25.64 3.72 7.25
N ILE B 217 -24.74 4.62 7.60
CA ILE B 217 -23.37 4.23 7.89
C ILE B 217 -23.33 3.38 9.15
N ALA B 218 -24.11 3.79 10.15
CA ALA B 218 -24.19 3.04 11.39
C ALA B 218 -24.69 1.63 11.15
N GLN B 219 -25.63 1.47 10.21
CA GLN B 219 -26.15 0.15 9.89
C GLN B 219 -25.08 -0.73 9.27
N TYR B 220 -24.26 -0.15 8.40
CA TYR B 220 -23.17 -0.90 7.82
C TYR B 220 -22.19 -1.35 8.88
N THR B 221 -21.86 -0.45 9.80
CA THR B 221 -20.94 -0.77 10.88
C THR B 221 -21.51 -1.87 11.75
N SER B 222 -22.79 -1.78 12.06
CA SER B 222 -23.45 -2.78 12.88
C SER B 222 -23.42 -4.14 12.19
N ALA B 223 -23.70 -4.16 10.89
CA ALA B 223 -23.69 -5.40 10.14
C ALA B 223 -22.31 -6.04 10.13
N LEU B 224 -21.28 -5.22 9.99
CA LEU B 224 -19.92 -5.73 10.00
C LEU B 224 -19.56 -6.31 11.36
N LEU B 225 -20.00 -5.65 12.43
CA LEU B 225 -19.72 -6.14 13.77
C LEU B 225 -20.44 -7.43 14.06
N ALA B 226 -21.71 -7.51 13.66
CA ALA B 226 -22.49 -8.72 13.91
C ALA B 226 -21.86 -9.88 13.17
N GLY B 227 -21.39 -9.62 11.96
CA GLY B 227 -20.71 -10.63 11.16
C GLY B 227 -19.43 -11.08 11.85
N THR B 228 -18.58 -10.12 12.18
CA THR B 228 -17.29 -10.41 12.79
C THR B 228 -17.44 -11.24 14.05
N ILE B 229 -18.41 -10.90 14.89
CA ILE B 229 -18.60 -11.58 16.15
C ILE B 229 -19.16 -12.99 16.03
N CYS B 230 -20.18 -13.19 15.18
CA CYS B 230 -20.90 -14.46 15.08
C CYS B 230 -20.32 -15.38 14.00
N SER B 231 -19.66 -14.86 12.97
CA SER B 231 -19.20 -15.70 11.87
C SER B 231 -17.73 -15.48 11.50
N GLY B 232 -16.99 -14.75 12.34
CA GLY B 232 -15.57 -14.53 12.10
C GLY B 232 -15.31 -13.78 10.80
N TRP B 233 -14.42 -14.33 9.96
CA TRP B 233 -14.07 -13.68 8.69
C TRP B 233 -14.69 -14.36 7.49
N THR B 234 -15.47 -15.41 7.74
CA THR B 234 -15.90 -16.26 6.63
C THR B 234 -16.85 -15.51 5.72
N PHE B 235 -17.63 -14.62 6.29
CA PHE B 235 -18.61 -13.86 5.56
C PHE B 235 -17.97 -12.86 4.60
N GLY B 236 -16.68 -12.60 4.81
CA GLY B 236 -15.96 -11.67 3.96
C GLY B 236 -15.47 -12.34 2.68
N ALA B 237 -15.52 -13.67 2.64
CA ALA B 237 -15.03 -14.43 1.49
C ALA B 237 -16.18 -15.16 0.80
N GLY B 238 -17.17 -15.57 1.60
CA GLY B 238 -18.28 -16.36 1.10
C GLY B 238 -19.50 -16.16 2.00
N PRO B 239 -20.30 -17.20 2.18
CA PRO B 239 -21.43 -17.28 3.09
C PRO B 239 -20.96 -17.13 4.52
N ALA B 240 -21.84 -16.61 5.39
CA ALA B 240 -21.49 -16.46 6.79
C ALA B 240 -21.67 -17.79 7.52
N LEU B 241 -20.58 -18.28 8.11
CA LEU B 241 -20.59 -19.56 8.79
C LEU B 241 -20.48 -19.36 10.30
N GLN B 242 -21.56 -19.66 11.01
CA GLN B 242 -21.57 -19.43 12.45
C GLN B 242 -20.53 -20.28 13.17
N ILE B 243 -19.94 -19.71 14.19
CA ILE B 243 -18.94 -20.36 15.03
C ILE B 243 -18.84 -19.66 16.38
N PRO B 244 -18.80 -20.38 17.51
CA PRO B 244 -18.65 -19.87 18.85
C PRO B 244 -17.47 -18.93 18.95
N PHE B 245 -17.66 -17.80 19.61
CA PHE B 245 -16.64 -16.79 19.69
C PHE B 245 -15.30 -17.34 20.22
N PRO B 246 -15.30 -18.14 21.32
CA PRO B 246 -14.11 -18.74 21.90
C PRO B 246 -13.33 -19.58 20.89
N MET B 247 -14.01 -20.13 19.89
CA MET B 247 -13.33 -20.92 18.89
C MET B 247 -12.69 -20.04 17.84
N GLN B 248 -13.29 -18.89 17.59
CA GLN B 248 -12.70 -17.96 16.65
C GLN B 248 -11.38 -17.48 17.20
N MET B 249 -11.39 -17.18 18.50
CA MET B 249 -10.20 -16.71 19.17
C MET B 249 -9.12 -17.79 19.16
N ALA B 250 -9.54 -19.04 19.32
CA ALA B 250 -8.58 -20.15 19.30
C ALA B 250 -7.82 -20.19 18.01
N TYR B 251 -8.50 -19.89 16.92
CA TYR B 251 -7.93 -19.97 15.59
C TYR B 251 -7.19 -18.70 15.22
N ARG B 252 -7.42 -17.64 15.98
CA ARG B 252 -6.66 -16.42 15.82
C ARG B 252 -5.35 -16.50 16.61
N PHE B 253 -5.37 -17.22 17.73
CA PHE B 253 -4.17 -17.41 18.54
C PHE B 253 -3.13 -18.27 17.81
N GLU B 254 -3.55 -19.39 17.25
CA GLU B 254 -2.60 -20.23 16.51
C GLU B 254 -2.07 -19.46 15.31
N GLY B 255 -2.87 -18.51 14.83
CA GLY B 255 -2.53 -17.70 13.68
C GLY B 255 -1.39 -16.73 13.95
N ILE B 256 -1.02 -16.59 15.21
CA ILE B 256 0.11 -15.73 15.57
C ILE B 256 1.22 -16.55 16.23
N GLY B 257 1.15 -17.86 16.08
CA GLY B 257 2.18 -18.74 16.61
C GLY B 257 1.97 -19.14 18.06
N VAL B 258 0.74 -19.00 18.56
CA VAL B 258 0.46 -19.40 19.93
C VAL B 258 -0.53 -20.54 19.97
N THR B 259 -0.11 -21.67 20.50
CA THR B 259 -0.94 -22.87 20.48
C THR B 259 -2.30 -22.59 21.13
N GLN B 260 -3.36 -23.08 20.49
CA GLN B 260 -4.74 -22.80 20.89
C GLN B 260 -5.08 -23.21 22.32
N ASN B 261 -4.30 -24.11 22.90
CA ASN B 261 -4.61 -24.56 24.25
C ASN B 261 -4.45 -23.42 25.24
N VAL B 262 -3.65 -22.41 24.88
CA VAL B 262 -3.42 -21.29 25.77
C VAL B 262 -4.72 -20.55 26.04
N LEU B 263 -5.50 -20.34 24.99
CA LEU B 263 -6.76 -19.64 25.12
C LEU B 263 -7.73 -20.38 26.01
N TYR B 264 -7.90 -21.66 25.75
CA TYR B 264 -8.90 -22.43 26.47
C TYR B 264 -8.54 -22.56 27.94
N GLU B 265 -7.25 -22.70 28.22
CA GLU B 265 -6.78 -22.86 29.58
C GLU B 265 -6.83 -21.54 30.35
N ASN B 266 -6.66 -20.43 29.63
CA ASN B 266 -6.67 -19.11 30.26
C ASN B 266 -7.85 -18.26 29.79
N GLN B 267 -8.93 -18.89 29.36
CA GLN B 267 -10.04 -18.15 28.78
C GLN B 267 -10.60 -17.09 29.70
N LYS B 268 -10.71 -17.40 30.99
CA LYS B 268 -11.31 -16.44 31.92
C LYS B 268 -10.43 -15.21 32.07
N LEU B 269 -9.13 -15.42 32.22
CA LEU B 269 -8.19 -14.31 32.32
C LEU B 269 -8.22 -13.44 31.08
N ILE B 270 -8.23 -14.08 29.93
CA ILE B 270 -8.22 -13.36 28.67
C ILE B 270 -9.46 -12.52 28.51
N ALA B 271 -10.62 -13.08 28.84
CA ALA B 271 -11.87 -12.33 28.75
C ALA B 271 -11.83 -11.11 29.67
N ASN B 272 -11.25 -11.28 30.85
CA ASN B 272 -11.15 -10.17 31.80
C ASN B 272 -10.21 -9.08 31.31
N GLN B 273 -9.07 -9.49 30.75
CA GLN B 273 -8.12 -8.51 30.22
C GLN B 273 -8.76 -7.74 29.08
N PHE B 274 -9.52 -8.46 28.25
CA PHE B 274 -10.21 -7.84 27.13
C PHE B 274 -11.22 -6.80 27.61
N ASN B 275 -12.06 -7.19 28.56
CA ASN B 275 -13.12 -6.31 29.03
C ASN B 275 -12.56 -5.04 29.64
N SER B 276 -11.46 -5.17 30.38
CA SER B 276 -10.83 -3.99 30.97
C SER B 276 -10.21 -3.11 29.90
N ALA B 277 -9.60 -3.74 28.90
CA ALA B 277 -8.97 -3.01 27.81
C ALA B 277 -9.98 -2.14 27.07
N ILE B 278 -11.21 -2.64 26.95
CA ILE B 278 -12.26 -1.89 26.30
C ILE B 278 -12.72 -0.72 27.15
N GLY B 279 -12.90 -0.96 28.45
CA GLY B 279 -13.35 0.10 29.34
C GLY B 279 -12.39 1.29 29.31
N LYS B 280 -11.10 1.01 29.23
CA LYS B 280 -10.07 2.05 29.22
C LYS B 280 -10.14 2.97 28.00
N ILE B 281 -10.85 2.52 26.97
CA ILE B 281 -10.97 3.31 25.75
C ILE B 281 -11.73 4.59 26.04
N GLN B 282 -12.73 4.50 26.91
CA GLN B 282 -13.58 5.64 27.22
C GLN B 282 -12.76 6.74 27.89
N ASP B 283 -11.83 6.35 28.72
CA ASP B 283 -10.99 7.31 29.43
C ASP B 283 -10.02 7.96 28.47
N SER B 284 -9.50 7.19 27.53
CA SER B 284 -8.56 7.72 26.57
C SER B 284 -9.20 8.79 25.70
N LEU B 285 -10.43 8.54 25.26
CA LEU B 285 -11.14 9.48 24.42
C LEU B 285 -11.61 10.70 25.21
N SER B 286 -12.02 10.48 26.47
CA SER B 286 -12.53 11.57 27.29
C SER B 286 -11.43 12.46 27.85
N SER B 287 -10.25 11.88 28.10
CA SER B 287 -9.15 12.62 28.69
C SER B 287 -8.46 13.55 27.69
N THR B 288 -8.04 13.02 26.56
CA THR B 288 -7.29 13.81 25.58
C THR B 288 -7.84 13.61 24.15
N PRO B 289 -7.52 14.52 23.22
CA PRO B 289 -7.74 14.39 21.79
C PRO B 289 -6.91 13.25 21.22
N SER B 290 -7.29 12.02 21.58
CA SER B 290 -6.56 10.82 21.17
C SER B 290 -6.72 10.57 19.68
N ALA B 291 -5.93 11.29 18.89
CA ALA B 291 -5.98 11.24 17.43
C ALA B 291 -7.31 11.78 16.92
N LEU B 292 -8.08 12.40 17.81
CA LEU B 292 -9.33 13.03 17.42
C LEU B 292 -9.04 14.29 16.65
N GLY B 293 -7.82 14.78 16.78
CA GLY B 293 -7.39 15.95 16.06
C GLY B 293 -7.33 15.67 14.56
N LYS B 294 -7.24 14.40 14.20
CA LYS B 294 -7.19 14.03 12.79
C LYS B 294 -8.51 14.33 12.11
N LEU B 295 -9.57 14.36 12.89
CA LEU B 295 -10.91 14.63 12.37
C LEU B 295 -11.27 16.09 12.61
N GLN B 296 -10.79 16.65 13.70
CA GLN B 296 -11.07 18.04 14.01
C GLN B 296 -10.37 18.94 13.00
N ASP B 297 -9.20 18.52 12.54
CA ASP B 297 -8.43 19.26 11.55
C ASP B 297 -9.14 19.28 10.21
N VAL B 298 -9.89 18.24 9.90
CA VAL B 298 -10.60 18.21 8.63
C VAL B 298 -11.61 19.33 8.64
N VAL B 299 -12.31 19.46 9.75
CA VAL B 299 -13.31 20.50 9.92
C VAL B 299 -12.67 21.88 9.89
N ASN B 300 -11.58 22.04 10.62
CA ASN B 300 -10.96 23.35 10.74
C ASN B 300 -10.36 23.81 9.42
N GLN B 301 -9.70 22.90 8.71
CA GLN B 301 -9.02 23.25 7.47
C GLN B 301 -10.01 23.65 6.39
N ASN B 302 -11.15 22.98 6.36
CA ASN B 302 -12.14 23.29 5.36
C ASN B 302 -12.86 24.59 5.70
N ALA B 303 -13.12 24.80 6.98
CA ALA B 303 -13.83 25.99 7.41
C ALA B 303 -13.06 27.26 7.08
N GLN B 304 -11.76 27.25 7.33
CA GLN B 304 -10.94 28.43 7.08
C GLN B 304 -10.73 28.67 5.59
N ALA B 305 -10.78 27.62 4.80
CA ALA B 305 -10.67 27.76 3.36
C ALA B 305 -11.87 28.53 2.82
N LEU B 306 -13.03 28.26 3.41
CA LEU B 306 -14.24 28.97 3.03
C LEU B 306 -14.20 30.40 3.53
N ASN B 307 -13.61 30.60 4.71
CA ASN B 307 -13.48 31.94 5.27
C ASN B 307 -12.59 32.79 4.38
N PHE B 308 -11.58 32.19 3.77
CA PHE B 308 -10.71 32.91 2.86
C PHE B 308 -11.52 33.47 1.69
N LEU B 309 -12.33 32.63 1.06
CA LEU B 309 -13.15 33.09 -0.06
C LEU B 309 -14.00 34.27 0.35
N VAL B 310 -14.62 34.18 1.52
CA VAL B 310 -15.50 35.24 1.97
C VAL B 310 -14.74 36.54 2.19
N LYS B 311 -13.60 36.45 2.83
CA LYS B 311 -12.79 37.64 3.11
C LYS B 311 -12.33 38.32 1.83
N GLN B 312 -12.03 37.54 0.80
CA GLN B 312 -11.52 38.10 -0.44
C GLN B 312 -12.57 38.93 -1.17
N LEU B 313 -13.84 38.76 -0.81
CA LEU B 313 -14.91 39.50 -1.46
C LEU B 313 -14.99 40.92 -0.91
N SER B 314 -14.11 41.24 0.04
CA SER B 314 -14.01 42.58 0.59
C SER B 314 -12.74 43.30 0.13
N SER B 315 -11.96 42.64 -0.73
CA SER B 315 -10.70 43.19 -1.20
C SER B 315 -10.89 44.05 -2.46
N ASN B 316 -10.00 45.02 -2.65
CA ASN B 316 -10.06 45.88 -3.83
C ASN B 316 -9.18 45.36 -4.96
N CYS B 317 -8.00 44.84 -4.61
CA CYS B 317 -7.03 44.32 -5.55
C CYS B 317 -6.63 45.35 -6.61
N GLY B 318 -6.70 46.62 -6.22
CA GLY B 318 -6.34 47.71 -7.12
C GLY B 318 -7.59 48.39 -7.70
N ALA B 319 -8.75 47.77 -7.50
CA ALA B 319 -10.00 48.34 -7.96
C ALA B 319 -10.40 49.52 -7.10
N ILE B 320 -11.25 50.38 -7.64
CA ILE B 320 -11.72 51.57 -6.93
C ILE B 320 -12.45 51.22 -5.63
N SER B 321 -13.12 50.06 -5.62
CA SER B 321 -13.79 49.59 -4.41
C SER B 321 -14.05 48.10 -4.52
N SER B 322 -14.55 47.51 -3.44
CA SER B 322 -14.88 46.10 -3.41
C SER B 322 -16.37 45.83 -3.64
N VAL B 323 -17.09 46.89 -3.99
CA VAL B 323 -18.54 46.75 -4.17
C VAL B 323 -18.95 47.10 -5.59
N LEU B 324 -19.55 46.15 -6.28
CA LEU B 324 -19.92 46.35 -7.67
C LEU B 324 -20.92 47.48 -7.83
N ASN B 325 -21.80 47.64 -6.85
CA ASN B 325 -22.79 48.71 -6.93
C ASN B 325 -22.14 50.08 -6.84
N ASP B 326 -21.04 50.17 -6.09
CA ASP B 326 -20.35 51.45 -5.94
C ASP B 326 -19.42 51.72 -7.11
N ILE B 327 -18.96 50.65 -7.75
CA ILE B 327 -18.15 50.81 -8.96
C ILE B 327 -19.01 51.37 -10.08
N LEU B 328 -20.20 50.83 -10.24
CA LEU B 328 -21.13 51.29 -11.26
C LEU B 328 -21.68 52.67 -10.96
N SER B 329 -21.95 52.95 -9.70
CA SER B 329 -22.47 54.25 -9.31
C SER B 329 -21.37 55.31 -9.34
N ARG B 330 -21.74 56.53 -9.76
CA ARG B 330 -20.81 57.66 -9.74
C ARG B 330 -19.56 57.39 -10.57
N LEU B 331 -19.72 56.71 -11.69
CA LEU B 331 -18.59 56.41 -12.57
C LEU B 331 -19.09 56.14 -13.98
N ASP B 332 -18.48 56.79 -14.98
CA ASP B 332 -18.93 56.59 -16.34
C ASP B 332 -18.64 55.16 -16.79
N LYS B 333 -19.46 54.68 -17.72
CA LYS B 333 -19.43 53.27 -18.13
C LYS B 333 -18.05 52.77 -18.58
N PRO B 334 -17.34 53.49 -19.48
CA PRO B 334 -16.08 53.07 -20.07
C PRO B 334 -15.02 52.80 -19.00
N GLU B 335 -15.17 53.39 -17.82
CA GLU B 335 -14.22 53.15 -16.75
C GLU B 335 -14.75 52.08 -15.82
N ALA B 336 -16.06 52.07 -15.60
CA ALA B 336 -16.66 51.06 -14.75
C ALA B 336 -16.34 49.68 -15.31
N GLU B 337 -16.29 49.58 -16.62
CA GLU B 337 -15.95 48.31 -17.26
C GLU B 337 -14.57 47.87 -16.84
N VAL B 338 -13.65 48.83 -16.74
CA VAL B 338 -12.27 48.52 -16.37
C VAL B 338 -12.18 48.11 -14.91
N GLN B 339 -12.87 48.84 -14.06
CA GLN B 339 -12.83 48.55 -12.63
C GLN B 339 -13.48 47.21 -12.34
N ILE B 340 -14.53 46.87 -13.08
CA ILE B 340 -15.20 45.60 -12.91
C ILE B 340 -14.31 44.48 -13.39
N GLN B 341 -13.68 44.65 -14.55
CA GLN B 341 -12.78 43.63 -15.08
C GLN B 341 -11.64 43.37 -14.12
N ARG B 342 -11.12 44.43 -13.51
CA ARG B 342 -10.03 44.29 -12.56
C ARG B 342 -10.48 43.49 -11.34
N LEU B 343 -11.69 43.79 -10.86
CA LEU B 343 -12.24 43.10 -9.71
C LEU B 343 -12.56 41.64 -10.05
N ILE B 344 -13.06 41.40 -11.26
CA ILE B 344 -13.34 40.05 -11.69
C ILE B 344 -12.07 39.23 -11.72
N THR B 345 -11.01 39.82 -12.27
CA THR B 345 -9.74 39.11 -12.38
C THR B 345 -9.28 38.64 -11.01
N CYS B 346 -9.31 39.51 -10.01
CA CYS B 346 -8.86 39.16 -8.66
C CYS B 346 -9.75 38.11 -8.02
N ARG B 347 -11.07 38.27 -8.15
CA ARG B 347 -11.99 37.33 -7.54
C ARG B 347 -11.85 35.96 -8.19
N LEU B 348 -11.64 35.92 -9.48
CA LEU B 348 -11.45 34.68 -10.19
C LEU B 348 -10.16 34.02 -9.73
N GLN B 349 -9.08 34.79 -9.58
CA GLN B 349 -7.82 34.26 -9.10
C GLN B 349 -7.96 33.72 -7.67
N SER B 350 -8.74 34.41 -6.85
CA SER B 350 -8.97 33.98 -5.48
C SER B 350 -9.70 32.65 -5.48
N LEU B 351 -10.65 32.52 -6.40
CA LEU B 351 -11.42 31.29 -6.54
C LEU B 351 -10.53 30.17 -7.06
N GLN B 352 -9.64 30.45 -7.98
CA GLN B 352 -8.71 29.44 -8.49
C GLN B 352 -7.82 28.92 -7.38
N THR B 353 -7.35 29.82 -6.52
CA THR B 353 -6.51 29.44 -5.40
C THR B 353 -7.25 28.49 -4.50
N TYR B 354 -8.50 28.82 -4.18
CA TYR B 354 -9.32 27.98 -3.34
C TYR B 354 -9.48 26.59 -3.95
N VAL B 355 -9.85 26.54 -5.22
CA VAL B 355 -10.11 25.26 -5.87
C VAL B 355 -8.85 24.41 -5.92
N THR B 356 -7.71 25.02 -6.24
CA THR B 356 -6.47 24.29 -6.30
C THR B 356 -6.17 23.61 -4.97
N GLN B 357 -6.34 24.35 -3.88
CA GLN B 357 -6.10 23.79 -2.56
C GLN B 357 -7.03 22.62 -2.29
N MET B 358 -8.29 22.76 -2.70
CA MET B 358 -9.29 21.72 -2.47
C MET B 358 -8.98 20.47 -3.28
N LEU B 359 -8.42 20.63 -4.48
CA LEU B 359 -8.08 19.48 -5.30
C LEU B 359 -6.98 18.67 -4.66
N ILE B 360 -6.02 19.37 -4.05
CA ILE B 360 -4.92 18.70 -3.39
C ILE B 360 -5.38 18.00 -2.11
N ARG B 361 -6.20 18.69 -1.32
CA ARG B 361 -6.72 18.08 -0.10
C ARG B 361 -7.57 16.87 -0.44
N ALA B 362 -8.34 16.97 -1.52
CA ALA B 362 -9.18 15.86 -1.92
C ALA B 362 -8.34 14.64 -2.20
N ALA B 363 -7.18 14.85 -2.81
CA ALA B 363 -6.27 13.75 -3.10
C ALA B 363 -5.78 13.09 -1.82
N GLU B 364 -5.56 13.89 -0.80
CA GLU B 364 -5.11 13.37 0.49
C GLU B 364 -6.18 12.50 1.10
N TYR B 365 -7.43 12.91 0.95
CA TYR B 365 -8.54 12.17 1.52
C TYR B 365 -8.79 10.89 0.74
N ARG B 366 -8.54 10.91 -0.56
CA ARG B 366 -8.67 9.67 -1.32
C ARG B 366 -7.68 8.64 -0.83
N ALA B 367 -6.44 9.10 -0.60
CA ALA B 367 -5.39 8.20 -0.12
C ALA B 367 -5.73 7.65 1.24
N SER B 368 -6.29 8.50 2.11
CA SER B 368 -6.68 8.08 3.44
C SER B 368 -7.83 7.09 3.38
N ALA B 369 -8.81 7.38 2.53
CA ALA B 369 -9.96 6.51 2.36
C ALA B 369 -9.54 5.16 1.81
N ASN B 370 -8.57 5.16 0.90
CA ASN B 370 -8.08 3.92 0.32
C ASN B 370 -7.41 3.07 1.38
N LEU B 371 -6.68 3.72 2.28
CA LEU B 371 -6.05 3.02 3.38
C LEU B 371 -7.10 2.46 4.33
N ALA B 372 -8.13 3.27 4.62
CA ALA B 372 -9.19 2.84 5.52
C ALA B 372 -9.92 1.63 4.95
N ALA B 373 -10.16 1.64 3.65
CA ALA B 373 -10.81 0.51 2.99
C ALA B 373 -9.95 -0.73 3.07
N THR B 374 -8.64 -0.54 2.94
CA THR B 374 -7.69 -1.64 3.04
C THR B 374 -7.70 -2.22 4.44
N LYS B 375 -7.75 -1.34 5.44
CA LYS B 375 -7.78 -1.79 6.84
C LYS B 375 -9.05 -2.58 7.11
N MET B 376 -10.16 -2.14 6.53
CA MET B 376 -11.40 -2.86 6.72
C MET B 376 -11.27 -4.28 6.19
N SER B 377 -10.68 -4.43 5.01
CA SER B 377 -10.51 -5.73 4.41
C SER B 377 -9.50 -6.60 5.14
N GLU B 378 -8.38 -6.03 5.52
CA GLU B 378 -7.28 -6.82 6.06
C GLU B 378 -7.25 -6.97 7.59
N CYS B 379 -7.77 -5.96 8.31
CA CYS B 379 -7.77 -5.99 9.79
C CYS B 379 -9.07 -6.52 10.33
N VAL B 380 -10.19 -6.08 9.73
CA VAL B 380 -11.52 -6.41 10.25
C VAL B 380 -12.08 -7.71 9.67
N LEU B 381 -11.96 -7.87 8.36
CA LEU B 381 -12.53 -9.02 7.67
C LEU B 381 -11.53 -10.16 7.50
N GLY B 382 -10.44 -10.09 8.27
CA GLY B 382 -9.40 -11.11 8.20
C GLY B 382 -8.39 -10.91 9.32
N GLN B 383 -7.22 -11.53 9.16
CA GLN B 383 -6.17 -11.42 10.17
C GLN B 383 -4.83 -11.10 9.51
N SER B 384 -4.40 -9.86 9.68
CA SER B 384 -3.18 -9.36 9.06
C SER B 384 -1.91 -10.00 9.63
N LYS B 385 -0.95 -10.24 8.74
CA LYS B 385 0.36 -10.74 9.12
C LYS B 385 1.40 -9.63 8.99
N ARG B 386 0.94 -8.47 8.53
CA ARG B 386 1.81 -7.33 8.30
C ARG B 386 2.13 -6.61 9.61
N VAL B 387 3.42 -6.40 9.85
CA VAL B 387 3.88 -5.83 11.10
C VAL B 387 3.43 -4.39 11.29
N ASP B 388 2.85 -4.13 12.46
CA ASP B 388 2.39 -2.81 12.85
C ASP B 388 1.34 -2.23 11.91
N PHE B 389 0.78 -3.07 11.05
CA PHE B 389 -0.27 -2.61 10.15
C PHE B 389 -1.58 -2.37 10.89
N CYS B 390 -1.95 -3.30 11.79
CA CYS B 390 -3.20 -3.24 12.54
C CYS B 390 -2.89 -3.00 14.02
N GLY B 391 -1.88 -2.18 14.28
CA GLY B 391 -1.51 -1.85 15.65
C GLY B 391 -0.26 -2.60 16.09
N LYS B 392 0.29 -2.21 17.24
CA LYS B 392 1.49 -2.83 17.77
C LYS B 392 1.18 -4.17 18.41
N GLY B 393 2.12 -5.10 18.31
CA GLY B 393 1.93 -6.44 18.85
C GLY B 393 1.42 -7.37 17.76
N TYR B 394 0.88 -8.52 18.15
CA TYR B 394 0.42 -9.49 17.18
C TYR B 394 -1.08 -9.37 16.99
N HIS B 395 -1.52 -9.21 15.75
CA HIS B 395 -2.92 -8.93 15.50
C HIS B 395 -3.84 -10.13 15.72
N LEU B 396 -4.93 -9.89 16.44
CA LEU B 396 -5.97 -10.91 16.64
C LEU B 396 -7.27 -10.50 15.96
N MET B 397 -7.83 -9.36 16.39
CA MET B 397 -9.13 -8.87 15.90
C MET B 397 -9.16 -7.36 15.73
N SER B 398 -10.14 -6.89 14.97
CA SER B 398 -10.36 -5.46 14.79
C SER B 398 -11.86 -5.17 14.73
N PHE B 399 -12.30 -4.16 15.49
CA PHE B 399 -13.70 -3.80 15.55
C PHE B 399 -13.88 -2.33 15.17
N PRO B 400 -14.52 -2.02 14.04
CA PRO B 400 -14.76 -0.69 13.53
C PRO B 400 -15.85 0.02 14.30
N GLN B 401 -15.74 1.35 14.37
CA GLN B 401 -16.78 2.22 14.91
C GLN B 401 -16.93 3.42 13.97
N SER B 402 -18.14 3.93 13.82
CA SER B 402 -18.31 5.09 12.97
C SER B 402 -17.87 6.35 13.67
N ALA B 403 -17.64 7.41 12.91
CA ALA B 403 -17.23 8.69 13.46
C ALA B 403 -17.53 9.80 12.46
N PRO B 404 -17.67 11.04 12.91
CA PRO B 404 -17.78 12.22 12.08
C PRO B 404 -16.66 12.28 11.06
N HIS B 405 -17.03 12.25 9.78
CA HIS B 405 -16.11 12.38 8.66
C HIS B 405 -14.98 11.34 8.62
N GLY B 406 -15.17 10.21 9.29
CA GLY B 406 -14.10 9.19 9.28
C GLY B 406 -14.50 7.89 9.94
N VAL B 407 -13.51 7.01 10.08
CA VAL B 407 -13.72 5.69 10.66
C VAL B 407 -12.71 5.44 11.76
N VAL B 408 -13.15 4.78 12.83
CA VAL B 408 -12.27 4.47 13.94
C VAL B 408 -12.11 2.97 14.12
N PHE B 409 -10.88 2.50 14.17
CA PHE B 409 -10.61 1.08 14.32
C PHE B 409 -10.06 0.75 15.69
N LEU B 410 -10.70 -0.19 16.37
CA LEU B 410 -10.20 -0.69 17.63
C LEU B 410 -9.46 -2.00 17.39
N HIS B 411 -8.15 -1.97 17.57
CA HIS B 411 -7.32 -3.12 17.24
C HIS B 411 -6.97 -3.94 18.47
N VAL B 412 -7.29 -5.22 18.43
CA VAL B 412 -7.01 -6.12 19.55
C VAL B 412 -5.77 -6.91 19.25
N THR B 413 -4.72 -6.71 20.04
CA THR B 413 -3.45 -7.36 19.79
C THR B 413 -2.90 -8.11 20.99
N TYR B 414 -2.09 -9.12 20.72
CA TYR B 414 -1.42 -9.93 21.72
C TYR B 414 -0.03 -9.42 21.99
N VAL B 415 0.29 -9.18 23.27
CA VAL B 415 1.60 -8.67 23.64
C VAL B 415 2.23 -9.50 24.75
N PRO B 416 3.44 -10.03 24.55
CA PRO B 416 4.26 -10.73 25.52
C PRO B 416 4.55 -9.86 26.74
N ALA B 417 4.63 -10.47 27.91
CA ALA B 417 4.88 -9.73 29.14
C ALA B 417 6.11 -10.25 29.86
N GLN B 418 5.92 -10.82 31.06
CA GLN B 418 7.04 -11.36 31.83
C GLN B 418 7.85 -12.33 30.99
N GLU B 419 9.16 -12.35 31.19
CA GLU B 419 10.06 -13.21 30.44
C GLU B 419 11.19 -13.74 31.32
N LYS B 420 11.78 -14.86 30.92
CA LYS B 420 12.90 -15.44 31.65
C LYS B 420 14.06 -15.82 30.72
N ASN B 421 15.28 -15.84 31.28
CA ASN B 421 16.50 -16.24 30.57
C ASN B 421 16.73 -17.75 30.66
N PHE B 422 16.99 -18.39 29.52
CA PHE B 422 17.31 -19.81 29.45
C PHE B 422 18.57 -20.03 28.61
N THR B 423 19.25 -21.15 28.83
CA THR B 423 20.38 -21.52 27.98
C THR B 423 19.87 -22.31 26.78
N THR B 424 20.39 -22.01 25.59
CA THR B 424 19.86 -22.65 24.39
C THR B 424 20.89 -23.41 23.58
N ALA B 425 20.40 -24.12 22.55
CA ALA B 425 21.24 -24.90 21.64
C ALA B 425 20.50 -25.09 20.31
N PRO B 426 21.23 -25.07 19.19
CA PRO B 426 20.72 -25.23 17.83
C PRO B 426 20.26 -26.64 17.49
N ALA B 427 20.76 -27.63 18.22
CA ALA B 427 20.41 -29.02 17.95
C ALA B 427 20.82 -29.93 19.09
N ILE B 428 20.19 -31.09 19.17
CA ILE B 428 20.55 -32.09 20.15
C ILE B 428 21.16 -33.31 19.48
N CYS B 429 22.27 -33.81 20.02
CA CYS B 429 22.95 -35.00 19.54
C CYS B 429 22.56 -36.21 20.37
N HIS B 430 21.87 -37.17 19.75
CA HIS B 430 21.35 -38.32 20.49
C HIS B 430 22.34 -39.47 20.43
N ASP B 431 22.42 -40.14 19.29
CA ASP B 431 23.34 -41.26 19.13
C ASP B 431 24.10 -41.19 17.81
N GLY B 432 24.75 -40.05 17.58
CA GLY B 432 25.54 -39.86 16.36
C GLY B 432 24.75 -39.17 15.26
N LYS B 433 23.55 -38.72 15.61
CA LYS B 433 22.70 -38.03 14.66
C LYS B 433 22.12 -36.76 15.29
N ALA B 434 21.96 -35.74 14.47
CA ALA B 434 21.49 -34.44 14.95
C ALA B 434 19.98 -34.32 14.88
N HIS B 435 19.38 -34.00 16.01
CA HIS B 435 17.93 -33.79 16.12
C HIS B 435 17.59 -32.31 16.18
N PHE B 436 16.73 -31.88 15.27
CA PHE B 436 16.29 -30.49 15.21
C PHE B 436 14.82 -30.43 15.63
N PRO B 437 14.40 -29.36 16.28
CA PRO B 437 13.05 -29.17 16.77
C PRO B 437 12.08 -29.06 15.62
N ARG B 438 10.94 -29.73 15.74
CA ARG B 438 9.88 -29.67 14.74
C ARG B 438 9.26 -28.29 14.75
N GLU B 439 9.09 -27.76 15.95
CA GLU B 439 8.53 -26.44 16.18
C GLU B 439 8.98 -25.91 17.52
N GLY B 440 9.52 -24.70 17.54
CA GLY B 440 9.96 -24.10 18.78
C GLY B 440 11.47 -24.21 18.96
N VAL B 441 11.93 -23.98 20.18
CA VAL B 441 13.36 -23.92 20.46
C VAL B 441 13.74 -24.85 21.60
N PHE B 442 15.03 -25.17 21.67
CA PHE B 442 15.54 -25.96 22.80
C PHE B 442 16.06 -25.05 23.89
N VAL B 443 15.67 -25.31 25.13
CA VAL B 443 16.10 -24.53 26.27
C VAL B 443 16.47 -25.38 27.48
N SER B 444 17.36 -24.88 28.31
CA SER B 444 17.71 -25.53 29.55
C SER B 444 17.23 -24.73 30.75
N ASN B 445 16.52 -25.40 31.66
CA ASN B 445 15.96 -24.77 32.88
C ASN B 445 16.84 -25.04 34.09
N GLY B 446 18.12 -25.37 33.86
CA GLY B 446 19.08 -25.70 34.90
C GLY B 446 19.91 -26.90 34.46
N THR B 447 19.44 -28.08 34.81
CA THR B 447 20.12 -29.33 34.48
C THR B 447 19.34 -30.18 33.47
N HIS B 448 18.23 -29.65 32.96
CA HIS B 448 17.38 -30.41 32.05
C HIS B 448 16.98 -29.60 30.83
N TRP B 449 16.94 -30.27 29.67
CA TRP B 449 16.58 -29.62 28.43
C TRP B 449 15.15 -29.90 28.01
N PHE B 450 14.51 -28.87 27.46
CA PHE B 450 13.12 -28.93 27.00
C PHE B 450 12.96 -28.29 25.65
N VAL B 451 11.88 -28.62 24.97
CA VAL B 451 11.51 -27.95 23.74
C VAL B 451 10.22 -27.17 23.96
N THR B 452 10.17 -25.93 23.49
CA THR B 452 8.98 -25.12 23.73
C THR B 452 8.71 -24.13 22.60
N GLN B 453 7.45 -23.73 22.45
CA GLN B 453 7.07 -22.74 21.46
C GLN B 453 7.69 -21.39 21.78
N ARG B 454 8.10 -20.68 20.75
CA ARG B 454 8.84 -19.42 20.91
C ARG B 454 8.11 -18.34 21.69
N ASN B 455 6.81 -18.22 21.50
CA ASN B 455 6.09 -17.07 22.05
C ASN B 455 5.43 -17.31 23.40
N PHE B 456 5.70 -18.45 24.02
CA PHE B 456 5.11 -18.74 25.32
C PHE B 456 5.82 -19.88 26.01
N TYR B 457 6.36 -19.63 27.18
CA TYR B 457 7.16 -20.65 27.85
C TYR B 457 6.32 -21.79 28.39
N GLU B 458 6.14 -22.80 27.56
CA GLU B 458 5.45 -24.03 27.93
C GLU B 458 6.36 -25.22 27.62
N PRO B 459 7.26 -25.58 28.54
CA PRO B 459 8.32 -26.55 28.35
C PRO B 459 7.75 -27.95 28.21
N GLN B 460 8.27 -28.70 27.24
CA GLN B 460 7.87 -30.09 27.04
C GLN B 460 9.09 -30.98 26.86
N ILE B 461 8.91 -32.25 27.18
CA ILE B 461 9.99 -33.23 27.03
C ILE B 461 10.37 -33.39 25.57
N ILE B 462 11.67 -33.47 25.30
CA ILE B 462 12.15 -33.66 23.95
C ILE B 462 12.00 -35.12 23.56
N THR B 463 11.21 -35.37 22.53
CA THR B 463 10.91 -36.73 22.10
C THR B 463 11.11 -36.86 20.60
N THR B 464 11.00 -38.09 20.11
CA THR B 464 11.16 -38.37 18.69
C THR B 464 10.02 -37.79 17.88
N ASP B 465 8.93 -37.41 18.54
CA ASP B 465 7.78 -36.82 17.86
C ASP B 465 7.84 -35.30 17.87
N ASN B 466 8.87 -34.75 18.52
CA ASN B 466 9.03 -33.30 18.61
C ASN B 466 10.21 -32.82 17.79
N THR B 467 10.94 -33.76 17.19
CA THR B 467 12.15 -33.44 16.44
C THR B 467 12.25 -34.22 15.15
N PHE B 468 13.18 -33.82 14.29
CA PHE B 468 13.50 -34.59 13.11
C PHE B 468 15.00 -34.73 12.98
N VAL B 469 15.45 -35.84 12.40
CA VAL B 469 16.85 -36.13 12.29
C VAL B 469 17.41 -35.66 10.95
N SER B 470 18.49 -34.90 10.99
CA SER B 470 19.13 -34.45 9.76
C SER B 470 20.64 -34.30 9.90
N GLY B 471 21.38 -35.15 9.22
CA GLY B 471 22.83 -35.09 9.26
C GLY B 471 23.35 -35.70 10.55
N ASN B 472 24.67 -35.67 10.73
CA ASN B 472 25.27 -36.26 11.91
C ASN B 472 25.77 -35.19 12.89
N CYS B 473 26.33 -35.63 14.03
CA CYS B 473 26.72 -34.75 15.12
C CYS B 473 28.05 -34.04 14.89
N ASP B 474 28.70 -34.33 13.77
CA ASP B 474 29.99 -33.73 13.50
C ASP B 474 29.86 -32.51 12.59
N VAL B 475 28.62 -32.14 12.25
CA VAL B 475 28.40 -31.03 11.35
C VAL B 475 27.99 -29.74 12.05
N VAL B 476 27.05 -29.85 12.98
CA VAL B 476 26.50 -28.67 13.65
C VAL B 476 27.45 -28.16 14.73
N ILE B 477 27.71 -26.86 14.70
CA ILE B 477 28.70 -26.22 15.57
C ILE B 477 28.33 -26.22 17.05
N GLY B 478 27.09 -25.87 17.37
CA GLY B 478 26.68 -25.69 18.76
C GLY B 478 25.89 -26.88 19.32
N ILE B 479 25.98 -28.02 18.66
CA ILE B 479 25.17 -29.18 19.04
C ILE B 479 25.49 -29.67 20.45
N VAL B 480 24.44 -30.01 21.19
CA VAL B 480 24.57 -30.45 22.58
C VAL B 480 24.15 -31.92 22.78
N ASN B 481 24.98 -32.69 23.50
CA ASN B 481 24.70 -34.08 23.82
C ASN B 481 23.53 -34.20 24.82
N ASN B 482 22.52 -34.98 24.44
CA ASN B 482 21.37 -35.23 25.32
C ASN B 482 20.61 -36.47 24.90
N THR B 483 19.53 -36.79 25.62
CA THR B 483 18.72 -37.95 25.31
C THR B 483 17.35 -37.55 24.78
N VAL B 484 17.01 -38.09 23.61
CA VAL B 484 15.69 -37.89 23.03
C VAL B 484 14.80 -39.07 23.38
N TYR B 485 13.63 -38.80 23.93
CA TYR B 485 12.76 -39.86 24.42
C TYR B 485 11.93 -40.51 23.32
N ASP B 486 12.00 -41.83 23.25
CA ASP B 486 11.23 -42.61 22.28
C ASP B 486 10.00 -43.23 22.95
N PRO B 487 8.79 -42.74 22.63
CA PRO B 487 7.53 -43.04 23.28
C PRO B 487 7.01 -44.43 23.00
N LEU B 488 7.62 -45.13 22.05
CA LEU B 488 7.13 -46.45 21.65
C LEU B 488 7.79 -47.57 22.41
N GLN B 489 9.06 -47.39 22.78
CA GLN B 489 9.81 -48.47 23.39
C GLN B 489 9.16 -49.04 24.66
N PRO B 490 8.58 -48.22 25.54
CA PRO B 490 7.89 -48.64 26.76
C PRO B 490 6.68 -49.52 26.47
N GLU B 491 6.15 -49.46 25.26
CA GLU B 491 4.98 -50.26 24.92
C GLU B 491 5.40 -51.64 24.46
N LEU B 492 6.53 -51.71 23.76
CA LEU B 492 7.08 -53.01 23.38
C LEU B 492 7.58 -53.76 24.62
N ASP B 493 8.20 -53.00 25.54
CA ASP B 493 8.69 -53.53 26.81
C ASP B 493 7.74 -53.15 27.93
N VAL C 52 11.22 -20.64 -22.24
CA VAL C 52 11.11 -21.26 -20.93
C VAL C 52 10.86 -22.77 -21.08
N ALA C 53 11.35 -23.57 -20.13
CA ALA C 53 11.03 -25.01 -20.11
C ALA C 53 9.58 -25.18 -19.71
N CYS C 54 8.90 -26.19 -20.30
CA CYS C 54 7.53 -26.50 -19.97
C CYS C 54 7.35 -28.02 -19.98
N SER C 55 6.62 -28.55 -19.02
CA SER C 55 6.53 -30.00 -18.89
C SER C 55 5.15 -30.53 -18.57
N ASN C 56 4.97 -31.83 -18.87
CA ASN C 56 3.74 -32.58 -18.66
C ASN C 56 3.90 -33.63 -17.55
N ASN C 57 5.15 -34.01 -17.27
CA ASN C 57 5.44 -35.11 -16.37
C ASN C 57 6.77 -34.96 -15.64
N SER C 58 7.35 -33.76 -15.64
CA SER C 58 8.66 -33.57 -15.02
C SER C 58 8.72 -32.29 -14.22
N ILE C 59 9.79 -32.13 -13.45
CA ILE C 59 9.94 -30.98 -12.57
C ILE C 59 11.39 -30.60 -12.38
N ALA C 60 11.66 -29.31 -12.23
CA ALA C 60 13.01 -28.85 -11.93
C ALA C 60 13.13 -28.44 -10.47
N ILE C 61 14.20 -28.88 -9.82
CA ILE C 61 14.44 -28.54 -8.42
C ILE C 61 15.87 -28.05 -8.21
N PRO C 62 16.05 -26.88 -7.56
CA PRO C 62 17.30 -26.30 -7.16
C PRO C 62 18.12 -27.25 -6.29
N THR C 63 19.41 -27.34 -6.59
CA THR C 63 20.34 -28.16 -5.82
C THR C 63 21.30 -27.30 -4.99
N ASN C 64 21.41 -26.00 -5.31
CA ASN C 64 22.26 -25.06 -4.61
C ASN C 64 21.58 -23.69 -4.57
N PHE C 65 22.17 -22.76 -3.80
CA PHE C 65 21.62 -21.41 -3.64
C PHE C 65 22.72 -20.39 -3.35
N THR C 66 22.37 -19.12 -3.51
CA THR C 66 23.25 -18.03 -3.14
C THR C 66 22.52 -17.01 -2.29
N ILE C 67 23.28 -16.15 -1.62
CA ILE C 67 22.72 -15.06 -0.83
C ILE C 67 23.00 -13.75 -1.53
N SER C 68 21.97 -12.97 -1.77
CA SER C 68 22.10 -11.73 -2.49
C SER C 68 21.72 -10.55 -1.62
N VAL C 69 22.50 -9.47 -1.70
CA VAL C 69 22.16 -8.25 -0.99
C VAL C 69 21.95 -7.11 -1.97
N THR C 70 20.76 -6.54 -1.97
CA THR C 70 20.43 -5.48 -2.90
C THR C 70 20.16 -4.18 -2.17
N THR C 71 20.27 -3.07 -2.88
CA THR C 71 20.09 -1.76 -2.27
C THR C 71 18.87 -1.04 -2.81
N GLU C 72 17.99 -0.60 -1.91
CA GLU C 72 16.84 0.19 -2.27
C GLU C 72 16.89 1.55 -1.62
N ILE C 73 16.76 2.61 -2.42
CA ILE C 73 16.87 3.95 -1.90
C ILE C 73 15.57 4.74 -2.02
N LEU C 74 15.08 5.24 -0.90
CA LEU C 74 13.85 6.01 -0.88
C LEU C 74 14.08 7.39 -0.26
N PRO C 75 13.59 8.45 -0.91
CA PRO C 75 13.46 9.79 -0.36
C PRO C 75 12.53 9.78 0.84
N VAL C 76 12.85 10.56 1.85
CA VAL C 76 11.98 10.69 3.00
C VAL C 76 11.52 12.12 3.19
N SER C 77 12.43 13.06 3.00
CA SER C 77 12.12 14.46 3.26
C SER C 77 12.94 15.38 2.39
N MET C 78 12.62 16.66 2.42
CA MET C 78 13.37 17.66 1.67
C MET C 78 13.70 18.85 2.55
N THR C 79 14.67 19.65 2.10
CA THR C 79 15.06 20.82 2.86
C THR C 79 13.85 21.70 3.15
N LYS C 80 13.70 22.11 4.39
CA LYS C 80 12.59 22.96 4.77
C LYS C 80 12.89 24.40 4.44
N THR C 81 12.08 25.00 3.60
CA THR C 81 12.28 26.39 3.23
C THR C 81 11.02 27.19 3.47
N SER C 82 11.17 28.50 3.49
CA SER C 82 10.03 29.37 3.67
C SER C 82 10.25 30.68 2.92
N VAL C 83 9.19 31.20 2.33
CA VAL C 83 9.27 32.48 1.64
C VAL C 83 8.35 33.47 2.31
N ASP C 84 8.89 34.61 2.74
CA ASP C 84 8.10 35.63 3.38
C ASP C 84 7.49 36.54 2.32
N CYS C 85 6.25 36.24 1.91
CA CYS C 85 5.57 36.87 0.78
C CYS C 85 5.75 38.39 0.75
N THR C 86 5.47 39.05 1.86
CA THR C 86 5.47 40.50 1.87
C THR C 86 6.82 41.09 1.47
N MET C 87 7.91 40.61 2.07
CA MET C 87 9.21 41.21 1.75
C MET C 87 9.74 40.70 0.43
N TYR C 88 9.36 39.47 0.08
CA TYR C 88 9.77 38.93 -1.21
C TYR C 88 9.26 39.82 -2.32
N ILE C 89 7.97 40.15 -2.27
CA ILE C 89 7.37 40.98 -3.31
C ILE C 89 7.81 42.44 -3.25
N CYS C 90 7.79 43.04 -2.05
CA CYS C 90 7.95 44.49 -1.91
C CYS C 90 9.38 44.91 -1.63
N GLY C 91 10.21 44.03 -1.11
CA GLY C 91 11.59 44.42 -0.84
C GLY C 91 11.67 45.49 0.25
N ASP C 92 10.72 45.46 1.17
CA ASP C 92 10.65 46.42 2.27
C ASP C 92 10.34 47.84 1.81
N SER C 93 9.84 47.99 0.57
CA SER C 93 9.43 49.32 0.15
C SER C 93 8.08 49.66 0.75
N THR C 94 7.89 50.93 1.10
CA THR C 94 6.67 51.38 1.74
C THR C 94 5.51 51.42 0.77
N GLU C 95 5.75 51.92 -0.43
CA GLU C 95 4.69 52.09 -1.40
C GLU C 95 4.07 50.75 -1.80
N CYS C 96 4.92 49.74 -2.00
CA CYS C 96 4.46 48.39 -2.33
C CYS C 96 3.72 47.79 -1.15
N SER C 97 4.28 47.91 0.04
CA SER C 97 3.66 47.31 1.21
C SER C 97 2.21 47.77 1.34
N ASN C 98 2.00 49.08 1.19
CA ASN C 98 0.64 49.60 1.30
C ASN C 98 -0.23 49.09 0.17
N LEU C 99 0.34 48.98 -1.03
CA LEU C 99 -0.40 48.50 -2.20
C LEU C 99 -0.53 46.98 -2.21
N LEU C 100 -0.01 46.31 -1.19
CA LEU C 100 -0.11 44.87 -1.12
C LEU C 100 -1.23 44.46 -0.17
N LEU C 101 -1.74 45.43 0.58
CA LEU C 101 -2.79 45.14 1.57
C LEU C 101 -4.15 45.11 0.90
N GLN C 102 -4.26 45.84 -0.20
CA GLN C 102 -5.52 45.94 -0.93
C GLN C 102 -5.90 44.61 -1.58
N TYR C 103 -4.92 43.71 -1.65
CA TYR C 103 -5.11 42.41 -2.30
C TYR C 103 -5.63 41.34 -1.35
N GLY C 104 -5.78 41.69 -0.08
CA GLY C 104 -6.35 40.75 0.88
C GLY C 104 -5.33 39.79 1.47
N SER C 105 -5.71 38.53 1.55
CA SER C 105 -4.98 37.54 2.33
C SER C 105 -4.21 36.53 1.47
N PHE C 106 -3.80 36.92 0.28
CA PHE C 106 -3.03 36.02 -0.57
C PHE C 106 -1.70 35.60 0.06
N CYS C 107 -0.99 36.57 0.64
CA CYS C 107 0.29 36.32 1.31
C CYS C 107 0.09 35.42 2.51
N THR C 108 -1.03 35.59 3.20
CA THR C 108 -1.33 34.78 4.36
C THR C 108 -1.49 33.32 3.93
N GLN C 109 -2.25 33.08 2.88
CA GLN C 109 -2.46 31.72 2.41
C GLN C 109 -1.17 31.10 1.90
N LEU C 110 -0.36 31.86 1.20
CA LEU C 110 0.86 31.32 0.64
C LEU C 110 1.87 31.00 1.74
N ASN C 111 1.95 31.87 2.74
CA ASN C 111 2.86 31.65 3.85
C ASN C 111 2.46 30.42 4.63
N ARG C 112 1.16 30.22 4.80
CA ARG C 112 0.66 29.08 5.54
C ARG C 112 0.83 27.79 4.75
N ALA C 113 0.73 27.87 3.42
CA ALA C 113 0.91 26.71 2.58
C ALA C 113 2.33 26.18 2.71
N LEU C 114 3.30 27.10 2.69
CA LEU C 114 4.69 26.71 2.81
C LEU C 114 5.05 26.27 4.22
N THR C 115 4.46 26.92 5.22
CA THR C 115 4.71 26.53 6.59
C THR C 115 4.25 25.11 6.81
N GLY C 116 3.09 24.77 6.28
CA GLY C 116 2.54 23.43 6.39
C GLY C 116 3.50 22.41 5.80
N ILE C 117 4.07 22.72 4.64
CA ILE C 117 5.01 21.79 4.02
C ILE C 117 6.21 21.56 4.92
N ALA C 118 6.78 22.64 5.45
CA ALA C 118 7.95 22.54 6.29
C ALA C 118 7.69 21.66 7.50
N VAL C 119 6.52 21.79 8.10
CA VAL C 119 6.16 20.99 9.25
C VAL C 119 6.11 19.51 8.90
N GLU C 120 5.50 19.20 7.77
CA GLU C 120 5.35 17.82 7.34
C GLU C 120 6.69 17.14 7.16
N GLN C 121 7.71 17.89 6.78
CA GLN C 121 9.02 17.30 6.54
C GLN C 121 9.58 16.65 7.81
N ASP C 122 9.26 17.20 8.97
CA ASP C 122 9.75 16.61 10.21
C ASP C 122 8.89 15.42 10.59
N LYS C 123 7.60 15.50 10.28
CA LYS C 123 6.71 14.38 10.54
C LYS C 123 7.14 13.19 9.71
N ASN C 124 7.51 13.43 8.47
CA ASN C 124 7.91 12.35 7.58
C ASN C 124 9.16 11.66 8.11
N THR C 125 10.10 12.45 8.61
CA THR C 125 11.33 11.89 9.12
C THR C 125 11.10 11.03 10.35
N GLN C 126 10.33 11.53 11.31
CA GLN C 126 10.17 10.77 12.54
C GLN C 126 9.33 9.52 12.34
N GLU C 127 8.39 9.56 11.39
CA GLU C 127 7.57 8.39 11.10
C GLU C 127 8.39 7.23 10.56
N VAL C 128 9.42 7.55 9.78
CA VAL C 128 10.27 6.53 9.20
C VAL C 128 11.31 6.02 10.19
N PHE C 129 11.99 6.93 10.86
CA PHE C 129 13.13 6.55 11.68
C PHE C 129 12.80 6.29 13.15
N ALA C 130 11.93 7.11 13.74
CA ALA C 130 11.70 7.03 15.18
C ALA C 130 10.65 5.99 15.52
N GLN C 131 10.96 4.73 15.22
CA GLN C 131 10.03 3.64 15.49
C GLN C 131 10.44 2.85 16.72
N VAL C 132 11.55 3.25 17.32
CA VAL C 132 12.04 2.62 18.54
C VAL C 132 12.21 3.70 19.60
N LYS C 133 11.69 3.44 20.79
CA LYS C 133 11.75 4.42 21.86
C LYS C 133 13.09 4.37 22.60
N GLN C 134 13.68 3.19 22.65
CA GLN C 134 14.93 2.99 23.36
C GLN C 134 16.13 3.15 22.44
N ILE C 135 17.26 3.52 23.01
CA ILE C 135 18.50 3.54 22.25
C ILE C 135 19.36 2.35 22.64
N TYR C 136 19.64 1.48 21.69
CA TYR C 136 20.35 0.25 21.91
C TYR C 136 21.79 0.35 21.43
N LYS C 137 22.67 -0.40 22.08
CA LYS C 137 24.06 -0.45 21.68
C LYS C 137 24.53 -1.90 21.58
N THR C 138 25.44 -2.17 20.66
CA THR C 138 26.01 -3.51 20.58
C THR C 138 27.18 -3.64 21.58
N PRO C 139 27.43 -4.85 22.08
CA PRO C 139 28.61 -5.24 22.84
C PRO C 139 29.88 -5.11 22.01
N PRO C 140 31.04 -5.02 22.68
CA PRO C 140 32.39 -5.05 22.14
C PRO C 140 32.77 -6.43 21.61
N ILE C 141 31.91 -7.42 21.88
CA ILE C 141 32.15 -8.77 21.42
C ILE C 141 31.31 -9.05 20.19
N LYS C 142 31.98 -9.24 19.05
CA LYS C 142 31.27 -9.49 17.80
C LYS C 142 31.28 -10.98 17.47
N ASP C 143 30.45 -11.73 18.18
CA ASP C 143 30.37 -13.18 18.01
C ASP C 143 29.04 -13.59 17.39
N PHE C 144 28.94 -13.44 16.07
CA PHE C 144 27.68 -13.65 15.38
C PHE C 144 27.70 -14.91 14.53
N GLY C 145 28.71 -15.75 14.74
CA GLY C 145 28.80 -17.01 14.01
C GLY C 145 29.45 -16.89 12.65
N GLY C 146 30.29 -15.86 12.46
CA GLY C 146 30.99 -15.68 11.20
C GLY C 146 30.42 -14.55 10.35
N PHE C 147 29.33 -13.97 10.80
CA PHE C 147 28.70 -12.87 10.07
C PHE C 147 29.35 -11.54 10.45
N ASN C 148 29.94 -10.88 9.45
CA ASN C 148 30.68 -9.63 9.62
C ASN C 148 29.80 -8.43 9.32
N PHE C 149 29.51 -7.61 10.36
CA PHE C 149 28.64 -6.44 10.25
C PHE C 149 29.42 -5.14 10.42
N SER C 150 30.74 -5.21 10.25
CA SER C 150 31.59 -4.05 10.53
C SER C 150 31.32 -2.86 9.61
N GLN C 151 30.66 -3.11 8.48
CA GLN C 151 30.43 -2.05 7.51
C GLN C 151 29.09 -1.35 7.70
N ILE C 152 28.24 -1.92 8.55
CA ILE C 152 26.93 -1.31 8.78
C ILE C 152 26.82 -0.77 10.19
N LEU C 153 27.65 -1.27 11.10
CA LEU C 153 27.65 -0.80 12.48
C LEU C 153 28.46 0.49 12.58
N PRO C 154 28.09 1.38 13.51
CA PRO C 154 28.70 2.68 13.73
C PRO C 154 30.15 2.56 14.14
N ASP C 155 30.98 3.41 13.54
CA ASP C 155 32.40 3.44 13.85
C ASP C 155 32.75 4.73 14.60
N PRO C 156 33.12 4.63 15.88
CA PRO C 156 33.30 5.72 16.83
C PRO C 156 34.39 6.71 16.41
N SER C 157 35.25 6.28 15.48
CA SER C 157 36.33 7.15 15.00
C SER C 157 35.86 8.06 13.87
N LYS C 158 34.66 7.81 13.37
CA LYS C 158 34.11 8.55 12.24
C LYS C 158 33.29 9.74 12.73
N PRO C 159 33.13 10.77 11.90
CA PRO C 159 32.27 11.92 12.14
C PRO C 159 30.84 11.48 12.32
N SER C 160 30.18 12.03 13.33
CA SER C 160 28.80 11.71 13.67
C SER C 160 28.64 10.23 14.00
N LYS C 161 29.77 9.54 14.20
CA LYS C 161 29.79 8.13 14.52
C LYS C 161 28.98 7.32 13.52
N ARG C 162 29.13 7.64 12.23
CA ARG C 162 28.49 6.89 11.16
C ARG C 162 29.23 5.60 10.86
N SER C 163 28.54 4.65 10.23
CA SER C 163 29.18 3.43 9.76
C SER C 163 29.88 3.71 8.45
N PHE C 164 30.70 2.75 8.01
CA PHE C 164 31.46 2.93 6.77
C PHE C 164 30.55 3.20 5.58
N ILE C 165 29.53 2.36 5.41
CA ILE C 165 28.63 2.52 4.26
C ILE C 165 27.89 3.84 4.32
N GLU C 166 27.44 4.24 5.50
CA GLU C 166 26.75 5.52 5.63
C GLU C 166 27.67 6.66 5.21
N ASP C 167 28.93 6.58 5.62
CA ASP C 167 29.88 7.63 5.24
C ASP C 167 30.00 7.71 3.72
N LEU C 168 29.90 6.57 3.05
CA LEU C 168 29.97 6.57 1.59
C LEU C 168 28.77 7.29 1.00
N LEU C 169 27.59 7.06 1.57
CA LEU C 169 26.37 7.69 1.07
C LEU C 169 26.43 9.20 1.26
N PHE C 170 26.92 9.63 2.42
CA PHE C 170 26.97 11.05 2.73
C PHE C 170 27.97 11.78 1.84
N ASN C 171 29.02 11.08 1.44
CA ASN C 171 30.06 11.70 0.61
C ASN C 171 29.79 11.51 -0.88
N LYS C 172 28.61 10.99 -1.22
CA LYS C 172 28.26 10.80 -2.62
C LYS C 172 27.19 11.77 -3.08
N VAL C 173 26.25 12.07 -2.19
CA VAL C 173 25.18 13.02 -2.54
C VAL C 173 25.70 14.45 -2.40
N THR C 174 25.55 15.23 -3.46
CA THR C 174 26.06 16.60 -3.46
C THR C 174 24.96 17.60 -3.11
N LEU C 175 25.18 18.37 -2.04
CA LEU C 175 24.19 19.34 -1.53
C LEU C 175 24.55 20.75 -1.96
N PHE C 180 22.42 27.69 -4.03
CA PHE C 180 21.67 28.76 -3.36
C PHE C 180 21.60 28.54 -1.85
N ILE C 181 21.24 27.32 -1.44
CA ILE C 181 21.07 26.95 -0.04
C ILE C 181 22.38 27.09 0.73
N LYS C 182 23.47 26.67 0.11
CA LYS C 182 24.77 26.78 0.75
C LYS C 182 25.15 28.23 1.03
N GLN C 183 24.69 29.14 0.16
CA GLN C 183 25.02 30.55 0.33
C GLN C 183 24.33 31.11 1.56
N TYR C 184 23.09 30.68 1.77
CA TYR C 184 22.35 31.06 2.96
C TYR C 184 23.05 30.51 4.19
N GLY C 185 23.45 29.25 4.12
CA GLY C 185 24.14 28.61 5.24
C GLY C 185 25.44 29.35 5.55
N ASP C 186 26.09 29.87 4.51
CA ASP C 186 27.35 30.59 4.67
C ASP C 186 27.19 31.97 5.32
N CYS C 187 26.07 32.67 5.04
CA CYS C 187 25.89 34.03 5.58
C CYS C 187 25.56 33.97 7.07
N LEU C 188 24.96 32.90 7.54
CA LEU C 188 24.66 32.75 8.96
C LEU C 188 25.94 32.51 9.74
N ASP C 195 18.48 35.60 12.11
CA ASP C 195 18.33 35.07 10.76
C ASP C 195 17.78 36.11 9.77
N LEU C 196 17.24 37.22 10.28
CA LEU C 196 16.68 38.30 9.46
C LEU C 196 17.74 38.93 8.56
N ILE C 197 18.95 39.03 9.08
CA ILE C 197 20.03 39.65 8.32
C ILE C 197 20.23 38.99 6.96
N CYS C 198 20.17 37.65 6.92
CA CYS C 198 20.27 36.89 5.69
C CYS C 198 19.00 37.03 4.85
N ALA C 199 17.85 37.03 5.49
CA ALA C 199 16.58 37.16 4.76
C ALA C 199 16.56 38.45 3.94
N GLN C 200 17.18 39.49 4.49
CA GLN C 200 17.23 40.80 3.82
C GLN C 200 18.09 40.75 2.56
N LYS C 201 18.95 39.74 2.45
CA LYS C 201 19.87 39.62 1.33
C LYS C 201 19.40 38.58 0.33
N PHE C 202 18.58 37.63 0.80
CA PHE C 202 18.10 36.55 -0.05
C PHE C 202 16.63 36.72 -0.43
N ASN C 203 16.16 37.96 -0.37
CA ASN C 203 14.81 38.32 -0.83
C ASN C 203 13.70 37.54 -0.14
N GLY C 204 13.85 37.30 1.15
CA GLY C 204 12.78 36.66 1.92
C GLY C 204 12.80 35.15 1.82
N LEU C 205 13.83 34.60 1.18
CA LEU C 205 13.96 33.17 1.05
C LEU C 205 14.88 32.63 2.13
N THR C 206 14.33 31.83 3.03
CA THR C 206 15.10 31.32 4.16
C THR C 206 15.06 29.79 4.23
N VAL C 207 16.01 29.24 4.97
CA VAL C 207 16.11 27.81 5.16
C VAL C 207 16.04 27.46 6.64
N LEU C 208 15.16 26.52 6.99
CA LEU C 208 14.96 26.14 8.37
C LEU C 208 15.69 24.84 8.69
N PRO C 209 16.20 24.69 9.91
CA PRO C 209 16.83 23.50 10.44
C PRO C 209 15.77 22.43 10.74
N PRO C 210 16.14 21.15 10.65
CA PRO C 210 15.37 19.98 11.01
C PRO C 210 15.28 19.84 12.52
N LEU C 211 14.23 19.19 13.00
CA LEU C 211 14.16 18.87 14.42
C LEU C 211 15.13 17.75 14.77
N LEU C 212 15.29 16.79 13.86
CA LEU C 212 16.23 15.71 14.07
C LEU C 212 17.48 15.91 13.24
N THR C 213 18.60 16.09 13.91
CA THR C 213 19.88 16.30 13.25
C THR C 213 20.45 14.97 12.79
N ASP C 214 21.50 15.01 11.99
CA ASP C 214 22.08 13.79 11.44
C ASP C 214 22.48 12.82 12.54
N GLU C 215 23.00 13.34 13.65
CA GLU C 215 23.41 12.49 14.75
C GLU C 215 22.21 11.78 15.38
N MET C 216 21.10 12.49 15.52
CA MET C 216 19.92 11.91 16.13
C MET C 216 19.36 10.80 15.27
N ILE C 217 19.35 11.03 13.96
CA ILE C 217 18.87 10.02 13.03
C ILE C 217 19.80 8.82 13.05
N ALA C 218 21.10 9.08 13.08
CA ALA C 218 22.08 8.01 13.14
C ALA C 218 21.87 7.15 14.38
N GLN C 219 21.52 7.78 15.50
CA GLN C 219 21.27 7.03 16.73
C GLN C 219 20.08 6.12 16.59
N TYR C 220 19.03 6.59 15.93
CA TYR C 220 17.86 5.75 15.71
C TYR C 220 18.22 4.56 14.83
N THR C 221 19.00 4.81 13.79
CA THR C 221 19.43 3.74 12.90
C THR C 221 20.26 2.72 13.65
N SER C 222 21.17 3.21 14.47
CA SER C 222 22.03 2.33 15.26
C SER C 222 21.20 1.47 16.20
N ALA C 223 20.22 2.08 16.86
CA ALA C 223 19.37 1.36 17.79
C ALA C 223 18.59 0.27 17.08
N LEU C 224 18.10 0.58 15.88
CA LEU C 224 17.35 -0.41 15.11
C LEU C 224 18.24 -1.57 14.69
N LEU C 225 19.49 -1.27 14.31
CA LEU C 225 20.41 -2.31 13.92
C LEU C 225 20.81 -3.19 15.10
N ALA C 226 21.07 -2.57 16.25
CA ALA C 226 21.47 -3.35 17.42
C ALA C 226 20.33 -4.27 17.82
N GLY C 227 19.10 -3.77 17.72
CA GLY C 227 17.92 -4.57 18.01
C GLY C 227 17.82 -5.73 17.04
N THR C 228 17.84 -5.43 15.75
CA THR C 228 17.69 -6.44 14.72
C THR C 228 18.71 -7.56 14.86
N ILE C 229 19.95 -7.20 15.15
CA ILE C 229 21.02 -8.18 15.24
C ILE C 229 20.95 -9.06 16.49
N CYS C 230 20.69 -8.47 17.65
CA CYS C 230 20.75 -9.18 18.94
C CYS C 230 19.38 -9.74 19.36
N SER C 231 18.27 -9.19 18.91
CA SER C 231 16.96 -9.64 19.38
C SER C 231 15.96 -9.92 18.25
N GLY C 232 16.44 -9.95 17.00
CA GLY C 232 15.57 -10.27 15.87
C GLY C 232 14.46 -9.24 15.70
N TRP C 233 13.22 -9.73 15.60
CA TRP C 233 12.06 -8.84 15.39
C TRP C 233 11.23 -8.67 16.64
N THR C 234 11.65 -9.30 17.73
CA THR C 234 10.77 -9.40 18.89
C THR C 234 10.57 -8.03 19.52
N PHE C 235 11.60 -7.20 19.43
CA PHE C 235 11.57 -5.88 20.03
C PHE C 235 10.59 -4.96 19.30
N GLY C 236 10.19 -5.36 18.10
CA GLY C 236 9.27 -4.55 17.32
C GLY C 236 7.82 -4.80 17.74
N ALA C 237 7.59 -5.86 18.51
CA ALA C 237 6.25 -6.23 18.94
C ALA C 237 6.09 -6.09 20.45
N GLY C 238 7.18 -6.33 21.16
CA GLY C 238 7.17 -6.32 22.62
C GLY C 238 8.57 -6.01 23.14
N PRO C 239 8.95 -6.60 24.27
CA PRO C 239 10.26 -6.56 24.88
C PRO C 239 11.30 -7.20 23.96
N ALA C 240 12.53 -6.74 24.07
CA ALA C 240 13.61 -7.31 23.26
C ALA C 240 14.09 -8.62 23.87
N LEU C 241 13.99 -9.70 23.10
CA LEU C 241 14.37 -11.02 23.57
C LEU C 241 15.64 -11.49 22.89
N GLN C 242 16.73 -11.57 23.65
CA GLN C 242 18.00 -11.94 23.04
C GLN C 242 17.97 -13.35 22.47
N ILE C 243 18.65 -13.53 21.35
CA ILE C 243 18.77 -14.81 20.67
C ILE C 243 20.00 -14.81 19.76
N PRO C 244 20.83 -15.86 19.75
CA PRO C 244 21.98 -16.03 18.91
C PRO C 244 21.66 -15.79 17.46
N PHE C 245 22.49 -15.04 16.77
CA PHE C 245 22.23 -14.67 15.40
C PHE C 245 21.94 -15.88 14.50
N PRO C 246 22.74 -16.97 14.57
CA PRO C 246 22.57 -18.18 13.79
C PRO C 246 21.19 -18.79 13.98
N MET C 247 20.57 -18.57 15.14
CA MET C 247 19.25 -19.11 15.39
C MET C 247 18.19 -18.24 14.76
N GLN C 248 18.45 -16.94 14.68
CA GLN C 248 17.51 -16.06 14.03
C GLN C 248 17.42 -16.42 12.57
N MET C 249 18.59 -16.68 11.98
CA MET C 249 18.66 -17.06 10.58
C MET C 249 17.95 -18.38 10.35
N ALA C 250 18.07 -19.30 11.29
CA ALA C 250 17.42 -20.60 11.17
C ALA C 250 15.92 -20.44 11.04
N TYR C 251 15.37 -19.48 11.77
CA TYR C 251 13.94 -19.26 11.80
C TYR C 251 13.48 -18.38 10.66
N ARG C 252 14.41 -17.71 10.02
CA ARG C 252 14.09 -16.96 8.81
C ARG C 252 14.13 -17.87 7.59
N PHE C 253 14.98 -18.90 7.62
CA PHE C 253 15.05 -19.88 6.53
C PHE C 253 13.78 -20.72 6.45
N GLU C 254 13.32 -21.25 7.58
CA GLU C 254 12.09 -22.03 7.55
C GLU C 254 10.92 -21.15 7.12
N GLY C 255 11.06 -19.85 7.37
CA GLY C 255 10.04 -18.87 7.06
C GLY C 255 9.88 -18.65 5.56
N ILE C 256 10.80 -19.19 4.77
CA ILE C 256 10.70 -19.10 3.31
C ILE C 256 10.59 -20.48 2.69
N GLY C 257 10.27 -21.48 3.51
CA GLY C 257 10.07 -22.83 3.02
C GLY C 257 11.36 -23.64 2.92
N VAL C 258 12.41 -23.22 3.63
CA VAL C 258 13.66 -23.96 3.60
C VAL C 258 13.99 -24.50 4.98
N THR C 259 14.06 -25.82 5.09
CA THR C 259 14.25 -26.45 6.39
C THR C 259 15.51 -25.92 7.06
N GLN C 260 15.40 -25.63 8.35
CA GLN C 260 16.46 -24.99 9.13
C GLN C 260 17.79 -25.75 9.14
N ASN C 261 17.75 -27.04 8.84
CA ASN C 261 18.98 -27.81 8.87
C ASN C 261 19.95 -27.33 7.81
N VAL C 262 19.41 -26.68 6.77
CA VAL C 262 20.25 -26.21 5.67
C VAL C 262 21.24 -25.18 6.18
N LEU C 263 20.75 -24.26 7.02
CA LEU C 263 21.59 -23.22 7.56
C LEU C 263 22.70 -23.78 8.42
N TYR C 264 22.35 -24.66 9.33
CA TYR C 264 23.33 -25.17 10.27
C TYR C 264 24.40 -25.99 9.58
N GLU C 265 23.97 -26.75 8.57
CA GLU C 265 24.89 -27.61 7.84
C GLU C 265 25.79 -26.81 6.91
N ASN C 266 25.28 -25.69 6.40
CA ASN C 266 26.04 -24.84 5.48
C ASN C 266 26.35 -23.48 6.08
N GLN C 267 26.41 -23.38 7.40
CA GLN C 267 26.57 -22.08 8.06
C GLN C 267 27.82 -21.34 7.59
N LYS C 268 28.93 -22.06 7.41
CA LYS C 268 30.17 -21.39 7.04
C LYS C 268 30.08 -20.80 5.64
N LEU C 269 29.52 -21.57 4.71
CA LEU C 269 29.34 -21.09 3.34
C LEU C 269 28.44 -19.88 3.30
N ILE C 270 27.35 -19.94 4.05
CA ILE C 270 26.38 -18.86 4.07
C ILE C 270 26.99 -17.59 4.62
N ALA C 271 27.74 -17.70 5.71
CA ALA C 271 28.40 -16.53 6.28
C ALA C 271 29.37 -15.91 5.28
N ASN C 272 30.07 -16.75 4.52
CA ASN C 272 31.02 -16.26 3.53
C ASN C 272 30.31 -15.56 2.38
N GLN C 273 29.21 -16.14 1.91
CA GLN C 273 28.46 -15.52 0.82
C GLN C 273 27.91 -14.18 1.28
N PHE C 274 27.47 -14.13 2.53
CA PHE C 274 26.95 -12.90 3.10
C PHE C 274 28.02 -11.81 3.14
N ASN C 275 29.17 -12.16 3.69
CA ASN C 275 30.23 -11.18 3.87
C ASN C 275 30.70 -10.61 2.54
N SER C 276 30.77 -11.46 1.52
CA SER C 276 31.17 -10.99 0.19
C SER C 276 30.09 -10.10 -0.41
N ALA C 277 28.84 -10.47 -0.20
CA ALA C 277 27.71 -9.71 -0.72
C ALA C 277 27.72 -8.29 -0.18
N ILE C 278 28.13 -8.14 1.08
CA ILE C 278 28.20 -6.83 1.70
C ILE C 278 29.36 -6.02 1.13
N GLY C 279 30.51 -6.65 0.97
CA GLY C 279 31.67 -5.94 0.43
C GLY C 279 31.38 -5.35 -0.95
N LYS C 280 30.63 -6.08 -1.76
CA LYS C 280 30.30 -5.65 -3.12
C LYS C 280 29.44 -4.39 -3.15
N ILE C 281 28.82 -4.06 -2.02
CA ILE C 281 27.97 -2.88 -1.96
C ILE C 281 28.80 -1.62 -2.16
N GLN C 282 30.02 -1.63 -1.63
CA GLN C 282 30.89 -0.47 -1.71
C GLN C 282 31.24 -0.16 -3.15
N ASP C 283 31.44 -1.20 -3.95
CA ASP C 283 31.79 -1.04 -5.34
C ASP C 283 30.61 -0.53 -6.14
N SER C 284 29.42 -1.00 -5.78
CA SER C 284 28.22 -0.58 -6.49
C SER C 284 27.97 0.91 -6.29
N LEU C 285 28.14 1.38 -5.06
CA LEU C 285 27.93 2.79 -4.75
C LEU C 285 29.05 3.67 -5.31
N SER C 286 30.28 3.16 -5.30
CA SER C 286 31.41 3.94 -5.77
C SER C 286 31.50 3.99 -7.30
N SER C 287 31.04 2.94 -7.95
CA SER C 287 31.13 2.85 -9.41
C SER C 287 30.09 3.74 -10.11
N THR C 288 28.82 3.56 -9.78
CA THR C 288 27.76 4.30 -10.45
C THR C 288 26.77 4.92 -9.45
N PRO C 289 25.96 5.90 -9.89
CA PRO C 289 24.82 6.44 -9.16
C PRO C 289 23.74 5.39 -8.98
N SER C 290 24.03 4.40 -8.15
CA SER C 290 23.13 3.28 -7.91
C SER C 290 21.89 3.71 -7.16
N ALA C 291 20.94 4.29 -7.90
CA ALA C 291 19.71 4.85 -7.35
C ALA C 291 20.01 6.04 -6.45
N LEU C 292 21.24 6.52 -6.49
CA LEU C 292 21.64 7.70 -5.74
C LEU C 292 21.03 8.93 -6.39
N GLY C 293 20.63 8.77 -7.65
CA GLY C 293 19.99 9.83 -8.39
C GLY C 293 18.64 10.17 -7.77
N LYS C 294 18.07 9.23 -7.03
CA LYS C 294 16.78 9.46 -6.40
C LYS C 294 16.89 10.52 -5.32
N LEU C 295 18.09 10.67 -4.77
CA LEU C 295 18.34 11.66 -3.72
C LEU C 295 18.96 12.91 -4.32
N GLN C 296 19.76 12.74 -5.36
CA GLN C 296 20.39 13.88 -6.01
C GLN C 296 19.33 14.73 -6.70
N ASP C 297 18.29 14.07 -7.22
CA ASP C 297 17.19 14.76 -7.88
C ASP C 297 16.39 15.60 -6.90
N VAL C 298 16.32 15.17 -5.66
CA VAL C 298 15.58 15.94 -4.67
C VAL C 298 16.27 17.28 -4.51
N VAL C 299 17.59 17.23 -4.41
CA VAL C 299 18.38 18.44 -4.27
C VAL C 299 18.27 19.32 -5.50
N ASN C 300 18.39 18.71 -6.67
CA ASN C 300 18.40 19.48 -7.91
C ASN C 300 17.05 20.13 -8.18
N GLN C 301 15.97 19.39 -7.95
CA GLN C 301 14.64 19.89 -8.25
C GLN C 301 14.26 21.04 -7.35
N ASN C 302 14.69 20.98 -6.10
CA ASN C 302 14.36 22.04 -5.17
C ASN C 302 15.22 23.26 -5.43
N ALA C 303 16.48 23.05 -5.78
CA ALA C 303 17.39 24.14 -6.02
C ALA C 303 16.94 25.01 -7.19
N GLN C 304 16.52 24.36 -8.27
CA GLN C 304 16.09 25.09 -9.47
C GLN C 304 14.76 25.78 -9.27
N ALA C 305 13.92 25.25 -8.39
CA ALA C 305 12.67 25.89 -8.08
C ALA C 305 12.92 27.23 -7.41
N LEU C 306 13.94 27.25 -6.56
CA LEU C 306 14.32 28.49 -5.88
C LEU C 306 14.97 29.44 -6.87
N ASN C 307 15.71 28.90 -7.81
CA ASN C 307 16.36 29.73 -8.83
C ASN C 307 15.31 30.41 -9.69
N PHE C 308 14.19 29.74 -9.93
CA PHE C 308 13.10 30.33 -10.68
C PHE C 308 12.59 31.58 -9.99
N LEU C 309 12.31 31.47 -8.69
CA LEU C 309 11.83 32.63 -7.95
C LEU C 309 12.79 33.80 -8.06
N VAL C 310 14.07 33.52 -7.94
CA VAL C 310 15.06 34.57 -7.98
C VAL C 310 15.10 35.24 -9.35
N LYS C 311 15.08 34.44 -10.40
CA LYS C 311 15.11 34.97 -11.76
C LYS C 311 13.91 35.85 -12.06
N GLN C 312 12.75 35.49 -11.52
CA GLN C 312 11.53 36.23 -11.80
C GLN C 312 11.55 37.63 -11.20
N LEU C 313 12.46 37.87 -10.26
CA LEU C 313 12.55 39.18 -9.62
C LEU C 313 13.28 40.16 -10.52
N SER C 314 13.72 39.69 -11.68
CA SER C 314 14.37 40.54 -12.67
C SER C 314 13.47 40.77 -13.89
N SER C 315 12.24 40.25 -13.84
CA SER C 315 11.32 40.37 -14.96
C SER C 315 10.48 41.65 -14.87
N ASN C 316 10.04 42.15 -16.01
CA ASN C 316 9.19 43.35 -16.04
C ASN C 316 7.71 43.00 -16.05
N CYS C 317 7.35 41.94 -16.80
CA CYS C 317 5.97 41.49 -16.95
C CYS C 317 5.05 42.59 -17.46
N GLY C 318 5.62 43.51 -18.24
CA GLY C 318 4.86 44.61 -18.81
C GLY C 318 5.08 45.91 -18.03
N ALA C 319 5.72 45.80 -16.87
CA ALA C 319 6.03 46.97 -16.05
C ALA C 319 7.16 47.76 -16.68
N ILE C 320 7.25 49.03 -16.32
CA ILE C 320 8.28 49.92 -16.85
C ILE C 320 9.69 49.43 -16.52
N SER C 321 9.85 48.75 -15.38
CA SER C 321 11.12 48.17 -15.01
C SER C 321 10.91 47.09 -13.96
N SER C 322 11.99 46.39 -13.61
CA SER C 322 11.94 45.35 -12.60
C SER C 322 12.43 45.84 -11.23
N VAL C 323 12.66 47.15 -11.13
CA VAL C 323 13.19 47.70 -9.89
C VAL C 323 12.22 48.71 -9.30
N LEU C 324 11.77 48.45 -8.08
CA LEU C 324 10.79 49.31 -7.45
C LEU C 324 11.34 50.72 -7.23
N ASN C 325 12.63 50.83 -6.97
CA ASN C 325 13.22 52.15 -6.77
C ASN C 325 13.20 52.97 -8.05
N ASP C 326 13.32 52.30 -9.19
CA ASP C 326 13.33 53.00 -10.48
C ASP C 326 11.91 53.30 -10.94
N ILE C 327 10.96 52.48 -10.50
CA ILE C 327 9.57 52.76 -10.80
C ILE C 327 9.11 54.01 -10.08
N LEU C 328 9.48 54.13 -8.82
CA LEU C 328 9.12 55.28 -8.01
C LEU C 328 9.87 56.53 -8.45
N SER C 329 11.14 56.37 -8.81
CA SER C 329 11.94 57.50 -9.25
C SER C 329 11.55 57.93 -10.67
N ARG C 330 11.58 59.25 -10.90
CA ARG C 330 11.32 59.79 -12.24
C ARG C 330 9.96 59.38 -12.79
N LEU C 331 8.95 59.33 -11.91
CA LEU C 331 7.61 58.96 -12.33
C LEU C 331 6.59 59.49 -11.33
N ASP C 332 5.56 60.17 -11.81
CA ASP C 332 4.56 60.73 -10.91
C ASP C 332 3.80 59.61 -10.20
N LYS C 333 3.33 59.92 -9.00
CA LYS C 333 2.73 58.91 -8.12
C LYS C 333 1.59 58.11 -8.75
N PRO C 334 0.60 58.75 -9.40
CA PRO C 334 -0.59 58.13 -9.94
C PRO C 334 -0.25 57.04 -10.95
N GLU C 335 0.93 57.13 -11.56
CA GLU C 335 1.35 56.12 -12.52
C GLU C 335 2.23 55.09 -11.83
N ALA C 336 3.05 55.54 -10.90
CA ALA C 336 3.91 54.62 -10.17
C ALA C 336 3.06 53.58 -9.47
N GLU C 337 1.89 53.99 -9.01
CA GLU C 337 0.96 53.06 -8.37
C GLU C 337 0.57 51.95 -9.34
N VAL C 338 0.38 52.33 -10.60
CA VAL C 338 -0.03 51.36 -11.62
C VAL C 338 1.09 50.42 -11.94
N GLN C 339 2.29 50.96 -12.09
CA GLN C 339 3.45 50.15 -12.44
C GLN C 339 3.79 49.20 -11.31
N ILE C 340 3.61 49.65 -10.07
CA ILE C 340 3.88 48.81 -8.92
C ILE C 340 2.84 47.71 -8.83
N GLN C 341 1.57 48.05 -9.02
CA GLN C 341 0.52 47.05 -8.97
C GLN C 341 0.73 45.99 -10.04
N ARG C 342 1.17 46.40 -11.21
CA ARG C 342 1.44 45.47 -12.29
C ARG C 342 2.58 44.51 -11.91
N LEU C 343 3.62 45.07 -11.32
CA LEU C 343 4.76 44.27 -10.89
C LEU C 343 4.38 43.34 -9.74
N ILE C 344 3.56 43.83 -8.82
CA ILE C 344 3.09 43.01 -7.72
C ILE C 344 2.32 41.82 -8.24
N THR C 345 1.42 42.08 -9.19
CA THR C 345 0.60 41.02 -9.74
C THR C 345 1.47 39.90 -10.30
N CYS C 346 2.48 40.24 -11.08
CA CYS C 346 3.36 39.23 -11.69
C CYS C 346 4.17 38.49 -10.64
N ARG C 347 4.73 39.22 -9.67
CA ARG C 347 5.55 38.58 -8.65
C ARG C 347 4.70 37.65 -7.80
N LEU C 348 3.48 38.04 -7.51
CA LEU C 348 2.57 37.22 -6.75
C LEU C 348 2.23 35.97 -7.52
N GLN C 349 1.97 36.09 -8.83
CA GLN C 349 1.68 34.95 -9.67
C GLN C 349 2.87 34.00 -9.74
N SER C 350 4.07 34.57 -9.79
CA SER C 350 5.28 33.76 -9.84
C SER C 350 5.42 32.98 -8.55
N LEU C 351 5.07 33.63 -7.44
CA LEU C 351 5.13 32.99 -6.13
C LEU C 351 4.07 31.91 -6.02
N GLN C 352 2.88 32.13 -6.56
CA GLN C 352 1.83 31.13 -6.54
C GLN C 352 2.27 29.89 -7.32
N THR C 353 2.92 30.10 -8.46
CA THR C 353 3.40 28.99 -9.27
C THR C 353 4.38 28.16 -8.48
N TYR C 354 5.31 28.83 -7.82
CA TYR C 354 6.30 28.15 -7.00
C TYR C 354 5.63 27.32 -5.91
N VAL C 355 4.71 27.92 -5.18
CA VAL C 355 4.07 27.23 -4.07
C VAL C 355 3.27 26.03 -4.55
N THR C 356 2.55 26.19 -5.66
CA THR C 356 1.76 25.10 -6.19
C THR C 356 2.65 23.90 -6.50
N GLN C 357 3.78 24.14 -7.13
CA GLN C 357 4.71 23.07 -7.45
C GLN C 357 5.21 22.39 -6.18
N MET C 358 5.48 23.18 -5.15
CA MET C 358 5.99 22.65 -3.89
C MET C 358 4.94 21.81 -3.18
N LEU C 359 3.68 22.18 -3.30
CA LEU C 359 2.60 21.42 -2.66
C LEU C 359 2.50 20.05 -3.29
N ILE C 360 2.67 19.99 -4.60
CA ILE C 360 2.58 18.72 -5.31
C ILE C 360 3.79 17.84 -5.00
N ARG C 361 4.98 18.43 -5.00
CA ARG C 361 6.18 17.67 -4.67
C ARG C 361 6.10 17.16 -3.24
N ALA C 362 5.56 17.98 -2.35
CA ALA C 362 5.45 17.58 -0.96
C ALA C 362 4.59 16.33 -0.85
N ALA C 363 3.55 16.26 -1.66
CA ALA C 363 2.67 15.11 -1.66
C ALA C 363 3.42 13.86 -2.09
N GLU C 364 4.32 14.02 -3.06
CA GLU C 364 5.11 12.90 -3.54
C GLU C 364 6.02 12.38 -2.44
N TYR C 365 6.58 13.30 -1.65
CA TYR C 365 7.47 12.92 -0.58
C TYR C 365 6.73 12.28 0.57
N ARG C 366 5.49 12.71 0.80
CA ARG C 366 4.69 12.05 1.83
C ARG C 366 4.47 10.59 1.45
N ALA C 367 4.12 10.37 0.19
CA ALA C 367 3.88 9.01 -0.29
C ALA C 367 5.13 8.16 -0.18
N SER C 368 6.28 8.75 -0.51
CA SER C 368 7.54 8.04 -0.42
C SER C 368 7.89 7.73 1.02
N ALA C 369 7.69 8.70 1.91
CA ALA C 369 7.97 8.53 3.32
C ALA C 369 7.06 7.46 3.91
N ASN C 370 5.81 7.42 3.46
CA ASN C 370 4.87 6.43 3.96
C ASN C 370 5.31 5.04 3.57
N LEU C 371 5.83 4.92 2.35
CA LEU C 371 6.35 3.65 1.88
C LEU C 371 7.59 3.25 2.68
N ALA C 372 8.46 4.23 2.92
CA ALA C 372 9.67 3.96 3.68
C ALA C 372 9.36 3.49 5.08
N ALA C 373 8.36 4.11 5.70
CA ALA C 373 7.93 3.71 7.04
C ALA C 373 7.37 2.30 7.02
N THR C 374 6.64 1.97 5.95
CA THR C 374 6.09 0.63 5.79
C THR C 374 7.21 -0.38 5.66
N LYS C 375 8.23 -0.04 4.88
CA LYS C 375 9.36 -0.94 4.69
C LYS C 375 10.08 -1.18 6.00
N MET C 376 10.22 -0.13 6.80
CA MET C 376 10.86 -0.28 8.09
C MET C 376 10.10 -1.30 8.93
N SER C 377 8.78 -1.20 8.95
CA SER C 377 7.97 -2.10 9.75
C SER C 377 7.96 -3.52 9.21
N GLU C 378 7.82 -3.67 7.89
CA GLU C 378 7.62 -4.98 7.30
C GLU C 378 8.90 -5.72 6.85
N CYS C 379 9.93 -4.96 6.45
CA CYS C 379 11.19 -5.56 5.98
C CYS C 379 12.22 -5.67 7.08
N VAL C 380 12.32 -4.61 7.91
CA VAL C 380 13.35 -4.54 8.94
C VAL C 380 12.91 -5.14 10.28
N LEU C 381 11.70 -4.81 10.72
CA LEU C 381 11.20 -5.25 12.00
C LEU C 381 10.39 -6.54 11.91
N GLY C 382 10.52 -7.23 10.78
CA GLY C 382 9.79 -8.47 10.56
C GLY C 382 10.29 -9.17 9.31
N GLN C 383 9.48 -10.09 8.79
CA GLN C 383 9.85 -10.83 7.59
C GLN C 383 8.69 -10.86 6.61
N SER C 384 8.82 -10.09 5.54
CA SER C 384 7.77 -9.93 4.54
C SER C 384 7.53 -11.20 3.73
N LYS C 385 6.26 -11.45 3.42
CA LYS C 385 5.87 -12.56 2.54
C LYS C 385 5.44 -12.03 1.18
N ARG C 386 5.46 -10.71 1.06
CA ARG C 386 5.02 -10.03 -0.15
C ARG C 386 6.10 -10.09 -1.23
N VAL C 387 5.71 -10.54 -2.41
CA VAL C 387 6.66 -10.76 -3.50
C VAL C 387 7.28 -9.47 -4.00
N ASP C 388 8.61 -9.47 -4.09
CA ASP C 388 9.39 -8.35 -4.58
C ASP C 388 9.19 -7.07 -3.78
N PHE C 389 8.59 -7.19 -2.60
CA PHE C 389 8.40 -6.03 -1.75
C PHE C 389 9.72 -5.58 -1.12
N CYS C 390 10.51 -6.55 -0.62
CA CYS C 390 11.77 -6.27 0.06
C CYS C 390 12.93 -6.78 -0.81
N GLY C 391 12.80 -6.63 -2.12
CA GLY C 391 13.85 -7.05 -3.05
C GLY C 391 13.49 -8.35 -3.73
N LYS C 392 14.27 -8.72 -4.76
CA LYS C 392 14.03 -9.93 -5.52
C LYS C 392 14.51 -11.16 -4.77
N GLY C 393 13.81 -12.27 -4.94
CA GLY C 393 14.15 -13.50 -4.25
C GLY C 393 13.32 -13.62 -2.98
N TYR C 394 13.72 -14.50 -2.08
CA TYR C 394 12.95 -14.72 -0.86
C TYR C 394 13.55 -13.93 0.29
N HIS C 395 12.72 -13.13 0.96
CA HIS C 395 13.23 -12.22 1.97
C HIS C 395 13.68 -12.92 3.24
N LEU C 396 14.86 -12.55 3.73
CA LEU C 396 15.38 -13.04 5.01
C LEU C 396 15.49 -11.90 6.00
N MET C 397 16.33 -10.90 5.67
CA MET C 397 16.63 -9.77 6.56
C MET C 397 16.74 -8.46 5.82
N SER C 398 16.65 -7.36 6.57
CA SER C 398 16.84 -6.02 6.01
C SER C 398 17.57 -5.14 7.03
N PHE C 399 18.60 -4.44 6.56
CA PHE C 399 19.39 -3.58 7.43
C PHE C 399 19.40 -2.15 6.89
N PRO C 400 18.79 -1.19 7.59
CA PRO C 400 18.69 0.20 7.22
C PRO C 400 20.01 0.94 7.41
N GLN C 401 20.23 1.95 6.58
CA GLN C 401 21.34 2.89 6.72
C GLN C 401 20.80 4.30 6.49
N SER C 402 21.34 5.29 7.20
CA SER C 402 20.89 6.64 6.98
C SER C 402 21.49 7.22 5.71
N ALA C 403 20.89 8.30 5.22
CA ALA C 403 21.38 8.96 4.02
C ALA C 403 20.85 10.39 3.98
N PRO C 404 21.51 11.29 3.26
CA PRO C 404 21.05 12.63 2.98
C PRO C 404 19.64 12.62 2.42
N HIS C 405 18.72 13.25 3.14
CA HIS C 405 17.33 13.41 2.74
C HIS C 405 16.58 12.11 2.46
N GLY C 406 17.05 10.99 2.99
CA GLY C 406 16.35 9.73 2.74
C GLY C 406 16.90 8.56 3.52
N VAL C 407 16.39 7.37 3.20
CA VAL C 407 16.78 6.15 3.89
C VAL C 407 17.18 5.09 2.89
N VAL C 408 18.20 4.31 3.22
CA VAL C 408 18.67 3.25 2.34
C VAL C 408 18.51 1.89 2.99
N PHE C 409 17.87 0.97 2.28
CA PHE C 409 17.64 -0.36 2.79
C PHE C 409 18.50 -1.40 2.10
N LEU C 410 19.23 -2.17 2.88
CA LEU C 410 19.98 -3.29 2.34
C LEU C 410 19.19 -4.58 2.57
N HIS C 411 18.71 -5.17 1.49
CA HIS C 411 17.83 -6.32 1.59
C HIS C 411 18.58 -7.62 1.35
N VAL C 412 18.50 -8.52 2.31
CA VAL C 412 19.17 -9.82 2.22
C VAL C 412 18.17 -10.87 1.79
N THR C 413 18.38 -11.44 0.62
CA THR C 413 17.43 -12.40 0.08
C THR C 413 18.07 -13.72 -0.33
N TYR C 414 17.26 -14.77 -0.31
CA TYR C 414 17.67 -16.11 -0.71
C TYR C 414 17.31 -16.37 -2.16
N VAL C 415 18.29 -16.81 -2.95
CA VAL C 415 18.04 -17.08 -4.37
C VAL C 415 18.56 -18.46 -4.77
N PRO C 416 17.70 -19.31 -5.35
CA PRO C 416 18.02 -20.61 -5.91
C PRO C 416 19.07 -20.49 -7.02
N ALA C 417 19.93 -21.49 -7.14
CA ALA C 417 20.99 -21.47 -8.15
C ALA C 417 20.92 -22.69 -9.05
N GLN C 418 21.94 -23.56 -8.99
CA GLN C 418 21.96 -24.76 -9.80
C GLN C 418 20.69 -25.56 -9.61
N GLU C 419 20.22 -26.20 -10.69
CA GLU C 419 18.99 -26.98 -10.66
C GLU C 419 19.11 -28.23 -11.53
N LYS C 420 18.30 -29.24 -11.24
CA LYS C 420 18.28 -30.47 -12.03
C LYS C 420 16.85 -30.88 -12.40
N ASN C 421 16.73 -31.63 -13.51
CA ASN C 421 15.47 -32.18 -13.99
C ASN C 421 15.18 -33.55 -13.38
N PHE C 422 13.97 -33.73 -12.85
CA PHE C 422 13.51 -35.01 -12.30
C PHE C 422 12.15 -35.38 -12.86
N THR C 423 11.81 -36.66 -12.85
CA THR C 423 10.48 -37.10 -13.23
C THR C 423 9.56 -37.07 -12.01
N THR C 424 8.34 -36.57 -12.18
CA THR C 424 7.46 -36.40 -11.02
C THR C 424 6.14 -37.14 -11.12
N ALA C 425 5.38 -37.11 -10.02
CA ALA C 425 4.07 -37.74 -9.93
C ALA C 425 3.25 -37.07 -8.83
N PRO C 426 1.94 -36.91 -9.02
CA PRO C 426 1.01 -36.29 -8.09
C PRO C 426 0.71 -37.13 -6.85
N ALA C 427 0.92 -38.44 -6.94
CA ALA C 427 0.63 -39.33 -5.82
C ALA C 427 1.27 -40.69 -6.02
N ILE C 428 1.44 -41.42 -4.93
CA ILE C 428 1.95 -42.78 -4.99
C ILE C 428 0.86 -43.76 -4.57
N CYS C 429 0.71 -44.84 -5.33
CA CYS C 429 -0.23 -45.91 -5.03
C CYS C 429 0.47 -47.07 -4.34
N HIS C 430 0.12 -47.33 -3.09
CA HIS C 430 0.81 -48.36 -2.32
C HIS C 430 0.08 -49.69 -2.42
N ASP C 431 -1.05 -49.82 -1.74
CA ASP C 431 -1.81 -51.05 -1.78
C ASP C 431 -3.30 -50.79 -1.98
N GLY C 432 -3.63 -50.03 -3.01
CA GLY C 432 -5.03 -49.73 -3.31
C GLY C 432 -5.46 -48.39 -2.71
N LYS C 433 -4.50 -47.67 -2.16
CA LYS C 433 -4.79 -46.38 -1.56
C LYS C 433 -3.76 -45.34 -2.02
N ALA C 434 -4.22 -44.12 -2.19
CA ALA C 434 -3.37 -43.04 -2.69
C ALA C 434 -2.66 -42.29 -1.57
N HIS C 435 -1.34 -42.23 -1.66
CA HIS C 435 -0.51 -41.50 -0.69
C HIS C 435 -0.05 -40.17 -1.27
N PHE C 436 -0.33 -39.10 -0.53
CA PHE C 436 0.06 -37.76 -0.93
C PHE C 436 1.14 -37.27 0.02
N PRO C 437 2.08 -36.46 -0.46
CA PRO C 437 3.19 -35.94 0.32
C PRO C 437 2.70 -35.00 1.40
N ARG C 438 3.26 -35.13 2.59
CA ARG C 438 2.91 -34.25 3.69
C ARG C 438 3.46 -32.87 3.41
N GLU C 439 4.65 -32.83 2.85
CA GLU C 439 5.34 -31.60 2.49
C GLU C 439 6.37 -31.88 1.41
N GLY C 440 6.31 -31.12 0.33
CA GLY C 440 7.26 -31.30 -0.76
C GLY C 440 6.65 -32.08 -1.91
N VAL C 441 7.51 -32.57 -2.80
CA VAL C 441 7.07 -33.21 -4.02
C VAL C 441 7.70 -34.59 -4.19
N PHE C 442 7.09 -35.41 -5.02
CA PHE C 442 7.67 -36.71 -5.36
C PHE C 442 8.50 -36.60 -6.62
N VAL C 443 9.71 -37.15 -6.59
CA VAL C 443 10.60 -37.13 -7.74
C VAL C 443 11.32 -38.46 -7.94
N SER C 444 11.67 -38.74 -9.19
CA SER C 444 12.47 -39.91 -9.52
C SER C 444 13.86 -39.53 -9.98
N ASN C 445 14.88 -40.14 -9.37
CA ASN C 445 16.30 -39.87 -9.69
C ASN C 445 16.86 -40.94 -10.62
N GLY C 446 15.98 -41.64 -11.35
CA GLY C 446 16.35 -42.72 -12.26
C GLY C 446 15.37 -43.87 -12.10
N THR C 447 15.71 -44.79 -11.20
CA THR C 447 14.88 -45.96 -10.94
C THR C 447 14.27 -45.95 -9.53
N HIS C 448 14.45 -44.85 -8.81
CA HIS C 448 13.96 -44.76 -7.43
C HIS C 448 13.24 -43.46 -7.17
N TRP C 449 12.17 -43.53 -6.38
CA TRP C 449 11.38 -42.36 -6.04
C TRP C 449 11.68 -41.83 -4.64
N PHE C 450 11.69 -40.50 -4.53
CA PHE C 450 11.96 -39.81 -3.28
C PHE C 450 10.99 -38.68 -3.05
N VAL C 451 10.88 -38.24 -1.81
CA VAL C 451 10.12 -37.05 -1.49
C VAL C 451 11.06 -35.96 -1.00
N THR C 452 10.89 -34.74 -1.48
CA THR C 452 11.80 -33.68 -1.10
C THR C 452 11.14 -32.31 -1.06
N GLN C 453 11.69 -31.40 -0.24
CA GLN C 453 11.18 -30.04 -0.16
C GLN C 453 11.38 -29.31 -1.48
N ARG C 454 10.42 -28.49 -1.85
CA ARG C 454 10.40 -27.82 -3.14
C ARG C 454 11.61 -26.94 -3.44
N ASN C 455 12.10 -26.23 -2.44
CA ASN C 455 13.11 -25.21 -2.70
C ASN C 455 14.55 -25.67 -2.51
N PHE C 456 14.76 -26.96 -2.31
CA PHE C 456 16.11 -27.46 -2.13
C PHE C 456 16.17 -28.97 -2.27
N TYR C 457 16.95 -29.45 -3.23
CA TYR C 457 16.96 -30.87 -3.50
C TYR C 457 17.65 -31.68 -2.41
N GLU C 458 16.87 -32.10 -1.44
CA GLU C 458 17.31 -32.98 -0.38
C GLU C 458 16.40 -34.21 -0.32
N PRO C 459 16.69 -35.24 -1.11
CA PRO C 459 15.85 -36.40 -1.34
C PRO C 459 15.78 -37.25 -0.09
N GLN C 460 14.58 -37.70 0.25
CA GLN C 460 14.37 -38.60 1.38
C GLN C 460 13.48 -39.77 0.99
N ILE C 461 13.62 -40.87 1.70
CA ILE C 461 12.81 -42.05 1.46
C ILE C 461 11.34 -41.77 1.74
N ILE C 462 10.47 -42.26 0.88
CA ILE C 462 9.04 -42.09 1.06
C ILE C 462 8.54 -43.07 2.11
N THR C 463 8.00 -42.54 3.20
CA THR C 463 7.56 -43.36 4.31
C THR C 463 6.16 -42.98 4.72
N THR C 464 5.59 -43.74 5.65
CA THR C 464 4.25 -43.48 6.14
C THR C 464 4.20 -42.21 6.98
N ASP C 465 5.37 -41.71 7.39
CA ASP C 465 5.43 -40.48 8.17
C ASP C 465 5.66 -39.26 7.29
N ASN C 466 5.81 -39.49 5.99
CA ASN C 466 6.05 -38.41 5.04
C ASN C 466 4.84 -38.18 4.15
N THR C 467 3.82 -39.01 4.30
CA THR C 467 2.65 -38.95 3.45
C THR C 467 1.36 -39.13 4.22
N PHE C 468 0.24 -38.85 3.58
CA PHE C 468 -1.07 -39.14 4.14
C PHE C 468 -1.93 -39.83 3.11
N VAL C 469 -2.82 -40.69 3.57
CA VAL C 469 -3.66 -41.47 2.68
C VAL C 469 -4.99 -40.80 2.44
N SER C 470 -5.36 -40.63 1.18
CA SER C 470 -6.66 -40.04 0.85
C SER C 470 -7.24 -40.59 -0.43
N GLY C 471 -8.34 -41.33 -0.30
CA GLY C 471 -8.99 -41.89 -1.48
C GLY C 471 -8.25 -43.12 -1.97
N ASN C 472 -8.73 -43.71 -3.05
CA ASN C 472 -8.10 -44.91 -3.59
C ASN C 472 -7.34 -44.62 -4.89
N CYS C 473 -6.71 -45.66 -5.46
CA CYS C 473 -5.81 -45.53 -6.60
C CYS C 473 -6.54 -45.40 -7.93
N ASP C 474 -7.87 -45.47 -7.90
CA ASP C 474 -8.65 -45.40 -9.13
C ASP C 474 -9.15 -43.99 -9.40
N VAL C 475 -8.78 -43.04 -8.53
CA VAL C 475 -9.27 -41.69 -8.67
C VAL C 475 -8.24 -40.73 -9.28
N VAL C 476 -7.01 -40.80 -8.81
CA VAL C 476 -5.96 -39.87 -9.26
C VAL C 476 -5.43 -40.26 -10.63
N ILE C 477 -5.36 -39.29 -11.54
CA ILE C 477 -4.99 -39.51 -12.93
C ILE C 477 -3.54 -39.94 -13.14
N GLY C 478 -2.61 -39.27 -12.48
CA GLY C 478 -1.18 -39.50 -12.72
C GLY C 478 -0.52 -40.37 -11.66
N ILE C 479 -1.31 -41.09 -10.89
CA ILE C 479 -0.79 -41.85 -9.75
C ILE C 479 0.19 -42.94 -10.20
N VAL C 480 1.29 -43.08 -9.46
CA VAL C 480 2.33 -44.05 -9.78
C VAL C 480 2.46 -45.15 -8.72
N ASN C 481 2.55 -46.41 -9.18
CA ASN C 481 2.73 -47.57 -8.31
C ASN C 481 4.14 -47.58 -7.69
N ASN C 482 4.18 -47.65 -6.35
CA ASN C 482 5.46 -47.72 -5.62
C ASN C 482 5.26 -48.26 -4.21
N THR C 483 6.35 -48.36 -3.46
CA THR C 483 6.29 -48.86 -2.09
C THR C 483 6.57 -47.76 -1.09
N VAL C 484 5.65 -47.60 -0.14
CA VAL C 484 5.83 -46.66 0.96
C VAL C 484 6.36 -47.40 2.17
N TYR C 485 7.46 -46.91 2.74
CA TYR C 485 8.12 -47.62 3.83
C TYR C 485 7.49 -47.37 5.18
N ASP C 486 7.16 -48.46 5.87
CA ASP C 486 6.59 -48.40 7.22
C ASP C 486 7.67 -48.67 8.27
N PRO C 487 8.06 -47.64 9.04
CA PRO C 487 9.18 -47.61 9.97
C PRO C 487 8.97 -48.44 11.21
N LEU C 488 7.74 -48.89 11.44
CA LEU C 488 7.41 -49.61 12.67
C LEU C 488 7.56 -51.11 12.52
N GLN C 489 7.28 -51.62 11.33
CA GLN C 489 7.26 -53.07 11.14
C GLN C 489 8.57 -53.76 11.53
N PRO C 490 9.75 -53.19 11.23
CA PRO C 490 11.06 -53.74 11.58
C PRO C 490 11.26 -53.85 13.08
N GLU C 491 10.49 -53.11 13.87
CA GLU C 491 10.63 -53.14 15.32
C GLU C 491 9.81 -54.27 15.89
N LEU C 492 8.65 -54.52 15.30
CA LEU C 492 7.85 -55.66 15.72
C LEU C 492 8.53 -56.97 15.33
N ASP C 493 9.14 -56.97 14.13
CA ASP C 493 9.91 -58.11 13.61
C ASP C 493 11.40 -57.84 13.77
#